data_6X5C
#
_entry.id   6X5C
#
loop_
_entity.id
_entity.type
_entity.pdbx_description
1 polymer 'Envelope glycoprotein gp160'
2 polymer 'Envelope glycoprotein gp41'
3 polymer 'T-cell surface glycoprotein CD4'
4 branched alpha-D-mannopyranose-(1-2)-alpha-D-mannopyranose-(1-3)-beta-D-mannopyranose-(1-4)-2-acetamido-2-deoxy-beta-D-glucopyranose-(1-4)-2-acetamido-2-deoxy-beta-D-glucopyranose
5 branched 2-acetamido-2-deoxy-beta-D-glucopyranose-(1-4)-2-acetamido-2-deoxy-beta-D-glucopyranose
6 non-polymer 2-acetamido-2-deoxy-beta-D-glucopyranose
7 non-polymer "N-(4'-methyl[1,1'-biphenyl]-4-yl)-1-oxa-7-azaspiro[3.5]nonane-7-carboxamide"
#
loop_
_entity_poly.entity_id
_entity_poly.type
_entity_poly.pdbx_seq_one_letter_code
_entity_poly.pdbx_strand_id
1 'polypeptide(L)'
;MDAMKRGLCCVLLLCGAVFVSPSQEIHARFRRGARAAKKWVTVYYGVPVWKEATTTLFCASDAKAYDTEVHNVWATHACV
PTDPNPQEIVLGNVTENFNMWKNNMVEQMHEDIISLWDQSLKPCVKLTPLCVTLNCNNVNTNNTNNSTNATISDWEKMET
GEMKNCSFNVTTSIRDKIKKEYALFYKLDVVPLENKNNINNTNITNYRLINCNTSVITQACPKVSFEPIPIHYCAPAGFA
ILKCNSKTFNGSGPCTNVSTVQCTHGIRPVVSTQLLLNGSLAEEEIVIRSENITDNAKTIIVQLNEAVEINCTRPNNNTR
KSIHIGPGRAFYATGDIIGNIRQAHCNISKARWNETLGQIVAKLEEQFPNKTIIFNHSSGGDPEIVTHSFNCGGEFFYCN
TTPLFNSTWNNTRTDDYPTGGEQNITLQCRIKQIINMWQGVGKAMYAPPIRGQIRCSSNITGLLLTRDGGRDQNGTETFR
PGGGNMRDNWRSELYKYKVVKIEPLGIAPTACKRRVVQRRRRRR
;
A,D,E
2 'polypeptide(L)'
;AVGLGAFILGFLGAAGSTMGAASMALTVQARLLLSGIVQQQNNLLRAPEAQQHMLQLTVWGIKQLQARVLAVERYLRDQQ
LLGIWGCSGKIICCTNVPWNDSWSNKTINEIWDNMTWMQWEKEIDNYTQHIYTLLEVSQIQQEKNEQELLELD
;
B,F,G
3 'polypeptide(L)'
;METDTLLLWVLLLWVPGSTGKKVVLGKKGDTVELTCTASQKKSIQFHWKNSNQIKILGNQGSFLTKGPSKLNDRADSRRS
LWDQGNFPLIIKNLKIEDSDTYICEVEDQKEEVQLLVFGLTANSDTHLLQGQSLTLTLESPPGSSPSVQCRSPRGKNIQG
GKTLSVSQLELQDSGTWTCTVLQNQKKVEFKIDIVVLAGGSGHHHHHH
;
C,I,J
#
# COMPACT_ATOMS: atom_id res chain seq x y z
N LYS A 38 5.04 -24.09 -44.46
CA LYS A 38 4.36 -23.60 -43.26
C LYS A 38 5.21 -22.60 -42.43
N LYS A 39 6.15 -21.88 -43.09
CA LYS A 39 7.02 -20.88 -42.46
C LYS A 39 6.23 -19.61 -42.35
N TRP A 40 5.37 -19.59 -41.36
CA TRP A 40 4.35 -18.57 -41.16
C TRP A 40 4.62 -17.73 -39.92
N VAL A 41 4.09 -16.51 -39.93
CA VAL A 41 4.30 -15.59 -38.84
C VAL A 41 3.64 -16.13 -37.59
N THR A 42 4.38 -16.20 -36.49
CA THR A 42 3.81 -16.65 -35.23
C THR A 42 4.06 -15.59 -34.17
N VAL A 43 3.01 -15.30 -33.40
CA VAL A 43 3.03 -14.25 -32.41
C VAL A 43 3.37 -14.79 -31.02
N TYR A 44 4.32 -14.12 -30.33
CA TYR A 44 4.74 -14.54 -29.01
C TYR A 44 4.80 -13.46 -27.91
N TYR A 45 4.45 -13.85 -26.68
CA TYR A 45 4.72 -13.00 -25.50
C TYR A 45 5.85 -13.49 -24.67
N GLY A 46 6.51 -12.55 -24.01
CA GLY A 46 7.58 -12.92 -23.12
C GLY A 46 8.90 -12.70 -23.80
N VAL A 47 8.87 -11.89 -24.84
CA VAL A 47 10.05 -11.57 -25.61
C VAL A 47 10.82 -10.49 -24.85
N PRO A 48 12.00 -10.78 -24.28
CA PRO A 48 12.76 -9.90 -23.41
C PRO A 48 13.56 -8.91 -24.21
N VAL A 49 12.90 -8.10 -25.00
CA VAL A 49 13.63 -7.18 -25.84
C VAL A 49 13.55 -5.76 -25.34
N TRP A 50 14.75 -5.24 -25.12
CA TRP A 50 14.97 -3.94 -24.53
C TRP A 50 14.92 -2.84 -25.55
N LYS A 51 14.36 -1.73 -25.12
CA LYS A 51 14.37 -0.52 -25.91
C LYS A 51 14.82 0.58 -24.97
N GLU A 52 15.69 1.45 -25.44
CA GLU A 52 16.09 2.55 -24.59
C GLU A 52 14.90 3.46 -24.48
N ALA A 53 14.69 4.01 -23.30
CA ALA A 53 13.54 4.87 -23.09
C ALA A 53 13.84 5.94 -22.09
N THR A 54 13.06 7.00 -22.11
CA THR A 54 13.26 8.04 -21.13
C THR A 54 12.11 8.07 -20.18
N THR A 55 12.37 8.54 -18.98
CA THR A 55 11.34 8.64 -17.97
C THR A 55 11.76 9.62 -16.89
N THR A 56 10.78 10.13 -16.19
CA THR A 56 11.02 11.03 -15.09
C THR A 56 11.46 10.26 -13.85
N LEU A 57 12.74 9.95 -13.80
CA LEU A 57 13.30 9.15 -12.71
C LEU A 57 13.16 9.93 -11.43
N PHE A 58 13.04 9.23 -10.30
CA PHE A 58 12.91 9.92 -9.04
C PHE A 58 14.17 9.67 -8.24
N CYS A 59 14.50 10.54 -7.26
CA CYS A 59 15.70 10.40 -6.43
C CYS A 59 15.37 9.82 -5.05
N ALA A 60 16.39 9.20 -4.47
CA ALA A 60 16.33 8.65 -3.13
C ALA A 60 17.65 8.87 -2.42
N SER A 61 17.57 9.12 -1.12
CA SER A 61 18.79 9.33 -0.34
C SER A 61 18.57 9.08 1.13
N ASP A 62 19.64 8.92 1.88
CA ASP A 62 19.51 8.77 3.32
C ASP A 62 19.47 10.15 3.96
N ALA A 63 18.38 10.85 3.70
CA ALA A 63 18.17 12.20 4.17
C ALA A 63 17.71 12.19 5.62
N LYS A 64 18.07 13.21 6.39
CA LYS A 64 17.69 13.23 7.81
C LYS A 64 16.59 14.21 8.29
N ALA A 65 16.49 15.41 7.71
CA ALA A 65 15.49 16.44 8.10
C ALA A 65 15.64 17.06 9.48
N TYR A 66 16.73 16.82 10.17
CA TYR A 66 16.90 17.46 11.47
C TYR A 66 18.25 18.14 11.69
N ASP A 67 19.16 18.02 10.74
CA ASP A 67 20.49 18.54 10.93
C ASP A 67 20.84 19.89 10.30
N THR A 68 19.85 20.56 9.68
CA THR A 68 19.89 21.91 9.05
C THR A 68 20.78 22.06 7.81
N GLU A 69 21.59 21.05 7.53
CA GLU A 69 22.52 21.03 6.43
C GLU A 69 21.71 21.07 5.15
N VAL A 70 22.24 21.70 4.10
CA VAL A 70 21.47 21.80 2.87
C VAL A 70 20.94 20.53 2.25
N HIS A 71 21.70 19.47 2.18
CA HIS A 71 21.23 18.35 1.42
C HIS A 71 20.14 17.59 2.15
N ASN A 72 20.17 17.64 3.46
CA ASN A 72 19.21 16.90 4.25
C ASN A 72 18.00 17.71 4.64
N VAL A 73 17.85 18.91 4.04
CA VAL A 73 16.66 19.71 4.29
C VAL A 73 16.01 19.95 2.94
N TRP A 74 16.67 19.39 1.93
CA TRP A 74 16.27 19.46 0.55
C TRP A 74 15.76 18.12 0.11
N ALA A 75 16.61 17.12 0.31
CA ALA A 75 16.37 15.75 -0.08
C ALA A 75 15.21 15.16 0.67
N THR A 76 14.82 15.79 1.77
CA THR A 76 13.72 15.34 2.58
C THR A 76 12.38 15.66 1.97
N HIS A 77 12.36 16.51 0.95
CA HIS A 77 11.11 16.86 0.31
C HIS A 77 11.22 16.47 -1.14
N ALA A 78 12.46 16.41 -1.60
CA ALA A 78 12.73 16.09 -3.00
C ALA A 78 12.91 14.59 -3.32
N CYS A 79 13.50 13.80 -2.37
CA CYS A 79 13.91 12.41 -2.53
C CYS A 79 13.23 11.51 -1.50
N VAL A 80 13.12 10.25 -1.83
CA VAL A 80 12.53 9.27 -0.93
C VAL A 80 13.66 8.51 -0.20
N PRO A 81 13.37 7.65 0.79
CA PRO A 81 14.33 6.82 1.48
C PRO A 81 15.00 5.91 0.49
N THR A 82 16.15 5.40 0.84
CA THR A 82 16.93 4.62 -0.09
C THR A 82 16.35 3.27 -0.40
N ASP A 83 16.85 2.66 -1.48
CA ASP A 83 16.34 1.32 -1.84
C ASP A 83 16.64 0.31 -0.72
N PRO A 84 15.64 -0.27 -0.03
CA PRO A 84 15.81 -1.18 1.08
C PRO A 84 16.36 -2.55 0.67
N ASN A 85 16.30 -2.87 -0.62
CA ASN A 85 16.74 -4.20 -1.03
C ASN A 85 17.23 -4.28 -2.48
N PRO A 86 18.42 -3.76 -2.80
CA PRO A 86 19.00 -3.74 -4.13
C PRO A 86 19.09 -5.18 -4.66
N GLN A 87 18.85 -5.39 -5.96
CA GLN A 87 18.90 -6.77 -6.50
C GLN A 87 20.09 -7.21 -7.35
N GLU A 88 20.73 -6.31 -8.09
CA GLU A 88 21.87 -6.68 -8.95
C GLU A 88 21.64 -7.93 -9.80
N ILE A 89 20.63 -7.95 -10.64
CA ILE A 89 20.38 -9.17 -11.38
C ILE A 89 21.20 -9.21 -12.65
N VAL A 90 22.07 -10.20 -12.81
CA VAL A 90 22.90 -10.23 -14.01
C VAL A 90 22.13 -10.86 -15.13
N LEU A 91 22.09 -10.19 -16.28
CA LEU A 91 21.31 -10.66 -17.40
C LEU A 91 22.14 -11.60 -18.26
N GLY A 92 22.51 -12.72 -17.68
CA GLY A 92 23.26 -13.71 -18.42
C GLY A 92 24.53 -13.10 -18.98
N ASN A 93 24.69 -13.29 -20.28
CA ASN A 93 25.81 -12.80 -21.06
C ASN A 93 25.31 -11.87 -22.17
N VAL A 94 24.21 -11.16 -21.91
CA VAL A 94 23.70 -10.27 -22.93
C VAL A 94 24.66 -9.13 -23.13
N THR A 95 24.99 -8.86 -24.39
CA THR A 95 25.89 -7.78 -24.72
C THR A 95 25.05 -6.57 -25.13
N GLU A 96 25.29 -5.45 -24.47
CA GLU A 96 24.50 -4.23 -24.67
C GLU A 96 25.35 -3.02 -25.00
N ASN A 97 24.96 -2.25 -26.00
CA ASN A 97 25.72 -1.05 -26.33
C ASN A 97 25.39 0.15 -25.46
N PHE A 98 26.44 0.74 -24.90
CA PHE A 98 26.35 1.91 -24.06
C PHE A 98 27.00 3.11 -24.75
N ASN A 99 26.58 4.30 -24.39
CA ASN A 99 27.21 5.52 -24.86
C ASN A 99 27.04 6.58 -23.80
N MET A 100 28.08 6.82 -23.03
CA MET A 100 27.96 7.72 -21.89
C MET A 100 27.75 9.17 -22.29
N TRP A 101 28.01 9.53 -23.53
CA TRP A 101 27.88 10.92 -23.92
C TRP A 101 26.54 11.23 -24.57
N LYS A 102 25.70 10.22 -24.71
CA LYS A 102 24.41 10.40 -25.33
C LYS A 102 23.30 10.05 -24.36
N ASN A 103 23.68 9.90 -23.09
CA ASN A 103 22.79 9.49 -22.02
C ASN A 103 21.83 10.63 -21.62
N ASN A 104 20.69 10.25 -21.07
CA ASN A 104 19.67 11.19 -20.61
C ASN A 104 19.60 11.34 -19.10
N MET A 105 20.25 10.42 -18.36
CA MET A 105 20.21 10.45 -16.90
C MET A 105 20.95 11.66 -16.38
N VAL A 106 21.77 12.20 -17.27
CA VAL A 106 22.60 13.35 -17.09
C VAL A 106 21.72 14.57 -16.97
N GLU A 107 20.67 14.65 -17.79
CA GLU A 107 19.81 15.81 -17.76
C GLU A 107 18.99 15.77 -16.52
N GLN A 108 18.62 14.56 -16.10
CA GLN A 108 17.85 14.49 -14.88
C GLN A 108 18.71 14.95 -13.72
N MET A 109 19.98 14.52 -13.71
CA MET A 109 20.86 14.93 -12.64
C MET A 109 21.09 16.42 -12.68
N HIS A 110 21.21 17.00 -13.88
CA HIS A 110 21.43 18.42 -14.01
C HIS A 110 20.31 19.22 -13.40
N GLU A 111 19.08 18.87 -13.75
CA GLU A 111 17.96 19.67 -13.29
C GLU A 111 17.79 19.59 -11.78
N ASP A 112 18.03 18.42 -11.19
CA ASP A 112 17.86 18.33 -9.77
C ASP A 112 18.94 19.06 -9.01
N ILE A 113 20.18 19.02 -9.51
CA ILE A 113 21.24 19.71 -8.81
C ILE A 113 21.06 21.22 -8.93
N ILE A 114 20.69 21.74 -10.11
CA ILE A 114 20.55 23.19 -10.13
C ILE A 114 19.39 23.62 -9.23
N SER A 115 18.36 22.78 -9.07
CA SER A 115 17.29 23.13 -8.17
C SER A 115 17.82 23.15 -6.74
N LEU A 116 18.65 22.17 -6.39
CA LEU A 116 19.25 22.08 -5.07
C LEU A 116 20.06 23.30 -4.76
N TRP A 117 20.89 23.73 -5.68
CA TRP A 117 21.71 24.88 -5.45
C TRP A 117 20.93 26.18 -5.36
N ASP A 118 19.95 26.38 -6.24
CA ASP A 118 19.20 27.63 -6.25
C ASP A 118 18.36 27.79 -5.00
N GLN A 119 17.93 26.65 -4.46
CA GLN A 119 17.10 26.55 -3.29
C GLN A 119 17.89 26.54 -1.98
N SER A 120 19.22 26.66 -2.05
CA SER A 120 20.04 26.62 -0.85
C SER A 120 21.15 27.65 -0.81
N LEU A 121 22.11 27.52 -1.72
CA LEU A 121 23.25 28.40 -1.73
C LEU A 121 22.90 29.62 -2.52
N LYS A 122 22.05 30.42 -1.91
CA LYS A 122 21.55 31.60 -2.53
C LYS A 122 22.58 32.70 -2.50
N PRO A 123 22.90 33.32 -3.64
CA PRO A 123 23.79 34.44 -3.73
C PRO A 123 23.06 35.65 -3.24
N CYS A 124 23.82 36.64 -2.76
CA CYS A 124 23.33 37.95 -2.33
C CYS A 124 22.93 38.75 -3.55
N VAL A 125 23.75 38.63 -4.60
CA VAL A 125 23.44 39.30 -5.85
C VAL A 125 23.49 38.30 -6.99
N LYS A 126 22.43 38.21 -7.78
CA LYS A 126 22.41 37.29 -8.91
C LYS A 126 22.25 38.06 -10.20
N LEU A 127 23.15 37.80 -11.14
CA LEU A 127 23.14 38.51 -12.39
C LEU A 127 22.93 37.59 -13.57
N THR A 128 21.82 37.79 -14.26
CA THR A 128 21.43 36.99 -15.41
C THR A 128 21.40 37.89 -16.65
N PRO A 129 21.98 37.48 -17.80
CA PRO A 129 21.94 38.22 -19.05
C PRO A 129 20.48 38.43 -19.49
N LEU A 130 20.18 39.59 -20.12
CA LEU A 130 18.84 39.97 -20.60
C LEU A 130 18.99 40.64 -21.96
N ASN A 213 21.58 44.08 -22.36
CA ASN A 213 20.86 44.40 -21.14
C ASN A 213 21.03 43.21 -20.16
N THR A 214 20.78 43.47 -18.85
CA THR A 214 20.89 42.51 -17.74
C THR A 214 19.69 42.55 -16.81
N SER A 215 19.54 41.49 -16.03
CA SER A 215 18.53 41.37 -15.00
C SER A 215 19.20 41.01 -13.69
N VAL A 216 19.16 41.93 -12.74
CA VAL A 216 19.85 41.70 -11.48
C VAL A 216 18.92 41.78 -10.30
N ILE A 217 18.98 40.74 -9.47
CA ILE A 217 18.16 40.67 -8.28
C ILE A 217 18.99 40.44 -7.06
N THR A 218 18.44 40.74 -5.88
CA THR A 218 19.19 40.49 -4.66
C THR A 218 18.39 39.64 -3.67
N GLN A 219 19.12 38.98 -2.78
CA GLN A 219 18.54 38.10 -1.75
C GLN A 219 19.22 38.25 -0.40
N ALA A 220 18.50 37.90 0.67
CA ALA A 220 19.13 37.79 1.98
C ALA A 220 20.08 36.59 1.93
N CYS A 221 21.21 36.59 2.68
CA CYS A 221 22.21 35.50 2.68
C CYS A 221 22.53 34.85 4.04
N PRO A 222 21.66 34.01 4.57
CA PRO A 222 21.98 33.22 5.73
C PRO A 222 23.09 32.33 5.22
N LYS A 223 24.06 31.97 6.02
CA LYS A 223 25.04 31.04 5.52
C LYS A 223 24.56 29.66 5.87
N VAL A 224 24.86 28.68 5.04
CA VAL A 224 24.46 27.33 5.35
C VAL A 224 25.61 26.37 5.18
N SER A 225 25.55 25.24 5.89
CA SER A 225 26.52 24.19 5.73
C SER A 225 26.29 23.51 4.41
N PHE A 226 27.36 23.13 3.74
CA PHE A 226 27.21 22.46 2.47
C PHE A 226 28.18 21.30 2.29
N GLU A 227 27.60 20.10 2.39
CA GLU A 227 28.29 18.83 2.28
C GLU A 227 27.51 17.80 1.44
N PRO A 228 27.80 17.65 0.14
CA PRO A 228 27.13 16.76 -0.79
C PRO A 228 27.08 15.33 -0.26
N ILE A 229 25.91 14.69 -0.42
CA ILE A 229 25.64 13.34 0.07
C ILE A 229 25.31 12.53 -1.16
N PRO A 230 25.51 11.21 -1.19
CA PRO A 230 25.16 10.41 -2.34
C PRO A 230 23.67 10.41 -2.54
N ILE A 231 23.23 10.63 -3.76
CA ILE A 231 21.82 10.56 -4.11
C ILE A 231 21.66 9.59 -5.26
N HIS A 232 20.72 8.67 -5.15
CA HIS A 232 20.51 7.72 -6.24
C HIS A 232 19.22 7.93 -6.98
N TYR A 233 19.27 7.60 -8.26
CA TYR A 233 18.09 7.72 -9.10
C TYR A 233 17.48 6.37 -9.27
N CYS A 234 16.14 6.32 -9.25
CA CYS A 234 15.33 5.11 -9.30
C CYS A 234 14.28 5.16 -10.40
N ALA A 235 14.09 4.00 -11.03
CA ALA A 235 13.11 3.82 -12.07
C ALA A 235 11.66 3.85 -11.54
N PRO A 236 10.73 4.55 -12.20
CA PRO A 236 9.31 4.54 -11.99
C PRO A 236 8.81 3.18 -12.39
N ALA A 237 7.66 2.78 -11.89
CA ALA A 237 7.13 1.49 -12.25
C ALA A 237 7.01 1.34 -13.77
N GLY A 238 7.41 0.17 -14.25
CA GLY A 238 7.42 -0.23 -15.64
C GLY A 238 8.80 -0.08 -16.26
N PHE A 239 9.72 0.57 -15.56
CA PHE A 239 11.08 0.79 -16.04
C PHE A 239 12.16 0.14 -15.18
N ALA A 240 13.33 -0.06 -15.78
CA ALA A 240 14.46 -0.55 -15.02
C ALA A 240 15.72 0.04 -15.58
N ILE A 241 16.78 0.06 -14.77
CA ILE A 241 18.03 0.62 -15.20
C ILE A 241 19.05 -0.49 -15.40
N LEU A 242 19.63 -0.53 -16.58
CA LEU A 242 20.64 -1.53 -16.86
C LEU A 242 21.94 -0.90 -16.51
N LYS A 243 22.86 -1.68 -15.99
CA LYS A 243 24.15 -1.10 -15.78
C LYS A 243 25.26 -2.01 -16.28
N CYS A 244 26.36 -1.38 -16.74
CA CYS A 244 27.56 -2.03 -17.24
C CYS A 244 28.56 -2.23 -16.12
N ASN A 245 28.94 -3.47 -15.93
CA ASN A 245 29.87 -3.88 -14.89
C ASN A 245 31.25 -4.18 -15.48
N SER A 246 31.48 -3.76 -16.70
CA SER A 246 32.75 -3.99 -17.37
C SER A 246 33.89 -3.24 -16.71
N LYS A 247 35.04 -3.90 -16.66
CA LYS A 247 36.24 -3.32 -16.07
C LYS A 247 37.05 -2.63 -17.16
N THR A 248 36.57 -2.78 -18.38
CA THR A 248 37.15 -2.26 -19.59
C THR A 248 36.02 -1.57 -20.31
N PHE A 249 35.39 -0.64 -19.61
CA PHE A 249 34.21 0.08 -20.10
C PHE A 249 34.43 0.77 -21.46
N ASN A 250 35.61 1.43 -21.65
CA ASN A 250 36.01 2.18 -22.86
C ASN A 250 35.33 3.56 -22.93
N GLY A 251 33.98 3.59 -22.89
CA GLY A 251 33.19 4.84 -22.94
C GLY A 251 31.90 4.62 -23.70
N SER A 252 32.00 3.75 -24.67
CA SER A 252 30.90 3.40 -25.52
C SER A 252 31.14 2.04 -26.16
N GLY A 253 30.09 1.50 -26.77
CA GLY A 253 30.21 0.24 -27.47
C GLY A 253 29.70 -0.88 -26.60
N PRO A 254 29.81 -2.14 -27.04
CA PRO A 254 29.25 -3.29 -26.39
C PRO A 254 29.88 -3.56 -25.03
N CYS A 255 29.03 -3.83 -24.03
CA CYS A 255 29.35 -4.20 -22.67
C CYS A 255 28.97 -5.64 -22.50
N THR A 256 29.89 -6.46 -22.03
CA THR A 256 29.64 -7.88 -21.88
C THR A 256 29.17 -8.40 -20.50
N ASN A 257 28.98 -7.49 -19.51
CA ASN A 257 28.50 -7.79 -18.17
C ASN A 257 27.43 -6.74 -17.81
N VAL A 258 26.14 -7.09 -18.00
CA VAL A 258 25.01 -6.19 -17.80
C VAL A 258 24.10 -6.74 -16.72
N SER A 259 23.76 -5.88 -15.76
CA SER A 259 22.84 -6.27 -14.70
C SER A 259 21.72 -5.26 -14.57
N THR A 260 20.62 -5.66 -13.96
CA THR A 260 19.51 -4.75 -13.79
C THR A 260 19.22 -4.44 -12.34
N VAL A 261 19.03 -3.16 -12.13
CA VAL A 261 18.71 -2.61 -10.85
C VAL A 261 17.54 -1.66 -10.96
N GLN A 262 16.91 -1.36 -9.84
CA GLN A 262 15.94 -0.29 -9.90
C GLN A 262 16.59 1.09 -9.76
N CYS A 263 17.65 1.19 -8.91
CA CYS A 263 18.31 2.44 -8.53
C CYS A 263 19.83 2.40 -8.76
N THR A 264 20.41 3.58 -8.93
CA THR A 264 21.86 3.76 -9.05
C THR A 264 22.48 3.62 -7.66
N HIS A 265 23.80 3.54 -7.55
CA HIS A 265 24.48 3.35 -6.26
C HIS A 265 24.52 4.57 -5.34
N GLY A 266 24.31 5.74 -5.91
CA GLY A 266 24.35 7.01 -5.21
C GLY A 266 25.57 7.83 -5.57
N ILE A 267 25.32 8.98 -6.16
CA ILE A 267 26.35 9.89 -6.63
C ILE A 267 26.28 11.20 -5.87
N ARG A 268 27.38 11.63 -5.28
CA ARG A 268 27.37 12.89 -4.57
C ARG A 268 27.37 14.02 -5.57
N PRO A 269 26.54 15.06 -5.41
CA PRO A 269 26.48 16.23 -6.29
C PRO A 269 27.61 17.21 -6.00
N VAL A 270 28.83 16.77 -6.26
CA VAL A 270 30.04 17.55 -6.01
C VAL A 270 30.41 18.30 -7.27
N VAL A 271 30.55 19.60 -7.19
CA VAL A 271 30.86 20.33 -8.41
C VAL A 271 32.21 19.98 -9.01
N SER A 272 33.28 19.92 -8.20
CA SER A 272 34.63 19.49 -8.66
C SER A 272 35.39 20.42 -9.62
N THR A 273 34.78 20.65 -10.77
CA THR A 273 35.19 21.55 -11.84
C THR A 273 36.47 21.22 -12.62
N GLN A 274 37.62 21.01 -11.97
CA GLN A 274 38.85 20.73 -12.76
C GLN A 274 39.27 19.27 -12.61
N LEU A 275 39.36 18.83 -11.37
CA LEU A 275 39.73 17.47 -11.07
C LEU A 275 38.48 16.94 -10.41
N LEU A 276 38.20 15.67 -10.57
CA LEU A 276 36.98 15.11 -10.06
C LEU A 276 37.13 14.60 -8.67
N LEU A 277 36.31 15.14 -7.78
CA LEU A 277 36.34 14.78 -6.37
C LEU A 277 35.15 13.94 -5.93
N ASN A 278 35.43 13.04 -4.96
CA ASN A 278 34.52 12.17 -4.21
C ASN A 278 33.62 11.28 -5.11
N GLY A 279 34.16 10.73 -6.21
CA GLY A 279 33.48 9.84 -7.15
C GLY A 279 33.92 8.41 -6.88
N SER A 280 33.75 7.57 -7.87
CA SER A 280 34.10 6.17 -7.75
C SER A 280 35.44 5.89 -8.39
N LEU A 281 35.99 4.75 -8.08
CA LEU A 281 37.25 4.33 -8.67
C LEU A 281 37.08 3.24 -9.70
N ALA A 282 38.06 3.16 -10.59
CA ALA A 282 38.16 2.21 -11.68
C ALA A 282 38.68 0.87 -11.20
N GLU A 283 39.06 0.83 -9.93
CA GLU A 283 39.56 -0.33 -9.18
C GLU A 283 40.92 -0.89 -9.59
N GLU A 284 41.06 -1.33 -10.83
CA GLU A 284 42.31 -1.95 -11.23
C GLU A 284 43.19 -1.14 -12.17
N GLU A 285 42.58 -0.42 -13.09
CA GLU A 285 43.32 0.29 -14.12
C GLU A 285 42.70 1.65 -14.32
N ILE A 286 43.49 2.59 -14.80
CA ILE A 286 42.92 3.89 -15.05
C ILE A 286 42.22 3.85 -16.39
N VAL A 287 40.97 4.22 -16.40
CA VAL A 287 40.21 4.14 -17.64
C VAL A 287 40.08 5.51 -18.26
N ILE A 288 40.49 5.59 -19.52
CA ILE A 288 40.45 6.84 -20.25
C ILE A 288 39.25 6.82 -21.18
N ARG A 289 38.29 7.69 -20.91
CA ARG A 289 37.06 7.69 -21.69
C ARG A 289 36.87 8.98 -22.47
N SER A 290 36.63 8.86 -23.77
CA SER A 290 36.40 10.06 -24.59
C SER A 290 35.47 9.75 -25.73
N GLU A 291 34.58 10.67 -26.07
CA GLU A 291 33.66 10.44 -27.20
C GLU A 291 34.45 10.17 -28.51
N ASN A 292 35.53 10.95 -28.73
CA ASN A 292 36.50 10.86 -29.83
C ASN A 292 37.87 11.21 -29.25
N ILE A 293 38.65 10.18 -28.89
CA ILE A 293 39.93 10.29 -28.19
C ILE A 293 40.98 11.02 -29.03
N THR A 294 40.76 11.13 -30.34
CA THR A 294 41.71 11.81 -31.19
C THR A 294 41.18 13.13 -31.74
N ASP A 295 40.01 13.65 -31.30
CA ASP A 295 39.57 14.88 -31.99
C ASP A 295 40.18 16.15 -31.43
N ASN A 296 40.90 16.04 -30.32
CA ASN A 296 41.55 17.15 -29.68
C ASN A 296 40.57 18.30 -29.45
N ALA A 297 39.37 17.97 -29.04
CA ALA A 297 38.34 18.95 -28.77
C ALA A 297 37.56 18.57 -27.55
N LYS A 298 37.20 17.29 -27.44
CA LYS A 298 36.40 16.89 -26.31
C LYS A 298 37.26 16.58 -25.10
N THR A 299 36.67 16.79 -23.92
CA THR A 299 37.31 16.51 -22.65
C THR A 299 37.41 15.02 -22.44
N ILE A 300 38.57 14.60 -21.99
CA ILE A 300 38.86 13.23 -21.67
C ILE A 300 38.60 13.02 -20.21
N ILE A 301 37.80 12.03 -19.89
CA ILE A 301 37.50 11.75 -18.52
C ILE A 301 38.38 10.62 -18.03
N VAL A 302 39.15 10.92 -17.02
CA VAL A 302 40.05 9.95 -16.47
C VAL A 302 39.53 9.43 -15.15
N GLN A 303 39.26 8.12 -15.08
CA GLN A 303 38.78 7.53 -13.84
C GLN A 303 39.92 6.78 -13.20
N LEU A 304 40.31 7.20 -12.02
CA LEU A 304 41.46 6.63 -11.36
C LEU A 304 41.14 5.35 -10.65
N ASN A 305 42.15 4.49 -10.51
CA ASN A 305 42.08 3.24 -9.77
C ASN A 305 42.54 3.38 -8.32
N GLU A 306 42.80 4.63 -7.92
CA GLU A 306 43.23 4.97 -6.57
C GLU A 306 42.77 6.39 -6.28
N ALA A 307 42.31 6.67 -5.07
CA ALA A 307 41.95 8.04 -4.75
C ALA A 307 43.14 8.78 -4.18
N VAL A 308 43.28 10.05 -4.55
CA VAL A 308 44.36 10.86 -3.99
C VAL A 308 43.79 11.69 -2.86
N GLU A 309 44.37 11.60 -1.68
CA GLU A 309 43.82 12.40 -0.59
C GLU A 309 44.35 13.82 -0.65
N ILE A 310 43.44 14.79 -0.55
CA ILE A 310 43.80 16.21 -0.53
C ILE A 310 43.30 16.83 0.78
N ASN A 311 44.18 17.50 1.55
CA ASN A 311 43.82 18.14 2.83
C ASN A 311 43.96 19.67 2.73
N CYS A 312 42.80 20.37 2.66
CA CYS A 312 42.67 21.82 2.44
C CYS A 312 42.26 22.56 3.71
N THR A 313 43.10 23.48 4.15
CA THR A 313 42.80 24.17 5.40
C THR A 313 42.97 25.68 5.37
N ARG A 314 42.04 26.36 6.03
CA ARG A 314 42.10 27.78 6.33
C ARG A 314 42.09 27.97 7.84
N PRO A 315 43.28 28.01 8.50
CA PRO A 315 43.48 28.07 9.94
C PRO A 315 42.85 29.29 10.59
N ASN A 316 42.44 29.16 11.86
CA ASN A 316 41.84 30.32 12.53
C ASN A 316 42.88 31.26 13.12
N ASN A 317 43.66 31.83 12.22
CA ASN A 317 44.66 32.81 12.54
C ASN A 317 44.73 33.70 11.32
N ASN A 318 43.97 33.30 10.32
CA ASN A 318 43.84 34.09 9.12
C ASN A 318 42.71 35.06 9.33
N THR A 319 42.97 36.03 10.19
CA THR A 319 42.00 37.02 10.62
C THR A 319 42.34 38.40 10.13
N ARG A 320 43.44 38.52 9.39
CA ARG A 320 43.91 39.79 8.86
C ARG A 320 43.17 40.19 7.61
N LYS A 321 43.09 41.48 7.38
CA LYS A 321 42.50 42.03 6.17
C LYS A 321 43.58 42.89 5.50
N SER A 322 43.48 43.08 4.16
CA SER A 322 44.39 43.92 3.37
C SER A 322 44.09 45.42 3.60
N ASN A 340 45.74 36.30 5.49
CA ASN A 340 44.53 37.09 5.57
C ASN A 340 43.31 36.15 5.49
N ILE A 341 42.10 36.72 5.69
CA ILE A 341 40.80 36.02 5.73
C ILE A 341 40.37 35.24 4.47
N ARG A 342 41.00 35.50 3.33
CA ARG A 342 40.64 34.77 2.11
C ARG A 342 41.67 33.75 1.68
N GLN A 343 42.72 33.54 2.48
CA GLN A 343 43.74 32.59 2.09
C GLN A 343 43.53 31.21 2.66
N ALA A 344 43.90 30.20 1.90
CA ALA A 344 43.83 28.81 2.30
C ALA A 344 44.89 28.01 1.58
N HIS A 345 45.27 26.85 2.13
CA HIS A 345 46.26 26.01 1.43
C HIS A 345 45.87 24.53 1.40
N CYS A 346 46.23 23.82 0.29
CA CYS A 346 45.95 22.37 0.13
C CYS A 346 47.21 21.56 -0.02
N ASN A 347 47.27 20.48 0.75
CA ASN A 347 48.41 19.57 0.76
C ASN A 347 48.10 18.24 0.04
N ILE A 348 48.95 17.93 -0.97
CA ILE A 348 48.91 16.74 -1.84
C ILE A 348 50.11 15.83 -1.59
N SER A 349 49.86 14.55 -1.40
CA SER A 349 50.98 13.65 -1.18
C SER A 349 51.70 13.47 -2.50
N LYS A 350 53.00 13.77 -2.51
CA LYS A 350 53.80 13.71 -3.71
C LYS A 350 53.90 12.32 -4.27
N ALA A 351 54.06 11.32 -3.41
CA ALA A 351 54.18 9.98 -3.95
C ALA A 351 52.92 9.58 -4.67
N ARG A 352 51.76 9.93 -4.11
CA ARG A 352 50.54 9.52 -4.77
C ARG A 352 50.36 10.28 -6.05
N TRP A 353 50.69 11.56 -6.05
CA TRP A 353 50.50 12.35 -7.23
C TRP A 353 51.37 11.89 -8.39
N ASN A 354 52.65 11.66 -8.11
CA ASN A 354 53.55 11.27 -9.17
C ASN A 354 53.25 9.88 -9.68
N GLU A 355 52.84 8.97 -8.80
CA GLU A 355 52.52 7.63 -9.25
C GLU A 355 51.27 7.67 -10.11
N THR A 356 50.31 8.51 -9.74
CA THR A 356 49.08 8.64 -10.50
C THR A 356 49.36 9.17 -11.88
N LEU A 357 50.16 10.23 -11.99
CA LEU A 357 50.42 10.72 -13.32
C LEU A 357 51.24 9.73 -14.11
N GLY A 358 52.17 9.02 -13.48
CA GLY A 358 52.95 8.05 -14.22
C GLY A 358 52.04 7.01 -14.86
N GLN A 359 51.02 6.55 -14.12
CA GLN A 359 50.11 5.57 -14.70
C GLN A 359 49.28 6.17 -15.84
N ILE A 360 48.85 7.43 -15.68
CA ILE A 360 48.03 8.06 -16.72
C ILE A 360 48.83 8.22 -17.99
N VAL A 361 50.06 8.70 -17.87
CA VAL A 361 50.91 8.91 -19.01
C VAL A 361 51.19 7.60 -19.69
N ALA A 362 51.44 6.55 -18.91
CA ALA A 362 51.72 5.27 -19.52
C ALA A 362 50.57 4.86 -20.43
N LYS A 363 49.33 5.19 -20.05
CA LYS A 363 48.20 4.85 -20.91
C LYS A 363 48.08 5.84 -22.09
N LEU A 364 48.41 7.12 -21.87
CA LEU A 364 48.30 8.10 -22.95
C LEU A 364 49.24 7.72 -24.07
N GLU A 365 50.40 7.20 -23.71
CA GLU A 365 51.42 6.77 -24.66
C GLU A 365 51.00 5.55 -25.49
N GLU A 366 50.02 4.78 -25.02
CA GLU A 366 49.57 3.63 -25.78
C GLU A 366 48.66 4.14 -26.87
N GLN A 367 47.83 5.11 -26.49
CA GLN A 367 46.90 5.76 -27.42
C GLN A 367 47.63 6.62 -28.44
N PHE A 368 48.70 7.26 -28.00
CA PHE A 368 49.45 8.15 -28.86
C PHE A 368 50.96 7.81 -28.87
N PRO A 369 51.45 6.68 -29.52
CA PRO A 369 52.84 6.20 -29.54
C PRO A 369 53.87 7.31 -29.84
N PHE A 375 52.27 17.62 -20.63
CA PHE A 375 52.89 17.88 -19.35
C PHE A 375 52.83 19.40 -19.04
N ASN A 376 51.61 20.02 -19.05
CA ASN A 376 51.42 21.46 -18.86
C ASN A 376 50.12 21.74 -18.07
N HIS A 377 49.94 23.01 -17.66
CA HIS A 377 48.81 23.53 -16.91
C HIS A 377 47.80 24.23 -17.80
N SER A 378 46.71 24.71 -17.22
CA SER A 378 45.67 25.34 -18.00
C SER A 378 46.15 26.52 -18.79
N SER A 379 45.58 26.62 -19.99
CA SER A 379 45.82 27.66 -20.97
C SER A 379 45.24 29.02 -20.58
N GLY A 380 44.29 29.02 -19.65
CA GLY A 380 43.66 30.27 -19.28
C GLY A 380 42.19 30.29 -19.63
N GLY A 381 41.48 31.26 -19.06
CA GLY A 381 40.05 31.37 -19.24
C GLY A 381 39.44 31.75 -17.91
N ASP A 382 38.15 31.55 -17.77
CA ASP A 382 37.46 31.89 -16.55
C ASP A 382 38.19 31.19 -15.40
N PRO A 383 38.34 31.81 -14.22
CA PRO A 383 39.07 31.30 -13.09
C PRO A 383 38.59 29.95 -12.60
N GLU A 384 37.32 29.59 -12.84
CA GLU A 384 36.85 28.29 -12.41
C GLU A 384 37.48 27.15 -13.19
N ILE A 385 37.97 27.44 -14.37
CA ILE A 385 38.54 26.40 -15.20
C ILE A 385 40.01 26.34 -14.94
N VAL A 386 40.59 27.53 -14.81
CA VAL A 386 42.01 27.66 -14.64
C VAL A 386 42.49 27.06 -13.32
N THR A 387 41.77 27.34 -12.24
CA THR A 387 42.11 26.77 -10.96
C THR A 387 41.12 25.70 -10.58
N HIS A 388 41.48 24.91 -9.60
CA HIS A 388 40.61 23.85 -9.17
C HIS A 388 39.60 24.43 -8.24
N SER A 389 38.52 24.95 -8.79
CA SER A 389 37.57 25.56 -7.91
C SER A 389 36.61 24.52 -7.34
N PHE A 390 36.08 24.79 -6.16
CA PHE A 390 35.06 23.94 -5.57
C PHE A 390 34.29 24.63 -4.46
N ASN A 391 33.12 24.10 -4.14
CA ASN A 391 32.40 24.62 -2.98
C ASN A 391 32.48 23.61 -1.84
N CYS A 392 32.91 24.06 -0.64
CA CYS A 392 33.05 23.22 0.55
C CYS A 392 32.76 24.02 1.81
N GLY A 393 31.75 23.60 2.57
CA GLY A 393 31.41 24.31 3.80
C GLY A 393 30.58 25.54 3.49
N GLY A 394 30.22 25.64 2.22
CA GLY A 394 29.47 26.73 1.66
C GLY A 394 30.38 27.76 1.01
N GLU A 395 31.70 27.65 1.23
CA GLU A 395 32.61 28.62 0.64
C GLU A 395 33.19 28.17 -0.67
N PHE A 396 33.52 29.14 -1.52
CA PHE A 396 34.06 28.87 -2.84
C PHE A 396 35.57 29.05 -2.92
N PHE A 397 36.25 27.94 -3.10
CA PHE A 397 37.70 27.84 -3.13
C PHE A 397 38.19 27.83 -4.54
N TYR A 398 39.30 28.49 -4.80
CA TYR A 398 40.01 28.49 -6.08
C TYR A 398 41.48 28.11 -5.90
N CYS A 399 41.87 26.81 -6.14
CA CYS A 399 43.24 26.32 -5.87
C CYS A 399 44.12 26.26 -7.11
N ASN A 400 45.32 26.79 -6.97
CA ASN A 400 46.32 26.85 -8.03
C ASN A 400 47.11 25.53 -8.10
N THR A 401 46.83 24.72 -9.16
CA THR A 401 47.36 23.40 -9.44
C THR A 401 48.59 23.43 -10.33
N THR A 402 49.16 24.61 -10.57
CA THR A 402 50.38 24.68 -11.38
C THR A 402 51.43 23.69 -10.87
N PRO A 403 51.69 23.55 -9.54
CA PRO A 403 52.64 22.61 -8.95
C PRO A 403 52.35 21.15 -9.27
N LEU A 404 51.12 20.85 -9.66
CA LEU A 404 50.74 19.48 -9.95
C LEU A 404 50.85 19.15 -11.43
N PHE A 405 50.60 20.14 -12.30
CA PHE A 405 50.61 19.91 -13.74
C PHE A 405 51.72 20.69 -14.46
N ASN A 406 52.75 19.97 -14.92
CA ASN A 406 53.96 20.51 -15.54
C ASN A 406 54.85 19.33 -15.93
N GLN A 423 57.59 15.67 -0.20
CA GLN A 423 56.19 15.33 0.02
C GLN A 423 55.48 16.62 0.43
N ASN A 424 54.14 16.55 0.69
CA ASN A 424 53.27 17.68 1.12
C ASN A 424 53.36 18.88 0.15
N ILE A 425 52.93 18.67 -1.13
CA ILE A 425 52.92 19.67 -2.21
C ILE A 425 51.84 20.64 -1.82
N THR A 426 52.13 21.92 -1.79
CA THR A 426 51.14 22.85 -1.32
C THR A 426 50.61 23.76 -2.40
N LEU A 427 49.31 23.83 -2.52
CA LEU A 427 48.72 24.70 -3.51
C LEU A 427 48.28 25.95 -2.81
N GLN A 428 48.43 27.08 -3.49
CA GLN A 428 47.88 28.32 -2.97
C GLN A 428 46.43 28.36 -3.38
N CYS A 429 45.52 28.62 -2.42
CA CYS A 429 44.09 28.69 -2.65
C CYS A 429 43.59 30.04 -2.17
N ARG A 430 42.54 30.50 -2.82
CA ARG A 430 41.89 31.73 -2.38
C ARG A 430 40.39 31.50 -2.30
N ILE A 431 39.74 32.20 -1.40
CA ILE A 431 38.31 32.13 -1.27
C ILE A 431 37.69 33.39 -1.82
N LYS A 432 36.76 33.22 -2.74
CA LYS A 432 36.16 34.36 -3.44
C LYS A 432 34.70 34.56 -3.14
N GLN A 433 34.27 35.81 -3.31
CA GLN A 433 32.87 36.18 -3.19
C GLN A 433 32.22 36.28 -4.55
N ILE A 434 33.02 36.50 -5.60
CA ILE A 434 32.44 36.61 -6.93
C ILE A 434 32.75 35.36 -7.72
N ILE A 435 31.69 34.63 -8.06
CA ILE A 435 31.74 33.35 -8.75
C ILE A 435 30.99 33.33 -10.07
N ASN A 436 31.61 32.79 -11.13
CA ASN A 436 30.88 32.64 -12.39
C ASN A 436 30.03 31.40 -12.19
N MET A 437 28.74 31.48 -12.51
CA MET A 437 27.86 30.34 -12.27
C MET A 437 28.08 29.20 -13.25
N TRP A 438 27.90 27.97 -12.77
CA TRP A 438 28.03 26.79 -13.61
C TRP A 438 26.68 26.32 -14.12
N GLN A 439 25.64 26.89 -13.53
CA GLN A 439 24.25 26.55 -13.78
C GLN A 439 23.77 27.10 -15.12
N GLY A 440 24.50 28.07 -15.63
CA GLY A 440 24.16 28.76 -16.85
C GLY A 440 25.01 29.99 -16.91
N VAL A 441 24.85 30.78 -17.95
CA VAL A 441 25.67 31.97 -18.03
C VAL A 441 25.09 33.05 -17.15
N GLY A 442 25.92 33.53 -16.26
CA GLY A 442 25.59 34.57 -15.30
C GLY A 442 26.65 34.56 -14.21
N LYS A 443 26.55 35.55 -13.33
CA LYS A 443 27.48 35.72 -12.22
C LYS A 443 26.76 35.85 -10.91
N ALA A 444 27.44 35.55 -9.82
CA ALA A 444 26.79 35.78 -8.55
C ALA A 444 27.75 36.16 -7.43
N MET A 445 27.25 36.97 -6.50
CA MET A 445 28.01 37.35 -5.32
C MET A 445 27.48 36.61 -4.11
N TYR A 446 28.40 36.05 -3.34
CA TYR A 446 28.12 35.34 -2.12
C TYR A 446 28.66 36.06 -0.92
N ALA A 447 28.03 35.82 0.23
CA ALA A 447 28.42 36.47 1.47
C ALA A 447 29.92 36.24 1.78
N PRO A 448 30.61 37.21 2.46
CA PRO A 448 32.00 37.17 2.90
C PRO A 448 32.31 35.95 3.76
N PRO A 449 33.61 35.55 3.88
CA PRO A 449 34.10 34.37 4.57
C PRO A 449 33.75 34.31 6.05
N ILE A 450 33.61 33.08 6.52
CA ILE A 450 33.32 32.71 7.89
C ILE A 450 34.52 32.84 8.81
N ARG A 451 34.33 33.48 9.95
CA ARG A 451 35.40 33.57 10.93
C ARG A 451 35.52 32.21 11.60
N GLY A 452 36.74 31.69 11.68
CA GLY A 452 36.96 30.38 12.29
C GLY A 452 37.86 29.56 11.41
N GLN A 453 37.95 28.27 11.70
CA GLN A 453 38.83 27.39 10.95
C GLN A 453 38.07 26.39 10.13
N ILE A 454 38.33 26.41 8.84
CA ILE A 454 37.65 25.49 7.93
C ILE A 454 38.59 24.53 7.27
N ARG A 455 38.28 23.26 7.44
CA ARG A 455 39.10 22.21 6.87
C ARG A 455 38.23 21.25 6.04
N CYS A 456 38.67 20.98 4.80
CA CYS A 456 38.03 20.11 3.82
C CYS A 456 39.02 18.99 3.51
N SER A 457 38.51 17.79 3.35
CA SER A 457 39.37 16.66 2.99
C SER A 457 38.65 15.92 1.89
N SER A 458 39.25 15.90 0.72
CA SER A 458 38.58 15.32 -0.44
C SER A 458 39.42 14.26 -1.13
N ASN A 459 38.74 13.35 -1.87
CA ASN A 459 39.33 12.27 -2.66
C ASN A 459 39.32 12.60 -4.15
N ILE A 460 40.51 12.71 -4.82
CA ILE A 460 40.51 12.92 -6.29
C ILE A 460 40.35 11.53 -6.85
N THR A 461 39.27 11.34 -7.56
CA THR A 461 38.92 10.06 -8.12
C THR A 461 39.02 10.14 -9.63
N GLY A 462 39.25 11.34 -10.14
CA GLY A 462 39.39 11.49 -11.57
C GLY A 462 39.89 12.85 -12.01
N LEU A 463 40.11 12.97 -13.30
CA LEU A 463 40.61 14.20 -13.90
C LEU A 463 39.88 14.59 -15.16
N LEU A 464 39.75 15.88 -15.41
CA LEU A 464 39.26 16.31 -16.70
C LEU A 464 40.45 16.83 -17.48
N LEU A 465 40.86 16.10 -18.50
CA LEU A 465 42.05 16.49 -19.26
C LEU A 465 41.70 16.76 -20.71
N THR A 466 42.47 17.62 -21.34
CA THR A 466 42.31 17.84 -22.76
C THR A 466 43.63 17.63 -23.47
N ARG A 467 43.55 17.45 -24.78
CA ARG A 467 44.69 17.25 -25.64
C ARG A 467 44.55 18.13 -26.85
N ASP A 468 45.64 18.77 -27.28
CA ASP A 468 45.58 19.63 -28.46
C ASP A 468 46.03 18.89 -29.74
N GLY A 469 46.00 19.61 -30.89
CA GLY A 469 46.43 19.13 -32.21
C GLY A 469 47.94 19.19 -32.34
N THR A 478 52.36 15.73 -23.07
CA THR A 478 51.75 16.78 -23.86
C THR A 478 50.21 16.79 -23.63
N PHE A 479 49.77 17.19 -22.41
CA PHE A 479 48.37 17.26 -21.96
C PHE A 479 48.14 18.37 -20.94
N ARG A 480 46.88 18.82 -20.82
CA ARG A 480 46.48 19.85 -19.85
C ARG A 480 45.18 19.55 -19.11
N PRO A 481 44.97 20.08 -17.89
CA PRO A 481 43.69 20.12 -17.23
C PRO A 481 42.69 20.97 -18.01
N GLY A 482 41.45 20.49 -18.06
CA GLY A 482 40.29 21.16 -18.65
C GLY A 482 39.34 21.40 -17.49
N GLY A 483 38.04 21.53 -17.72
CA GLY A 483 37.19 21.74 -16.56
C GLY A 483 35.85 22.33 -16.87
N GLY A 484 35.01 22.50 -15.87
CA GLY A 484 33.68 23.08 -16.06
C GLY A 484 32.82 22.07 -16.76
N ASN A 485 31.86 22.54 -17.56
CA ASN A 485 30.96 21.64 -18.26
C ASN A 485 30.44 20.57 -17.32
N MET A 486 29.60 20.95 -16.36
CA MET A 486 29.17 20.01 -15.33
C MET A 486 28.56 18.73 -15.84
N ARG A 487 27.98 18.75 -17.02
CA ARG A 487 27.42 17.53 -17.54
C ARG A 487 28.46 16.42 -17.61
N ASP A 488 29.72 16.78 -17.87
CA ASP A 488 30.77 15.79 -17.95
C ASP A 488 31.09 15.20 -16.60
N ASN A 489 30.90 15.96 -15.53
CA ASN A 489 31.26 15.47 -14.22
C ASN A 489 30.25 14.43 -13.80
N TRP A 490 29.03 14.60 -14.26
CA TRP A 490 28.00 13.65 -13.96
C TRP A 490 28.17 12.41 -14.81
N ARG A 491 28.63 12.58 -16.06
CA ARG A 491 28.87 11.44 -16.95
C ARG A 491 29.92 10.53 -16.35
N SER A 492 30.89 11.13 -15.68
CA SER A 492 31.96 10.36 -15.06
C SER A 492 31.45 9.31 -14.10
N GLU A 493 30.24 9.49 -13.55
CA GLU A 493 29.65 8.53 -12.63
C GLU A 493 28.44 7.80 -13.25
N LEU A 494 27.71 8.47 -14.14
CA LEU A 494 26.51 7.93 -14.75
C LEU A 494 26.76 7.07 -15.97
N TYR A 495 28.01 6.97 -16.41
CA TYR A 495 28.39 6.20 -17.59
C TYR A 495 27.96 4.76 -17.56
N LYS A 496 27.79 4.20 -16.38
CA LYS A 496 27.45 2.81 -16.28
C LYS A 496 25.97 2.57 -16.48
N TYR A 497 25.13 3.60 -16.47
CA TYR A 497 23.70 3.34 -16.46
C TYR A 497 22.87 3.81 -17.65
N LYS A 498 21.86 3.01 -18.01
CA LYS A 498 20.88 3.43 -19.02
C LYS A 498 19.47 2.95 -18.65
N VAL A 499 18.46 3.72 -19.02
CA VAL A 499 17.07 3.34 -18.74
C VAL A 499 16.45 2.62 -19.90
N VAL A 500 15.84 1.48 -19.62
CA VAL A 500 15.16 0.73 -20.67
C VAL A 500 13.76 0.35 -20.27
N LYS A 501 13.00 0.01 -21.29
CA LYS A 501 11.67 -0.52 -21.15
C LYS A 501 11.67 -1.84 -21.89
N ILE A 502 10.73 -2.71 -21.59
CA ILE A 502 10.67 -3.96 -22.33
C ILE A 502 9.42 -4.04 -23.13
N GLU A 503 9.56 -4.43 -24.38
CA GLU A 503 8.42 -4.62 -25.25
C GLU A 503 8.24 -6.13 -25.44
N PRO A 504 7.38 -6.79 -24.64
CA PRO A 504 7.22 -8.24 -24.51
C PRO A 504 6.57 -8.94 -25.69
N LEU A 505 6.01 -8.19 -26.64
CA LEU A 505 5.32 -8.79 -27.77
C LEU A 505 6.20 -8.79 -29.01
N GLY A 506 6.50 -9.98 -29.54
CA GLY A 506 7.35 -10.09 -30.72
C GLY A 506 6.84 -11.16 -31.68
N ILE A 507 7.50 -11.29 -32.83
CA ILE A 507 7.11 -12.26 -33.86
C ILE A 507 8.29 -13.03 -34.44
N ALA A 508 8.05 -14.23 -34.94
CA ALA A 508 9.09 -15.00 -35.62
C ALA A 508 8.41 -16.02 -36.53
N PRO A 509 9.03 -16.49 -37.61
CA PRO A 509 8.50 -17.55 -38.42
C PRO A 509 8.52 -18.84 -37.62
N THR A 510 7.49 -19.66 -37.77
CA THR A 510 7.40 -20.98 -37.15
C THR A 510 6.78 -21.96 -38.13
N ALA A 511 7.19 -23.22 -38.06
CA ALA A 511 6.64 -24.25 -38.94
C ALA A 511 5.33 -24.79 -38.38
N CYS A 512 4.21 -24.06 -38.61
CA CYS A 512 2.90 -24.37 -38.05
C CYS A 512 1.77 -23.79 -38.89
N LYS A 513 0.55 -24.22 -38.59
CA LYS A 513 -0.65 -23.69 -39.19
C LYS A 513 -1.70 -23.38 -38.13
N ARG A 514 -2.57 -22.42 -38.40
CA ARG A 514 -3.66 -22.18 -37.47
C ARG A 514 -4.69 -23.30 -37.63
N ARG A 515 -5.33 -23.72 -36.51
CA ARG A 515 -6.39 -24.74 -36.32
C ARG A 515 -5.83 -25.84 -35.42
N ALA B 1 14.62 -5.83 -13.04
CA ALA B 1 14.64 -5.63 -11.60
C ALA B 1 13.25 -5.25 -11.06
N VAL B 2 13.12 -5.20 -9.71
CA VAL B 2 11.89 -4.81 -9.01
C VAL B 2 11.49 -3.41 -9.43
N GLY B 3 10.23 -3.25 -9.76
CA GLY B 3 9.72 -1.99 -10.25
C GLY B 3 9.44 -2.11 -11.74
N LEU B 4 10.04 -3.12 -12.39
CA LEU B 4 9.86 -3.36 -13.82
C LEU B 4 8.64 -4.20 -14.14
N GLY B 5 8.23 -5.08 -13.23
CA GLY B 5 7.11 -5.95 -13.56
C GLY B 5 6.98 -7.21 -12.70
N ALA B 6 6.20 -8.15 -13.23
CA ALA B 6 5.91 -9.44 -12.61
C ALA B 6 6.09 -10.51 -13.67
N PHE B 7 5.23 -10.45 -14.69
CA PHE B 7 5.31 -11.37 -15.81
C PHE B 7 6.65 -11.26 -16.47
N ILE B 8 7.05 -10.04 -16.78
CA ILE B 8 8.29 -9.93 -17.49
C ILE B 8 9.48 -10.34 -16.65
N LEU B 9 9.45 -10.17 -15.34
CA LEU B 9 10.63 -10.57 -14.60
C LEU B 9 10.80 -12.07 -14.67
N GLY B 10 9.69 -12.82 -14.61
CA GLY B 10 9.79 -14.26 -14.70
C GLY B 10 10.39 -14.69 -16.06
N PHE B 11 10.07 -13.89 -17.08
CA PHE B 11 10.52 -14.10 -18.45
C PHE B 11 11.75 -13.30 -18.84
N LEU B 12 12.40 -12.61 -17.90
CA LEU B 12 13.57 -11.81 -18.22
C LEU B 12 14.88 -12.54 -17.98
N GLY B 13 14.86 -13.57 -17.15
CA GLY B 13 16.10 -14.26 -16.88
C GLY B 13 16.53 -14.97 -18.15
N ALA B 14 17.83 -15.20 -18.28
CA ALA B 14 18.36 -15.86 -19.46
C ALA B 14 17.93 -15.11 -20.73
N ALA B 15 17.98 -13.77 -20.67
CA ALA B 15 17.61 -12.91 -21.79
C ALA B 15 18.54 -13.12 -22.98
N GLY B 16 19.75 -13.61 -22.70
CA GLY B 16 20.75 -13.86 -23.72
C GLY B 16 20.70 -15.26 -24.29
N SER B 17 19.74 -16.07 -23.86
CA SER B 17 19.66 -17.42 -24.37
C SER B 17 18.95 -17.35 -25.70
N THR B 18 19.02 -18.40 -26.50
CA THR B 18 18.34 -18.29 -27.78
C THR B 18 16.86 -18.40 -27.59
N MET B 19 16.10 -17.99 -28.58
CA MET B 19 14.67 -18.07 -28.44
C MET B 19 14.17 -19.51 -28.34
N GLY B 20 14.89 -20.46 -28.95
CA GLY B 20 14.55 -21.87 -28.82
C GLY B 20 14.71 -22.26 -27.37
N ALA B 21 15.84 -21.88 -26.79
CA ALA B 21 16.09 -22.18 -25.39
C ALA B 21 15.07 -21.56 -24.48
N ALA B 22 14.63 -20.34 -24.79
CA ALA B 22 13.66 -19.67 -23.95
C ALA B 22 12.35 -20.43 -23.92
N SER B 23 11.94 -20.97 -25.07
CA SER B 23 10.70 -21.71 -25.12
C SER B 23 10.80 -22.95 -24.25
N MET B 24 11.93 -23.64 -24.36
CA MET B 24 12.10 -24.84 -23.58
C MET B 24 12.15 -24.52 -22.09
N ALA B 25 12.77 -23.40 -21.74
CA ALA B 25 12.87 -23.00 -20.36
C ALA B 25 11.50 -22.73 -19.77
N LEU B 26 10.62 -22.10 -20.53
CA LEU B 26 9.31 -21.82 -20.02
C LEU B 26 8.52 -23.11 -19.84
N THR B 27 8.71 -24.03 -20.77
CA THR B 27 8.00 -25.28 -20.69
C THR B 27 8.41 -26.04 -19.44
N VAL B 28 9.71 -26.10 -19.15
CA VAL B 28 10.10 -26.84 -17.97
C VAL B 28 9.63 -26.16 -16.72
N GLN B 29 9.61 -24.84 -16.68
CA GLN B 29 9.15 -24.24 -15.46
C GLN B 29 7.69 -24.54 -15.23
N ALA B 30 6.88 -24.55 -16.28
CA ALA B 30 5.49 -24.91 -16.05
C ALA B 30 5.41 -26.36 -15.62
N ARG B 31 6.25 -27.25 -16.13
CA ARG B 31 6.12 -28.61 -15.64
C ARG B 31 6.38 -28.69 -14.14
N LEU B 32 7.42 -27.99 -13.71
CA LEU B 32 7.86 -27.96 -12.34
C LEU B 32 6.89 -27.27 -11.39
N LEU B 33 6.21 -26.25 -11.88
CA LEU B 33 5.26 -25.52 -11.05
C LEU B 33 3.85 -26.10 -11.07
N LEU B 34 3.42 -26.73 -12.17
CA LEU B 34 2.11 -27.36 -12.18
C LEU B 34 2.18 -28.58 -11.28
N SER B 35 3.32 -29.25 -11.34
CA SER B 35 3.61 -30.42 -10.55
C SER B 35 3.97 -29.99 -9.16
N GLY B 36 4.21 -30.94 -8.27
CA GLY B 36 4.56 -30.59 -6.91
C GLY B 36 6.06 -30.44 -6.67
N ILE B 37 6.86 -30.42 -7.74
CA ILE B 37 8.31 -30.41 -7.59
C ILE B 37 8.90 -29.09 -7.11
N VAL B 38 8.52 -27.96 -7.72
CA VAL B 38 9.08 -26.68 -7.32
C VAL B 38 8.16 -25.81 -6.49
N GLN B 39 8.71 -25.32 -5.40
CA GLN B 39 7.96 -24.48 -4.50
C GLN B 39 8.15 -23.03 -4.91
N GLN B 40 7.19 -22.18 -4.56
CA GLN B 40 7.30 -20.76 -4.85
C GLN B 40 7.96 -19.99 -3.71
N GLN B 41 8.61 -18.88 -4.04
CA GLN B 41 9.20 -17.99 -3.06
C GLN B 41 8.69 -16.59 -3.31
N ASN B 42 8.56 -15.79 -2.25
CA ASN B 42 8.08 -14.44 -2.40
C ASN B 42 9.23 -13.43 -2.38
N ASN B 43 9.03 -12.27 -3.01
CA ASN B 43 10.01 -11.18 -3.04
C ASN B 43 9.46 -9.89 -2.44
N LEU B 44 8.57 -10.04 -1.48
CA LEU B 44 7.88 -8.93 -0.83
C LEU B 44 8.73 -8.17 0.18
N LEU B 45 8.51 -6.86 0.26
CA LEU B 45 9.14 -6.03 1.28
C LEU B 45 8.33 -6.11 2.58
N ARG B 46 9.00 -6.00 3.72
CA ARG B 46 8.32 -6.05 5.02
C ARG B 46 7.77 -4.71 5.48
N ALA B 47 6.63 -4.75 6.18
CA ALA B 47 6.03 -3.59 6.82
C ALA B 47 6.88 -3.22 8.04
N PRO B 48 6.94 -1.94 8.47
CA PRO B 48 7.67 -1.50 9.66
C PRO B 48 7.02 -1.91 10.96
N GLU B 49 7.84 -2.16 11.96
CA GLU B 49 7.39 -2.46 13.31
C GLU B 49 7.39 -1.22 14.21
N ALA B 50 8.31 -0.33 13.94
CA ALA B 50 8.55 0.85 14.75
C ALA B 50 8.36 2.12 13.97
N GLN B 51 8.13 3.21 14.69
CA GLN B 51 7.98 4.53 14.10
C GLN B 51 9.20 4.96 13.32
N GLN B 52 10.38 4.55 13.75
CA GLN B 52 11.62 4.93 13.10
C GLN B 52 11.75 4.35 11.71
N HIS B 53 10.98 3.32 11.38
CA HIS B 53 11.05 2.71 10.08
C HIS B 53 9.84 3.05 9.25
N MET B 54 9.00 3.98 9.74
CA MET B 54 7.77 4.26 9.03
C MET B 54 7.98 4.82 7.64
N LEU B 55 8.93 5.71 7.45
CA LEU B 55 9.06 6.25 6.10
C LEU B 55 9.75 5.20 5.23
N GLN B 56 10.79 4.59 5.74
CA GLN B 56 11.56 3.64 4.96
C GLN B 56 10.79 2.42 4.46
N LEU B 57 9.90 1.88 5.26
CA LEU B 57 9.18 0.69 4.86
C LEU B 57 7.75 0.95 4.44
N THR B 58 7.40 2.20 4.25
CA THR B 58 6.06 2.53 3.76
C THR B 58 6.23 3.02 2.35
N VAL B 59 7.26 3.82 2.10
CA VAL B 59 7.43 4.32 0.77
C VAL B 59 7.73 3.23 -0.20
N TRP B 60 8.63 2.35 0.17
CA TRP B 60 8.98 1.28 -0.70
C TRP B 60 7.92 0.18 -0.71
N GLY B 61 7.16 0.06 0.37
CA GLY B 61 6.09 -0.92 0.43
C GLY B 61 5.07 -0.55 -0.66
N ILE B 62 4.67 0.72 -0.68
CA ILE B 62 3.71 1.19 -1.64
C ILE B 62 4.28 1.11 -3.04
N LYS B 63 5.53 1.55 -3.26
CA LYS B 63 6.06 1.50 -4.61
C LYS B 63 6.15 0.08 -5.16
N GLN B 64 6.52 -0.90 -4.33
CA GLN B 64 6.58 -2.26 -4.84
C GLN B 64 5.20 -2.72 -5.27
N LEU B 65 4.17 -2.41 -4.48
CA LEU B 65 2.84 -2.81 -4.88
C LEU B 65 2.39 -2.08 -6.13
N GLN B 66 2.72 -0.82 -6.28
CA GLN B 66 2.27 -0.14 -7.47
C GLN B 66 2.85 -0.77 -8.70
N ALA B 67 4.11 -1.15 -8.65
CA ALA B 67 4.70 -1.76 -9.81
C ALA B 67 4.07 -3.08 -10.16
N ARG B 68 3.74 -3.88 -9.15
CA ARG B 68 3.18 -5.18 -9.40
C ARG B 68 1.73 -5.09 -9.89
N VAL B 69 0.97 -4.13 -9.36
CA VAL B 69 -0.40 -3.97 -9.77
C VAL B 69 -0.45 -3.49 -11.21
N LEU B 70 0.40 -2.54 -11.58
CA LEU B 70 0.39 -2.08 -12.95
C LEU B 70 0.83 -3.19 -13.87
N ALA B 71 1.78 -4.03 -13.43
CA ALA B 71 2.22 -5.14 -14.25
C ALA B 71 1.08 -6.09 -14.54
N VAL B 72 0.21 -6.30 -13.56
CA VAL B 72 -0.94 -7.14 -13.76
C VAL B 72 -1.88 -6.51 -14.75
N GLU B 73 -2.12 -5.21 -14.63
CA GLU B 73 -3.02 -4.58 -15.57
C GLU B 73 -2.46 -4.68 -16.97
N ARG B 74 -1.16 -4.51 -17.16
CA ARG B 74 -0.60 -4.62 -18.48
C ARG B 74 -0.71 -6.02 -19.01
N TYR B 75 -0.48 -7.02 -18.16
CA TYR B 75 -0.59 -8.39 -18.63
C TYR B 75 -1.97 -8.67 -19.14
N LEU B 76 -2.98 -8.31 -18.35
CA LEU B 76 -4.34 -8.59 -18.70
C LEU B 76 -4.83 -7.74 -19.83
N ARG B 77 -4.35 -6.51 -19.92
CA ARG B 77 -4.74 -5.64 -20.99
C ARG B 77 -4.28 -6.23 -22.29
N ASP B 78 -2.99 -6.51 -22.39
CA ASP B 78 -2.38 -6.97 -23.61
C ASP B 78 -2.97 -8.30 -24.06
N GLN B 79 -3.34 -9.14 -23.10
CA GLN B 79 -3.93 -10.43 -23.42
C GLN B 79 -5.23 -10.30 -24.17
N GLN B 80 -5.98 -9.21 -23.99
CA GLN B 80 -7.20 -9.04 -24.75
C GLN B 80 -7.05 -8.12 -25.95
N LEU B 81 -6.07 -7.20 -25.89
CA LEU B 81 -5.90 -6.24 -27.00
C LEU B 81 -5.52 -7.03 -28.22
N LEU B 82 -4.77 -8.07 -27.97
CA LEU B 82 -4.18 -8.94 -28.96
C LEU B 82 -5.23 -9.73 -29.74
N GLY B 83 -6.50 -9.69 -29.27
CA GLY B 83 -7.59 -10.37 -29.94
C GLY B 83 -7.80 -9.80 -31.35
N ILE B 84 -7.23 -8.64 -31.65
CA ILE B 84 -7.34 -8.07 -32.98
C ILE B 84 -6.73 -9.00 -34.01
N TRP B 85 -5.65 -9.68 -33.66
CA TRP B 85 -5.00 -10.58 -34.60
C TRP B 85 -5.53 -11.99 -34.39
N GLY B 86 -6.52 -12.08 -33.49
CA GLY B 86 -7.21 -13.29 -33.05
C GLY B 86 -6.61 -13.99 -31.83
N CYS B 87 -5.38 -13.62 -31.47
CA CYS B 87 -4.54 -14.22 -30.45
C CYS B 87 -4.80 -13.65 -29.06
N SER B 88 -6.05 -13.71 -28.62
CA SER B 88 -6.33 -13.26 -27.26
C SER B 88 -6.19 -14.43 -26.32
N GLY B 89 -5.76 -14.14 -25.10
CA GLY B 89 -5.67 -15.19 -24.08
C GLY B 89 -4.52 -16.16 -24.37
N LYS B 90 -3.49 -15.72 -25.09
CA LYS B 90 -2.39 -16.59 -25.46
C LYS B 90 -1.00 -16.00 -25.28
N ILE B 91 -0.06 -16.89 -25.06
CA ILE B 91 1.37 -16.60 -25.04
C ILE B 91 1.95 -16.96 -26.39
N ILE B 92 1.55 -18.12 -26.91
CA ILE B 92 2.00 -18.58 -28.21
C ILE B 92 0.77 -18.72 -29.08
N CYS B 93 0.75 -18.07 -30.27
CA CYS B 93 -0.40 -18.12 -31.19
C CYS B 93 0.04 -18.21 -32.65
N CYS B 94 -0.41 -19.26 -33.31
CA CYS B 94 -0.07 -19.51 -34.70
C CYS B 94 -1.21 -19.04 -35.60
N THR B 95 -0.83 -18.30 -36.64
CA THR B 95 -1.72 -17.76 -37.65
C THR B 95 -1.38 -18.23 -39.04
N ASN B 96 -2.14 -17.75 -40.02
CA ASN B 96 -1.95 -18.16 -41.42
C ASN B 96 -1.31 -17.12 -42.33
N VAL B 97 -0.68 -16.10 -41.76
CA VAL B 97 0.01 -15.11 -42.57
C VAL B 97 1.41 -15.66 -42.81
N PRO B 98 1.84 -15.86 -44.05
CA PRO B 98 3.13 -16.44 -44.37
C PRO B 98 4.26 -15.50 -44.12
N TRP B 99 5.43 -16.06 -43.85
CA TRP B 99 6.63 -15.29 -43.71
C TRP B 99 7.26 -15.08 -45.08
N ASN B 100 7.65 -13.86 -45.40
CA ASN B 100 8.32 -13.65 -46.66
C ASN B 100 9.83 -13.65 -46.50
N ASP B 101 10.53 -14.03 -47.57
CA ASP B 101 11.99 -14.00 -47.56
C ASP B 101 12.49 -12.58 -47.74
N SER B 102 11.55 -11.70 -48.05
CA SER B 102 11.78 -10.29 -48.22
C SER B 102 11.85 -9.61 -46.85
N TRP B 103 11.47 -10.36 -45.80
CA TRP B 103 11.46 -9.89 -44.44
C TRP B 103 12.72 -10.45 -43.81
N SER B 104 12.93 -11.74 -43.99
CA SER B 104 14.15 -12.38 -43.51
C SER B 104 14.39 -13.70 -44.21
N ASN B 105 15.46 -13.76 -45.02
CA ASN B 105 15.74 -14.98 -45.76
C ASN B 105 16.62 -15.92 -44.96
N LYS B 106 16.05 -16.45 -43.90
CA LYS B 106 16.71 -17.36 -42.99
C LYS B 106 15.81 -18.53 -42.71
N THR B 107 16.37 -19.65 -42.30
CA THR B 107 15.53 -20.79 -42.02
C THR B 107 15.01 -20.72 -40.61
N ILE B 108 14.04 -21.55 -40.32
CA ILE B 108 13.48 -21.60 -38.98
C ILE B 108 14.50 -22.08 -37.96
N ASN B 109 15.26 -23.12 -38.26
CA ASN B 109 16.20 -23.52 -37.24
C ASN B 109 17.33 -22.51 -37.06
N GLU B 110 17.66 -21.73 -38.10
CA GLU B 110 18.71 -20.75 -37.88
C GLU B 110 18.24 -19.69 -36.90
N ILE B 111 16.99 -19.26 -37.07
CA ILE B 111 16.42 -18.24 -36.24
C ILE B 111 16.20 -18.70 -34.82
N TRP B 112 15.63 -19.88 -34.64
CA TRP B 112 15.34 -20.37 -33.32
C TRP B 112 16.53 -20.91 -32.52
N ASP B 113 17.50 -21.53 -33.19
CA ASP B 113 18.61 -22.11 -32.46
C ASP B 113 19.85 -21.23 -32.35
N ASN B 114 20.10 -20.29 -33.29
CA ASN B 114 21.32 -19.51 -33.20
C ASN B 114 21.08 -18.02 -32.92
N MET B 115 19.89 -17.67 -32.48
CA MET B 115 19.60 -16.27 -32.19
C MET B 115 18.79 -16.07 -30.94
N THR B 116 19.02 -14.93 -30.32
CA THR B 116 18.27 -14.49 -29.18
C THR B 116 17.19 -13.57 -29.70
N TRP B 117 16.15 -13.31 -28.89
CA TRP B 117 15.09 -12.39 -29.29
C TRP B 117 15.62 -10.98 -29.40
N MET B 118 16.66 -10.71 -28.64
CA MET B 118 17.27 -9.41 -28.61
C MET B 118 17.81 -9.04 -29.98
N GLN B 119 18.30 -10.01 -30.74
CA GLN B 119 18.80 -9.67 -32.04
C GLN B 119 17.71 -9.77 -33.07
N TRP B 120 16.88 -10.78 -32.94
CA TRP B 120 15.85 -11.02 -33.92
C TRP B 120 14.91 -9.85 -34.09
N GLU B 121 14.51 -9.23 -32.99
CA GLU B 121 13.57 -8.12 -33.04
C GLU B 121 14.23 -6.83 -33.47
N LYS B 122 15.52 -6.86 -33.76
CA LYS B 122 16.17 -5.70 -34.26
C LYS B 122 16.34 -5.90 -35.78
N GLU B 123 16.67 -7.14 -36.17
CA GLU B 123 16.89 -7.43 -37.59
C GLU B 123 15.66 -7.20 -38.45
N ILE B 124 14.48 -7.46 -37.89
CA ILE B 124 13.25 -7.28 -38.64
C ILE B 124 12.41 -6.13 -38.10
N ASP B 125 13.03 -5.16 -37.41
CA ASP B 125 12.24 -4.07 -36.83
C ASP B 125 11.49 -3.24 -37.89
N ASN B 126 12.03 -3.11 -39.10
CA ASN B 126 11.37 -2.29 -40.08
C ASN B 126 10.20 -2.96 -40.77
N TYR B 127 9.88 -4.19 -40.39
CA TYR B 127 8.75 -4.87 -40.98
C TYR B 127 7.65 -4.98 -39.96
N THR B 128 7.86 -4.44 -38.78
CA THR B 128 6.90 -4.62 -37.72
C THR B 128 5.54 -4.08 -38.04
N GLN B 129 5.45 -2.88 -38.59
CA GLN B 129 4.14 -2.31 -38.82
C GLN B 129 3.46 -3.02 -39.96
N HIS B 130 4.25 -3.45 -40.94
CA HIS B 130 3.72 -4.14 -42.10
C HIS B 130 3.09 -5.47 -41.69
N ILE B 131 3.83 -6.24 -40.92
CA ILE B 131 3.37 -7.55 -40.52
C ILE B 131 2.17 -7.42 -39.63
N TYR B 132 2.20 -6.49 -38.70
CA TYR B 132 1.07 -6.34 -37.81
C TYR B 132 -0.18 -6.00 -38.59
N THR B 133 -0.06 -5.17 -39.62
CA THR B 133 -1.21 -4.85 -40.45
C THR B 133 -1.73 -6.12 -41.10
N LEU B 134 -0.83 -6.96 -41.61
CA LEU B 134 -1.29 -8.17 -42.25
C LEU B 134 -2.00 -9.09 -41.27
N LEU B 135 -1.55 -9.14 -40.03
CA LEU B 135 -2.18 -10.00 -39.05
C LEU B 135 -3.60 -9.55 -38.78
N GLU B 136 -3.82 -8.23 -38.70
CA GLU B 136 -5.16 -7.71 -38.51
C GLU B 136 -6.06 -8.08 -39.67
N VAL B 137 -5.54 -7.95 -40.89
CA VAL B 137 -6.34 -8.23 -42.06
C VAL B 137 -6.73 -9.68 -42.14
N SER B 138 -5.78 -10.55 -41.84
CA SER B 138 -6.05 -11.96 -41.89
C SER B 138 -7.14 -12.31 -40.91
N GLN B 139 -7.11 -11.75 -39.70
CA GLN B 139 -8.14 -12.07 -38.75
C GLN B 139 -9.50 -11.61 -39.19
N ILE B 140 -9.57 -10.45 -39.83
CA ILE B 140 -10.85 -9.97 -40.29
C ILE B 140 -11.41 -10.91 -41.34
N GLN B 141 -10.57 -11.33 -42.27
CA GLN B 141 -11.05 -12.23 -43.31
C GLN B 141 -11.45 -13.58 -42.76
N GLN B 142 -10.73 -14.09 -41.75
CA GLN B 142 -11.15 -15.36 -41.20
C GLN B 142 -12.52 -15.26 -40.59
N GLU B 143 -12.79 -14.18 -39.85
CA GLU B 143 -14.07 -14.04 -39.20
C GLU B 143 -15.19 -13.95 -40.22
N LYS B 144 -14.92 -13.24 -41.31
CA LYS B 144 -15.90 -13.11 -42.37
C LYS B 144 -16.24 -14.48 -42.92
N ASN B 145 -15.21 -15.26 -43.20
CA ASN B 145 -15.46 -16.53 -43.82
C ASN B 145 -16.18 -17.50 -42.91
N GLU B 146 -15.87 -17.51 -41.62
CA GLU B 146 -16.57 -18.46 -40.75
C GLU B 146 -18.04 -18.11 -40.62
N GLN B 147 -18.36 -16.81 -40.56
CA GLN B 147 -19.74 -16.40 -40.41
C GLN B 147 -20.57 -16.70 -41.64
N GLU B 148 -19.93 -16.77 -42.79
CA GLU B 148 -20.64 -17.12 -44.02
C GLU B 148 -20.92 -18.63 -44.25
N LEU B 149 -20.42 -19.55 -43.37
CA LEU B 149 -20.58 -21.02 -43.45
C LEU B 149 -21.72 -21.55 -42.54
N LYS C 21 33.57 28.28 -48.22
CA LYS C 21 33.75 28.82 -46.87
C LYS C 21 33.29 30.30 -46.86
N LYS C 22 33.11 30.85 -45.64
CA LYS C 22 32.69 32.25 -45.39
C LYS C 22 33.92 33.10 -45.10
N VAL C 23 34.19 34.09 -45.93
CA VAL C 23 35.42 34.86 -45.77
C VAL C 23 35.17 36.28 -45.28
N VAL C 24 35.85 36.64 -44.20
CA VAL C 24 35.73 37.94 -43.57
C VAL C 24 37.00 38.77 -43.69
N LEU C 25 36.87 39.93 -44.33
CA LEU C 25 38.00 40.83 -44.52
C LEU C 25 37.93 42.05 -43.62
N GLY C 26 38.97 42.26 -42.82
CA GLY C 26 39.06 43.40 -41.92
C GLY C 26 40.12 44.41 -42.37
N LYS C 27 40.63 45.19 -41.41
CA LYS C 27 41.65 46.21 -41.65
C LYS C 27 43.02 45.72 -41.19
N LYS C 28 43.06 44.43 -40.87
CA LYS C 28 44.22 43.68 -40.41
C LYS C 28 44.63 44.04 -39.00
N GLY C 29 44.98 45.29 -38.74
CA GLY C 29 45.36 45.71 -37.39
C GLY C 29 44.16 46.10 -36.51
N ASP C 30 43.20 45.20 -36.41
CA ASP C 30 41.94 45.46 -35.71
C ASP C 30 41.37 44.26 -34.96
N THR C 31 40.14 44.42 -34.46
CA THR C 31 39.49 43.34 -33.73
C THR C 31 38.38 42.75 -34.58
N VAL C 32 38.45 41.45 -34.79
CA VAL C 32 37.48 40.77 -35.64
C VAL C 32 36.65 39.72 -34.96
N GLU C 33 35.35 39.77 -35.23
CA GLU C 33 34.46 38.76 -34.70
C GLU C 33 33.94 37.81 -35.79
N LEU C 34 34.34 36.56 -35.69
CA LEU C 34 33.95 35.51 -36.63
C LEU C 34 32.86 34.73 -35.93
N THR C 35 31.89 34.15 -36.63
CA THR C 35 30.90 33.40 -35.86
C THR C 35 30.60 31.98 -36.35
N CYS C 36 30.23 31.12 -35.37
CA CYS C 36 29.66 29.79 -35.55
C CYS C 36 28.25 29.87 -34.93
N THR C 37 27.28 29.16 -35.49
CA THR C 37 25.94 29.21 -34.91
C THR C 37 25.25 27.86 -34.81
N ALA C 38 24.14 27.83 -34.05
CA ALA C 38 23.28 26.66 -33.94
C ALA C 38 21.82 27.07 -34.00
N SER C 39 21.01 26.28 -34.69
CA SER C 39 19.58 26.55 -34.84
C SER C 39 18.79 26.25 -33.58
N GLN C 40 19.43 25.58 -32.63
CA GLN C 40 18.78 25.21 -31.38
C GLN C 40 18.50 26.40 -30.49
N LYS C 41 19.21 27.51 -30.70
CA LYS C 41 19.04 28.67 -29.82
C LYS C 41 19.26 28.25 -28.38
N LYS C 42 20.30 27.46 -28.17
CA LYS C 42 20.68 26.93 -26.87
C LYS C 42 22.17 26.98 -26.71
N SER C 43 22.66 27.17 -25.49
CA SER C 43 24.08 27.08 -25.28
C SER C 43 24.47 25.62 -25.22
N ILE C 44 25.29 25.24 -26.15
CA ILE C 44 25.77 23.89 -26.34
C ILE C 44 27.27 23.94 -26.41
N GLN C 45 27.93 22.79 -26.34
CA GLN C 45 29.37 22.80 -26.46
C GLN C 45 29.82 23.18 -27.83
N PHE C 46 30.86 23.98 -27.89
CA PHE C 46 31.44 24.33 -29.17
C PHE C 46 32.92 24.61 -29.09
N HIS C 47 33.56 24.50 -30.24
CA HIS C 47 34.97 24.83 -30.38
C HIS C 47 35.34 25.58 -31.66
N TRP C 48 36.39 26.39 -31.55
CA TRP C 48 37.05 27.00 -32.70
C TRP C 48 38.46 26.44 -32.78
N LYS C 49 38.85 26.01 -33.97
CA LYS C 49 40.21 25.50 -34.19
C LYS C 49 40.83 26.04 -35.48
N ASN C 50 42.15 26.12 -35.54
CA ASN C 50 42.80 26.59 -36.78
C ASN C 50 43.07 25.47 -37.77
N SER C 51 43.77 25.80 -38.85
CA SER C 51 44.06 24.88 -39.95
C SER C 51 44.93 23.68 -39.56
N ASN C 52 45.63 23.75 -38.42
CA ASN C 52 46.46 22.65 -37.98
C ASN C 52 45.81 22.00 -36.76
N GLN C 53 44.51 22.25 -36.63
CA GLN C 53 43.65 21.75 -35.59
C GLN C 53 44.12 22.12 -34.20
N ILE C 54 44.60 23.34 -34.05
CA ILE C 54 45.04 23.79 -32.76
C ILE C 54 43.91 24.58 -32.15
N LYS C 55 43.57 24.24 -30.92
CA LYS C 55 42.44 24.88 -30.25
C LYS C 55 42.68 26.36 -30.08
N ILE C 56 41.65 27.15 -30.38
CA ILE C 56 41.70 28.60 -30.23
C ILE C 56 40.85 29.07 -29.08
N LEU C 57 39.60 28.66 -29.11
CA LEU C 57 38.61 29.13 -28.17
C LEU C 57 37.46 28.15 -28.09
N GLY C 58 36.86 27.98 -26.94
CA GLY C 58 35.69 27.13 -26.86
C GLY C 58 35.09 27.20 -25.48
N ASN C 59 34.02 26.47 -25.25
CA ASN C 59 33.44 26.54 -23.92
C ASN C 59 33.54 25.26 -23.12
N GLN C 60 33.10 25.38 -21.89
CA GLN C 60 32.98 24.31 -20.93
C GLN C 60 31.68 24.52 -20.17
N GLY C 61 30.59 24.15 -20.79
CA GLY C 61 29.29 24.47 -20.26
C GLY C 61 29.15 25.97 -20.32
N SER C 62 28.81 26.58 -19.20
CA SER C 62 28.63 28.02 -19.11
C SER C 62 29.93 28.80 -19.16
N PHE C 63 31.06 28.13 -18.95
CA PHE C 63 32.34 28.81 -18.83
C PHE C 63 33.08 29.02 -20.15
N LEU C 64 33.84 30.11 -20.23
CA LEU C 64 34.67 30.38 -21.40
C LEU C 64 36.13 30.01 -21.19
N THR C 65 36.71 29.25 -22.13
CA THR C 65 38.12 28.89 -22.04
C THR C 65 38.88 29.36 -23.27
N LYS C 66 40.21 29.36 -23.17
CA LYS C 66 41.06 29.74 -24.29
C LYS C 66 41.86 28.55 -24.79
N GLY C 67 42.27 28.56 -26.05
CA GLY C 67 43.09 27.48 -26.55
C GLY C 67 44.56 27.87 -26.47
N PRO C 68 45.48 26.93 -26.20
CA PRO C 68 46.91 27.15 -26.02
C PRO C 68 47.71 27.37 -27.30
N SER C 69 47.44 28.48 -27.97
CA SER C 69 48.06 28.85 -29.23
C SER C 69 48.35 30.35 -29.20
N LYS C 70 48.82 30.88 -30.31
CA LYS C 70 49.10 32.32 -30.41
C LYS C 70 47.83 33.17 -30.22
N LEU C 71 46.68 32.52 -30.37
CA LEU C 71 45.40 33.17 -30.24
C LEU C 71 44.79 32.88 -28.87
N ASN C 72 45.61 32.37 -27.94
CA ASN C 72 45.17 32.13 -26.57
C ASN C 72 44.89 33.49 -25.96
N ASP C 73 45.80 34.42 -26.22
CA ASP C 73 45.64 35.74 -25.70
C ASP C 73 44.89 36.51 -26.75
N ARG C 74 44.60 37.76 -26.48
CA ARG C 74 43.93 38.60 -27.45
C ARG C 74 42.67 37.92 -27.94
N ALA C 75 41.91 37.27 -27.06
CA ALA C 75 40.72 36.60 -27.56
C ALA C 75 39.56 36.68 -26.58
N ASP C 76 38.36 36.67 -27.14
CA ASP C 76 37.13 36.73 -26.37
C ASP C 76 35.94 36.07 -27.07
N SER C 77 34.79 36.10 -26.41
CA SER C 77 33.54 35.56 -26.95
C SER C 77 32.37 36.32 -26.34
N ARG C 78 31.17 35.79 -26.52
CA ARG C 78 29.99 36.42 -25.96
C ARG C 78 29.19 35.37 -25.24
N ARG C 79 29.49 35.19 -23.95
CA ARG C 79 28.86 34.10 -23.21
C ARG C 79 27.36 34.27 -23.18
N SER C 80 26.94 35.52 -23.12
CA SER C 80 25.55 35.87 -23.05
C SER C 80 24.74 35.51 -24.29
N LEU C 81 25.41 35.27 -25.41
CA LEU C 81 24.67 34.92 -26.61
C LEU C 81 24.71 33.43 -26.88
N TRP C 82 25.34 32.65 -26.00
CA TRP C 82 25.42 31.24 -26.31
C TRP C 82 24.02 30.62 -26.33
N ASP C 83 23.08 31.17 -25.55
CA ASP C 83 21.73 30.63 -25.51
C ASP C 83 20.86 31.19 -26.61
N GLN C 84 21.47 31.99 -27.47
CA GLN C 84 20.79 32.50 -28.63
C GLN C 84 21.31 31.74 -29.84
N GLY C 85 22.21 30.76 -29.59
CA GLY C 85 22.83 29.97 -30.63
C GLY C 85 23.96 30.69 -31.36
N ASN C 86 24.57 31.71 -30.73
CA ASN C 86 25.64 32.46 -31.36
C ASN C 86 26.92 32.25 -30.59
N PHE C 87 27.92 31.66 -31.24
CA PHE C 87 29.16 31.29 -30.58
C PHE C 87 30.37 31.97 -31.30
N PRO C 88 30.58 33.29 -31.12
CA PRO C 88 31.62 34.08 -31.75
C PRO C 88 33.03 33.85 -31.23
N LEU C 89 33.99 34.11 -32.11
CA LEU C 89 35.41 34.19 -31.83
C LEU C 89 35.89 35.59 -32.09
N ILE C 90 36.34 36.24 -31.05
CA ILE C 90 36.80 37.60 -31.17
C ILE C 90 38.31 37.65 -31.04
N ILE C 91 39.00 38.09 -32.09
CA ILE C 91 40.47 38.18 -32.05
C ILE C 91 40.88 39.65 -32.04
N LYS C 92 41.56 40.05 -30.98
CA LYS C 92 41.92 41.44 -30.76
C LYS C 92 43.30 41.74 -31.29
N ASN C 93 43.55 42.99 -31.69
CA ASN C 93 44.88 43.41 -32.12
C ASN C 93 45.45 42.40 -33.11
N LEU C 94 44.64 42.07 -34.10
CA LEU C 94 44.93 41.06 -35.10
C LEU C 94 46.18 41.36 -35.91
N LYS C 95 46.98 40.32 -36.14
CA LYS C 95 48.19 40.44 -36.94
C LYS C 95 48.02 39.81 -38.32
N ILE C 96 48.89 40.14 -39.28
CA ILE C 96 48.77 39.51 -40.61
C ILE C 96 48.97 38.00 -40.56
N GLU C 97 49.78 37.53 -39.62
CA GLU C 97 50.07 36.12 -39.43
C GLU C 97 48.84 35.34 -38.97
N ASP C 98 47.81 36.04 -38.52
CA ASP C 98 46.60 35.42 -38.01
C ASP C 98 45.54 35.23 -39.11
N SER C 99 45.84 35.60 -40.36
CA SER C 99 44.85 35.47 -41.45
C SER C 99 44.76 34.05 -42.03
N ASP C 100 44.36 33.12 -41.16
CA ASP C 100 44.19 31.69 -41.42
C ASP C 100 42.71 31.33 -41.53
N THR C 101 42.41 30.06 -41.77
CA THR C 101 41.03 29.66 -41.74
C THR C 101 40.77 29.03 -40.40
N TYR C 102 39.49 28.92 -40.07
CA TYR C 102 39.09 28.32 -38.83
C TYR C 102 37.94 27.37 -39.04
N ILE C 103 37.95 26.28 -38.31
CA ILE C 103 36.87 25.33 -38.39
C ILE C 103 35.98 25.43 -37.14
N CYS C 104 34.64 25.47 -37.35
CA CYS C 104 33.62 25.51 -36.32
C CYS C 104 33.24 24.11 -35.89
N GLU C 105 33.12 23.90 -34.61
CA GLU C 105 32.55 22.66 -34.15
C GLU C 105 31.39 22.94 -33.26
N VAL C 106 30.23 23.03 -33.87
CA VAL C 106 28.97 23.28 -33.21
C VAL C 106 28.08 22.16 -33.69
N GLU C 107 27.53 21.32 -32.82
CA GLU C 107 26.75 20.19 -33.31
C GLU C 107 27.64 19.45 -34.30
N ASP C 108 27.11 19.10 -35.48
CA ASP C 108 27.87 18.48 -36.55
C ASP C 108 28.04 19.46 -37.70
N GLN C 109 27.77 20.73 -37.43
CA GLN C 109 27.83 21.77 -38.44
C GLN C 109 29.23 22.30 -38.56
N LYS C 110 30.07 21.50 -39.18
CA LYS C 110 31.48 21.82 -39.27
C LYS C 110 31.80 22.79 -40.40
N GLU C 111 31.36 24.03 -40.19
CA GLU C 111 31.52 25.13 -41.14
C GLU C 111 32.92 25.69 -41.07
N GLU C 112 33.42 26.19 -42.18
CA GLU C 112 34.73 26.81 -42.22
C GLU C 112 34.62 28.27 -42.59
N VAL C 113 35.44 29.08 -41.94
CA VAL C 113 35.50 30.50 -42.23
C VAL C 113 36.95 30.89 -42.50
N GLN C 114 37.15 32.01 -43.16
CA GLN C 114 38.51 32.53 -43.34
C GLN C 114 38.63 33.94 -42.91
N LEU C 115 39.73 34.21 -42.23
CA LEU C 115 40.01 35.54 -41.83
C LEU C 115 41.12 36.15 -42.69
N LEU C 116 40.89 37.38 -43.21
CA LEU C 116 41.83 38.16 -44.00
C LEU C 116 42.12 39.46 -43.25
N LYS D 38 -29.21 -14.34 -38.72
CA LYS D 38 -29.02 -12.93 -38.44
C LYS D 38 -29.85 -12.62 -37.17
N LYS D 39 -29.48 -11.55 -36.44
CA LYS D 39 -30.07 -11.09 -35.17
C LYS D 39 -29.99 -12.11 -34.05
N TRP D 40 -28.77 -12.44 -33.68
CA TRP D 40 -28.46 -13.40 -32.64
C TRP D 40 -28.05 -12.63 -31.40
N VAL D 41 -28.25 -13.23 -30.25
CA VAL D 41 -27.88 -12.59 -29.00
C VAL D 41 -26.36 -12.56 -28.81
N THR D 42 -25.79 -11.38 -28.52
CA THR D 42 -24.36 -11.28 -28.20
C THR D 42 -24.11 -10.55 -26.89
N VAL D 43 -23.25 -11.15 -26.09
CA VAL D 43 -22.90 -10.65 -24.77
C VAL D 43 -21.63 -9.80 -24.81
N TYR D 44 -21.72 -8.59 -24.28
CA TYR D 44 -20.58 -7.69 -24.25
C TYR D 44 -20.14 -7.34 -22.84
N TYR D 45 -18.84 -7.49 -22.59
CA TYR D 45 -18.29 -7.16 -21.28
C TYR D 45 -17.47 -5.87 -21.39
N GLY D 46 -17.69 -4.96 -20.45
CA GLY D 46 -17.00 -3.67 -20.49
C GLY D 46 -17.95 -2.58 -20.93
N VAL D 47 -19.23 -2.85 -20.78
CA VAL D 47 -20.27 -1.92 -21.13
C VAL D 47 -20.29 -0.74 -20.16
N PRO D 48 -20.21 0.53 -20.64
CA PRO D 48 -20.13 1.75 -19.86
C PRO D 48 -21.48 2.19 -19.31
N VAL D 49 -22.08 1.34 -18.51
CA VAL D 49 -23.37 1.68 -17.95
C VAL D 49 -23.39 1.72 -16.44
N TRP D 50 -23.84 2.85 -15.92
CA TRP D 50 -23.95 3.03 -14.49
C TRP D 50 -25.38 2.97 -14.03
N LYS D 51 -25.53 2.57 -12.78
CA LYS D 51 -26.82 2.58 -12.10
C LYS D 51 -26.64 3.13 -10.70
N GLU D 52 -27.67 3.76 -10.17
CA GLU D 52 -27.63 4.33 -8.82
C GLU D 52 -27.39 3.27 -7.78
N ALA D 53 -26.61 3.64 -6.78
CA ALA D 53 -26.30 2.72 -5.71
C ALA D 53 -26.01 3.47 -4.43
N THR D 54 -26.14 2.78 -3.31
CA THR D 54 -25.79 3.42 -2.06
C THR D 54 -24.62 2.70 -1.45
N THR D 55 -23.93 3.40 -0.58
CA THR D 55 -22.78 2.85 0.09
C THR D 55 -22.42 3.65 1.31
N THR D 56 -21.63 3.07 2.18
CA THR D 56 -21.14 3.75 3.36
C THR D 56 -20.00 4.67 2.95
N LEU D 57 -20.40 5.78 2.36
CA LEU D 57 -19.55 6.81 1.78
C LEU D 57 -18.76 7.43 2.94
N PHE D 58 -17.48 7.78 2.72
CA PHE D 58 -16.68 8.29 3.85
C PHE D 58 -16.28 9.74 3.66
N CYS D 59 -15.94 10.46 4.77
CA CYS D 59 -15.53 11.87 4.72
C CYS D 59 -14.01 12.04 4.70
N ALA D 60 -13.62 13.19 4.19
CA ALA D 60 -12.26 13.65 4.15
C ALA D 60 -12.27 15.14 4.42
N SER D 61 -11.26 15.63 5.11
CA SER D 61 -11.18 17.05 5.39
C SER D 61 -9.78 17.49 5.74
N ASP D 62 -9.53 18.78 5.71
CA ASP D 62 -8.23 19.28 6.13
C ASP D 62 -8.22 19.48 7.64
N ALA D 63 -8.25 18.35 8.36
CA ALA D 63 -8.30 18.32 9.81
C ALA D 63 -6.92 18.69 10.40
N LYS D 64 -6.88 19.34 11.58
CA LYS D 64 -5.57 19.71 12.15
C LYS D 64 -5.09 18.99 13.43
N ALA D 65 -5.98 18.66 14.36
CA ALA D 65 -5.65 17.99 15.64
C ALA D 65 -4.81 18.77 16.63
N TYR D 66 -4.61 20.06 16.45
CA TYR D 66 -3.84 20.81 17.45
C TYR D 66 -4.45 22.13 17.87
N ASP D 67 -5.52 22.57 17.24
CA ASP D 67 -6.05 23.90 17.49
C ASP D 67 -7.27 24.01 18.42
N THR D 68 -7.67 22.90 19.05
CA THR D 68 -8.76 22.74 20.06
C THR D 68 -10.19 22.92 19.55
N GLU D 69 -10.32 23.46 18.36
CA GLU D 69 -11.58 23.77 17.69
C GLU D 69 -12.34 22.49 17.47
N VAL D 70 -13.66 22.55 17.57
CA VAL D 70 -14.43 21.32 17.41
C VAL D 70 -14.24 20.52 16.15
N HIS D 71 -14.20 21.11 14.99
CA HIS D 71 -14.16 20.27 13.82
C HIS D 71 -12.81 19.63 13.67
N ASN D 72 -11.78 20.35 14.07
CA ASN D 72 -10.44 19.86 13.90
C ASN D 72 -9.99 18.94 15.02
N VAL D 73 -10.90 18.59 15.94
CA VAL D 73 -10.54 17.62 16.96
C VAL D 73 -11.48 16.44 16.82
N TRP D 74 -12.31 16.49 15.79
CA TRP D 74 -13.29 15.46 15.51
C TRP D 74 -12.91 14.75 14.24
N ALA D 75 -12.67 15.57 13.22
CA ALA D 75 -12.36 15.16 11.87
C ALA D 75 -11.04 14.42 11.83
N THR D 76 -10.26 14.55 12.87
CA THR D 76 -8.96 13.93 13.02
C THR D 76 -9.07 12.46 13.34
N HIS D 77 -10.27 12.02 13.72
CA HIS D 77 -10.50 10.63 14.02
C HIS D 77 -11.56 10.11 13.09
N ALA D 78 -12.42 11.01 12.65
CA ALA D 78 -13.54 10.66 11.80
C ALA D 78 -13.29 10.67 10.27
N CYS D 79 -12.42 11.59 9.75
CA CYS D 79 -12.20 11.84 8.32
C CYS D 79 -10.74 11.60 7.93
N VAL D 80 -10.53 11.30 6.67
CA VAL D 80 -9.17 11.12 6.17
C VAL D 80 -8.70 12.45 5.56
N PRO D 81 -7.41 12.61 5.20
CA PRO D 81 -6.87 13.76 4.52
C PRO D 81 -7.59 13.88 3.21
N THR D 82 -7.59 15.03 2.61
CA THR D 82 -8.33 15.23 1.39
C THR D 82 -7.67 14.55 0.20
N ASP D 83 -8.43 14.40 -0.88
CA ASP D 83 -7.90 13.75 -2.09
C ASP D 83 -6.80 14.57 -2.74
N PRO D 84 -5.54 14.09 -2.79
CA PRO D 84 -4.39 14.77 -3.35
C PRO D 84 -4.38 14.82 -4.87
N ASN D 85 -5.25 14.04 -5.53
CA ASN D 85 -5.22 13.99 -6.98
C ASN D 85 -6.60 13.80 -7.66
N PRO D 86 -7.48 14.81 -7.65
CA PRO D 86 -8.82 14.79 -8.22
C PRO D 86 -8.75 14.54 -9.72
N GLN D 87 -9.74 13.84 -10.31
CA GLN D 87 -9.70 13.59 -11.76
C GLN D 87 -10.70 14.39 -12.64
N GLU D 88 -11.88 14.73 -12.11
CA GLU D 88 -12.91 15.48 -12.87
C GLU D 88 -13.10 15.02 -14.32
N ILE D 89 -13.49 13.78 -14.55
CA ILE D 89 -13.57 13.31 -15.93
C ILE D 89 -14.92 13.59 -16.58
N VAL D 90 -14.93 14.33 -17.68
CA VAL D 90 -16.21 14.64 -18.33
C VAL D 90 -16.64 13.49 -19.20
N LEU D 91 -17.86 13.02 -19.00
CA LEU D 91 -18.36 11.88 -19.75
C LEU D 91 -18.99 12.27 -21.06
N GLY D 92 -18.18 12.80 -21.96
CA GLY D 92 -18.68 13.09 -23.28
C GLY D 92 -19.89 14.00 -23.30
N ASN D 93 -20.93 13.49 -23.96
CA ASN D 93 -22.22 14.12 -24.20
C ASN D 93 -23.31 13.58 -23.26
N VAL D 94 -22.91 12.94 -22.18
CA VAL D 94 -23.86 12.37 -21.24
C VAL D 94 -24.79 13.37 -20.59
N THR D 95 -26.06 13.00 -20.60
CA THR D 95 -27.14 13.75 -19.99
C THR D 95 -27.69 12.88 -18.87
N GLU D 96 -27.87 13.45 -17.68
CA GLU D 96 -28.34 12.65 -16.55
C GLU D 96 -29.15 13.45 -15.52
N ASN D 97 -30.03 12.75 -14.79
CA ASN D 97 -30.93 13.23 -13.74
C ASN D 97 -30.35 13.26 -12.33
N PHE D 98 -30.39 14.44 -11.71
CA PHE D 98 -29.86 14.60 -10.36
C PHE D 98 -30.91 15.09 -9.39
N ASN D 99 -31.63 14.17 -8.75
CA ASN D 99 -32.73 14.55 -7.87
C ASN D 99 -32.25 14.76 -6.45
N MET D 100 -32.10 16.01 -6.08
CA MET D 100 -31.51 16.41 -4.82
C MET D 100 -32.40 16.05 -3.65
N TRP D 101 -33.68 15.87 -3.92
CA TRP D 101 -34.61 15.63 -2.86
C TRP D 101 -34.86 14.16 -2.63
N LYS D 102 -34.23 13.31 -3.44
CA LYS D 102 -34.42 11.87 -3.32
C LYS D 102 -33.06 11.19 -3.25
N ASN D 103 -32.07 11.96 -2.86
CA ASN D 103 -30.71 11.51 -2.78
C ASN D 103 -30.44 10.83 -1.45
N ASN D 104 -29.38 10.02 -1.40
CA ASN D 104 -28.98 9.30 -0.20
C ASN D 104 -27.74 9.88 0.46
N MET D 105 -26.99 10.70 -0.29
CA MET D 105 -25.72 11.25 0.19
C MET D 105 -25.99 12.20 1.36
N VAL D 106 -27.21 12.68 1.36
CA VAL D 106 -27.76 13.60 2.32
C VAL D 106 -27.87 12.93 3.68
N GLU D 107 -28.27 11.65 3.70
CA GLU D 107 -28.43 10.96 4.95
C GLU D 107 -27.08 10.66 5.53
N GLN D 108 -26.10 10.36 4.67
CA GLN D 108 -24.79 10.10 5.24
C GLN D 108 -24.26 11.37 5.88
N MET D 109 -24.48 12.51 5.21
CA MET D 109 -24.02 13.76 5.76
C MET D 109 -24.71 14.04 7.07
N HIS D 110 -26.00 13.76 7.13
CA HIS D 110 -26.76 13.98 8.34
C HIS D 110 -26.26 13.19 9.52
N GLU D 111 -26.05 11.89 9.34
CA GLU D 111 -25.64 11.11 10.49
C GLU D 111 -24.28 11.55 11.02
N ASP D 112 -23.36 11.91 10.14
CA ASP D 112 -22.05 12.32 10.61
C ASP D 112 -22.09 13.66 11.33
N ILE D 113 -22.93 14.59 10.87
CA ILE D 113 -23.03 15.87 11.55
C ILE D 113 -23.65 15.65 12.93
N ILE D 114 -24.65 14.79 13.05
CA ILE D 114 -25.21 14.54 14.35
C ILE D 114 -24.16 14.01 15.31
N SER D 115 -23.31 13.08 14.86
CA SER D 115 -22.28 12.57 15.74
C SER D 115 -21.33 13.69 16.15
N LEU D 116 -20.97 14.55 15.21
CA LEU D 116 -20.09 15.68 15.48
C LEU D 116 -20.62 16.57 16.56
N TRP D 117 -21.89 16.94 16.45
CA TRP D 117 -22.50 17.80 17.43
C TRP D 117 -22.70 17.14 18.79
N ASP D 118 -23.12 15.88 18.81
CA ASP D 118 -23.37 15.24 20.09
C ASP D 118 -22.08 15.08 20.88
N GLN D 119 -20.99 14.91 20.16
CA GLN D 119 -19.66 14.70 20.68
C GLN D 119 -18.89 15.98 20.98
N SER D 120 -19.48 17.17 20.76
CA SER D 120 -18.76 18.41 20.95
C SER D 120 -19.49 19.49 21.72
N LEU D 121 -20.44 20.16 21.08
CA LEU D 121 -21.15 21.26 21.71
C LEU D 121 -22.26 20.72 22.59
N LYS D 122 -21.83 20.14 23.69
CA LYS D 122 -22.69 19.49 24.64
C LYS D 122 -23.43 20.48 25.53
N PRO D 123 -24.75 20.32 25.72
CA PRO D 123 -25.56 21.06 26.64
C PRO D 123 -25.30 20.50 28.02
N CYS D 124 -25.54 21.32 29.06
CA CYS D 124 -25.49 20.90 30.46
C CYS D 124 -26.66 19.98 30.76
N VAL D 125 -27.83 20.31 30.21
CA VAL D 125 -28.98 19.44 30.43
C VAL D 125 -29.61 19.05 29.12
N LYS D 126 -29.76 17.75 28.89
CA LYS D 126 -30.37 17.29 27.64
C LYS D 126 -31.67 16.54 27.93
N LEU D 127 -32.73 16.94 27.25
CA LEU D 127 -34.03 16.33 27.47
C LEU D 127 -34.57 15.64 26.24
N THR D 128 -34.77 14.34 26.36
CA THR D 128 -35.26 13.48 25.29
C THR D 128 -36.67 12.96 25.63
N PRO D 129 -37.65 13.00 24.73
CA PRO D 129 -38.99 12.46 24.94
C PRO D 129 -38.93 10.97 25.28
N LEU D 130 -39.84 10.50 26.17
CA LEU D 130 -39.96 9.11 26.65
C LEU D 130 -41.45 8.79 26.79
N ASN D 213 -43.94 11.28 29.55
CA ASN D 213 -42.66 11.03 30.20
C ASN D 213 -41.48 11.53 29.32
N THR D 214 -40.35 11.85 30.00
CA THR D 214 -39.07 12.29 29.46
C THR D 214 -37.93 11.52 30.08
N SER D 215 -36.78 11.61 29.45
CA SER D 215 -35.52 11.04 29.91
C SER D 215 -34.47 12.14 29.88
N VAL D 216 -33.97 12.50 31.06
CA VAL D 216 -33.06 13.63 31.14
C VAL D 216 -31.72 13.26 31.72
N ILE D 217 -30.68 13.71 31.04
CA ILE D 217 -29.31 13.47 31.48
C ILE D 217 -28.57 14.78 31.61
N THR D 218 -27.48 14.77 32.37
CA THR D 218 -26.69 15.99 32.50
C THR D 218 -25.25 15.78 32.12
N GLN D 219 -24.62 16.87 31.70
CA GLN D 219 -23.23 16.92 31.26
C GLN D 219 -22.56 18.19 31.76
N ALA D 220 -21.24 18.19 31.83
CA ALA D 220 -20.54 19.44 32.11
C ALA D 220 -20.57 20.27 30.82
N CYS D 221 -20.44 21.62 30.92
CA CYS D 221 -20.37 22.54 29.77
C CYS D 221 -18.99 23.23 29.65
N PRO D 222 -17.93 22.51 29.24
CA PRO D 222 -16.67 23.12 28.98
C PRO D 222 -16.95 23.88 27.71
N LYS D 223 -16.27 24.96 27.45
CA LYS D 223 -16.54 25.63 26.20
C LYS D 223 -15.46 25.40 25.21
N VAL D 224 -15.88 25.29 23.97
CA VAL D 224 -15.00 25.12 22.85
C VAL D 224 -15.37 26.11 21.78
N SER D 225 -14.43 26.43 20.89
CA SER D 225 -14.76 27.29 19.77
C SER D 225 -15.45 26.48 18.71
N PHE D 226 -16.13 27.17 17.82
CA PHE D 226 -16.83 26.48 16.77
C PHE D 226 -16.78 27.25 15.46
N GLU D 227 -15.98 26.71 14.56
CA GLU D 227 -15.73 27.30 13.25
C GLU D 227 -15.73 26.21 12.16
N PRO D 228 -16.87 25.94 11.53
CA PRO D 228 -17.07 24.91 10.53
C PRO D 228 -16.03 25.02 9.43
N ILE D 229 -15.50 23.87 9.03
CA ILE D 229 -14.45 23.74 8.03
C ILE D 229 -15.08 22.97 6.91
N PRO D 230 -14.61 23.06 5.67
CA PRO D 230 -15.15 22.29 4.60
C PRO D 230 -14.87 20.82 4.80
N ILE D 231 -15.89 20.01 4.60
CA ILE D 231 -15.77 18.57 4.67
C ILE D 231 -16.37 18.01 3.40
N HIS D 232 -15.78 16.98 2.83
CA HIS D 232 -16.34 16.38 1.64
C HIS D 232 -16.40 14.89 1.70
N TYR D 233 -17.29 14.33 0.88
CA TYR D 233 -17.47 12.89 0.84
C TYR D 233 -16.76 12.27 -0.34
N CYS D 234 -16.22 11.06 -0.14
CA CYS D 234 -15.44 10.29 -1.10
C CYS D 234 -15.96 8.86 -1.24
N ALA D 235 -15.91 8.37 -2.48
CA ALA D 235 -16.33 7.04 -2.86
C ALA D 235 -15.38 5.94 -2.37
N PRO D 236 -15.91 4.80 -1.89
CA PRO D 236 -15.19 3.60 -1.55
C PRO D 236 -14.84 2.88 -2.84
N ALA D 237 -13.92 1.93 -2.78
CA ALA D 237 -13.55 1.19 -3.98
C ALA D 237 -14.75 0.56 -4.67
N GLY D 238 -14.78 0.70 -6.00
CA GLY D 238 -15.83 0.17 -6.86
C GLY D 238 -16.91 1.21 -7.19
N PHE D 239 -16.89 2.34 -6.50
CA PHE D 239 -17.87 3.40 -6.70
C PHE D 239 -17.32 4.70 -7.21
N ALA D 240 -18.19 5.50 -7.79
CA ALA D 240 -17.81 6.84 -8.21
C ALA D 240 -18.98 7.77 -8.05
N ILE D 241 -18.68 9.05 -7.97
CA ILE D 241 -19.72 10.05 -7.82
C ILE D 241 -19.89 10.84 -9.11
N LEU D 242 -21.09 10.88 -9.63
CA LEU D 242 -21.30 11.67 -10.83
C LEU D 242 -21.72 13.02 -10.37
N LYS D 243 -21.35 14.04 -11.10
CA LYS D 243 -21.79 15.37 -10.74
C LYS D 243 -22.26 16.17 -11.95
N CYS D 244 -23.22 17.10 -11.73
CA CYS D 244 -23.75 18.00 -12.75
C CYS D 244 -22.98 19.33 -12.72
N ASN D 245 -22.46 19.71 -13.86
CA ASN D 245 -21.67 20.90 -14.04
C ASN D 245 -22.37 21.97 -14.88
N SER D 246 -23.67 21.83 -15.05
CA SER D 246 -24.46 22.77 -15.83
C SER D 246 -24.81 23.99 -15.01
N LYS D 247 -25.42 24.98 -15.66
CA LYS D 247 -25.88 26.15 -14.95
C LYS D 247 -27.38 26.05 -14.69
N THR D 248 -28.08 25.28 -15.53
CA THR D 248 -29.51 25.07 -15.43
C THR D 248 -29.76 23.62 -15.09
N PHE D 249 -30.53 23.40 -14.05
CA PHE D 249 -30.78 22.05 -13.59
C PHE D 249 -32.25 21.65 -13.63
N ASN D 250 -33.14 22.64 -13.68
CA ASN D 250 -34.56 22.36 -13.57
C ASN D 250 -34.82 21.54 -12.31
N GLY D 251 -34.21 21.94 -11.19
CA GLY D 251 -34.40 21.20 -9.97
C GLY D 251 -33.76 19.82 -10.07
N SER D 252 -34.62 18.81 -10.05
CA SER D 252 -34.31 17.39 -10.11
C SER D 252 -34.17 16.81 -11.51
N GLY D 253 -34.41 17.63 -12.51
CA GLY D 253 -34.40 17.16 -13.88
C GLY D 253 -32.99 16.84 -14.39
N PRO D 254 -32.89 16.45 -15.67
CA PRO D 254 -31.68 16.09 -16.37
C PRO D 254 -30.89 17.32 -16.68
N CYS D 255 -29.55 17.17 -16.85
CA CYS D 255 -28.66 18.22 -17.31
C CYS D 255 -27.70 17.58 -18.28
N THR D 256 -27.07 18.41 -19.11
CA THR D 256 -26.19 17.94 -20.18
C THR D 256 -24.67 18.02 -19.99
N ASN D 257 -24.19 18.35 -18.78
CA ASN D 257 -22.78 18.44 -18.45
C ASN D 257 -22.48 17.56 -17.23
N VAL D 258 -22.01 16.31 -17.46
CA VAL D 258 -21.80 15.31 -16.40
C VAL D 258 -20.36 14.85 -16.34
N SER D 259 -19.79 14.90 -15.15
CA SER D 259 -18.42 14.45 -14.93
C SER D 259 -18.34 13.47 -13.77
N THR D 260 -17.24 12.73 -13.71
CA THR D 260 -17.04 11.74 -12.68
C THR D 260 -15.88 12.07 -11.76
N VAL D 261 -16.17 12.02 -10.47
CA VAL D 261 -15.17 12.30 -9.46
C VAL D 261 -15.13 11.23 -8.40
N GLN D 262 -14.06 11.22 -7.64
CA GLN D 262 -14.00 10.36 -6.48
C GLN D 262 -14.52 11.05 -5.20
N CYS D 263 -14.41 12.40 -5.10
CA CYS D 263 -14.77 13.21 -3.94
C CYS D 263 -15.58 14.44 -4.37
N THR D 264 -16.47 14.87 -3.49
CA THR D 264 -17.31 16.06 -3.68
C THR D 264 -16.58 17.34 -3.30
N HIS D 265 -17.18 18.47 -3.66
CA HIS D 265 -16.68 19.78 -3.26
C HIS D 265 -16.86 19.86 -1.76
N GLY D 266 -15.95 20.49 -1.04
CA GLY D 266 -16.13 20.62 0.40
C GLY D 266 -17.30 21.52 0.76
N ILE D 267 -17.99 21.15 1.83
CA ILE D 267 -19.11 21.89 2.37
C ILE D 267 -18.87 22.20 3.82
N ARG D 268 -18.98 23.45 4.22
CA ARG D 268 -18.84 23.71 5.64
C ARG D 268 -20.18 23.27 6.27
N PRO D 269 -20.20 22.45 7.33
CA PRO D 269 -21.41 21.96 7.99
C PRO D 269 -22.06 23.01 8.89
N VAL D 270 -22.52 24.08 8.27
CA VAL D 270 -23.15 25.20 8.94
C VAL D 270 -24.63 24.88 9.07
N VAL D 271 -25.20 25.14 10.24
CA VAL D 271 -26.61 24.87 10.52
C VAL D 271 -27.42 26.14 10.73
N SER D 272 -27.18 27.13 9.88
CA SER D 272 -27.90 28.38 9.95
C SER D 272 -29.33 28.14 9.49
N THR D 273 -30.27 29.03 9.84
CA THR D 273 -31.64 28.74 9.44
C THR D 273 -32.37 29.54 8.36
N GLN D 274 -32.47 30.88 8.40
CA GLN D 274 -33.29 31.51 7.36
C GLN D 274 -32.44 31.88 6.19
N LEU D 275 -31.22 32.24 6.49
CA LEU D 275 -30.26 32.58 5.49
C LEU D 275 -29.36 31.36 5.46
N LEU D 276 -28.82 31.06 4.32
CA LEU D 276 -27.90 29.95 4.24
C LEU D 276 -26.52 30.54 4.29
N LEU D 277 -25.80 30.26 5.35
CA LEU D 277 -24.50 30.90 5.48
C LEU D 277 -23.34 29.98 5.08
N ASN D 278 -22.27 30.62 4.53
CA ASN D 278 -20.96 30.11 4.12
C ASN D 278 -21.02 28.90 3.16
N GLY D 279 -21.97 28.90 2.19
CA GLY D 279 -22.14 27.84 1.20
C GLY D 279 -21.52 28.21 -0.12
N SER D 280 -21.83 27.43 -1.15
CA SER D 280 -21.29 27.71 -2.47
C SER D 280 -22.19 28.67 -3.24
N LEU D 281 -21.65 29.27 -4.28
CA LEU D 281 -22.43 30.17 -5.12
C LEU D 281 -22.86 29.54 -6.43
N ALA D 282 -23.94 30.10 -6.98
CA ALA D 282 -24.54 29.68 -8.25
C ALA D 282 -23.74 30.24 -9.43
N GLU D 283 -22.80 31.12 -9.12
CA GLU D 283 -21.87 31.76 -10.03
C GLU D 283 -22.45 32.77 -11.02
N GLU D 284 -23.40 32.35 -11.85
CA GLU D 284 -23.91 33.26 -12.86
C GLU D 284 -25.29 33.84 -12.59
N GLU D 285 -26.18 33.05 -12.05
CA GLU D 285 -27.55 33.49 -11.84
C GLU D 285 -28.09 32.94 -10.56
N ILE D 286 -29.11 33.56 -10.05
CA ILE D 286 -29.75 33.02 -8.88
C ILE D 286 -30.57 31.83 -9.31
N VAL D 287 -30.39 30.72 -8.64
CA VAL D 287 -31.10 29.50 -8.99
C VAL D 287 -32.10 29.17 -7.92
N ILE D 288 -33.35 29.05 -8.33
CA ILE D 288 -34.42 28.81 -7.37
C ILE D 288 -34.95 27.39 -7.55
N ARG D 289 -34.92 26.61 -6.48
CA ARG D 289 -35.30 25.21 -6.59
C ARG D 289 -36.34 24.68 -5.60
N SER D 290 -37.24 23.87 -6.12
CA SER D 290 -38.26 23.18 -5.33
C SER D 290 -38.74 21.93 -6.01
N GLU D 291 -39.14 20.93 -5.22
CA GLU D 291 -39.77 19.75 -5.81
C GLU D 291 -41.05 20.11 -6.58
N ASN D 292 -41.83 21.09 -6.05
CA ASN D 292 -43.08 21.61 -6.59
C ASN D 292 -43.18 23.09 -6.18
N ILE D 293 -42.79 24.01 -7.09
CA ILE D 293 -42.70 25.46 -6.83
C ILE D 293 -44.10 26.04 -6.55
N THR D 294 -45.15 25.27 -6.87
CA THR D 294 -46.50 25.71 -6.63
C THR D 294 -47.28 24.96 -5.55
N ASP D 295 -46.70 23.99 -4.79
CA ASP D 295 -47.63 23.32 -3.86
C ASP D 295 -47.75 23.99 -2.50
N ASN D 296 -46.96 25.02 -2.26
CA ASN D 296 -46.93 25.75 -1.02
C ASN D 296 -46.75 24.81 0.19
N ALA D 297 -45.92 23.79 0.04
CA ALA D 297 -45.65 22.86 1.12
C ALA D 297 -44.16 22.68 1.19
N LYS D 298 -43.52 22.82 0.04
CA LYS D 298 -42.08 22.62 -0.01
C LYS D 298 -41.37 23.92 0.29
N THR D 299 -40.17 23.82 0.86
CA THR D 299 -39.31 24.98 1.07
C THR D 299 -38.58 25.22 -0.22
N ILE D 300 -38.50 26.47 -0.61
CA ILE D 300 -37.86 26.87 -1.82
C ILE D 300 -36.45 27.34 -1.54
N ILE D 301 -35.51 26.69 -2.17
CA ILE D 301 -34.12 27.00 -1.95
C ILE D 301 -33.63 28.02 -2.93
N VAL D 302 -33.08 29.10 -2.43
CA VAL D 302 -32.57 30.12 -3.32
C VAL D 302 -31.06 30.18 -3.18
N GLN D 303 -30.37 29.91 -4.27
CA GLN D 303 -28.92 29.96 -4.25
C GLN D 303 -28.46 31.21 -4.96
N LEU D 304 -27.63 31.99 -4.30
CA LEU D 304 -27.21 33.24 -4.90
C LEU D 304 -25.99 33.07 -5.74
N ASN D 305 -25.84 33.93 -6.74
CA ASN D 305 -24.65 33.95 -7.56
C ASN D 305 -23.56 34.84 -7.00
N GLU D 306 -23.89 35.55 -5.93
CA GLU D 306 -22.96 36.43 -5.25
C GLU D 306 -23.21 36.34 -3.76
N ALA D 307 -22.16 36.48 -2.95
CA ALA D 307 -22.37 36.47 -1.51
C ALA D 307 -22.58 37.87 -0.97
N VAL D 308 -23.37 37.96 0.08
CA VAL D 308 -23.59 39.22 0.79
C VAL D 308 -23.09 39.09 2.22
N GLU D 309 -22.21 39.98 2.64
CA GLU D 309 -21.67 39.85 3.99
C GLU D 309 -22.63 40.31 5.07
N ILE D 310 -22.63 39.56 6.17
CA ILE D 310 -23.38 39.89 7.36
C ILE D 310 -22.43 40.02 8.59
N ASN D 311 -22.21 41.27 9.07
CA ASN D 311 -21.22 41.54 10.10
C ASN D 311 -21.86 41.50 11.49
N CYS D 312 -21.91 40.27 12.07
CA CYS D 312 -22.50 39.97 13.38
C CYS D 312 -21.46 40.09 14.48
N THR D 313 -21.78 40.93 15.46
CA THR D 313 -20.91 41.21 16.59
C THR D 313 -21.62 41.23 17.94
N ARG D 314 -20.93 40.68 18.94
CA ARG D 314 -21.31 40.72 20.35
C ARG D 314 -20.12 41.40 21.05
N PRO D 315 -20.15 42.73 21.25
CA PRO D 315 -19.07 43.56 21.76
C PRO D 315 -18.68 43.39 23.23
N ASN D 316 -17.45 43.80 23.55
CA ASN D 316 -16.87 43.74 24.90
C ASN D 316 -17.58 44.57 25.96
N ASN D 317 -18.41 45.52 25.56
CA ASN D 317 -19.08 46.36 26.53
C ASN D 317 -20.41 45.78 27.01
N ASN D 318 -20.78 44.62 26.50
CA ASN D 318 -22.03 44.04 26.96
C ASN D 318 -21.83 43.26 28.24
N THR D 319 -21.78 44.01 29.33
CA THR D 319 -21.51 43.48 30.66
C THR D 319 -22.70 43.60 31.61
N ARG D 320 -23.76 44.22 31.14
CA ARG D 320 -24.95 44.50 31.97
C ARG D 320 -25.97 43.32 32.04
N LYS D 321 -26.77 43.30 33.12
CA LYS D 321 -27.86 42.34 33.36
C LYS D 321 -28.65 42.83 34.56
N ASN D 340 -26.48 44.79 27.30
CA ASN D 340 -26.64 43.64 28.17
C ASN D 340 -25.88 42.45 27.57
N ILE D 341 -25.48 41.50 28.43
CA ILE D 341 -24.66 40.31 28.10
C ILE D 341 -25.23 39.34 27.05
N ARG D 342 -26.54 39.38 26.82
CA ARG D 342 -27.15 38.53 25.82
C ARG D 342 -27.54 39.28 24.56
N GLN D 343 -27.14 40.54 24.42
CA GLN D 343 -27.47 41.31 23.23
C GLN D 343 -26.37 41.23 22.17
N ALA D 344 -26.77 41.37 20.92
CA ALA D 344 -25.85 41.37 19.78
C ALA D 344 -26.49 42.11 18.59
N HIS D 345 -25.68 42.46 17.60
CA HIS D 345 -26.24 43.09 16.39
C HIS D 345 -25.52 42.63 15.11
N CYS D 346 -26.20 42.67 13.92
CA CYS D 346 -25.56 42.34 12.62
C CYS D 346 -25.78 43.45 11.58
N ASN D 347 -24.72 43.84 10.89
CA ASN D 347 -24.77 44.91 9.90
C ASN D 347 -24.67 44.40 8.45
N ILE D 348 -25.72 44.65 7.63
CA ILE D 348 -25.87 44.26 6.21
C ILE D 348 -25.92 45.46 5.24
N SER D 349 -25.11 45.43 4.18
CA SER D 349 -25.13 46.53 3.20
C SER D 349 -26.49 46.68 2.55
N LYS D 350 -26.95 47.94 2.41
CA LYS D 350 -28.26 48.18 1.82
C LYS D 350 -28.19 48.00 0.35
N ALA D 351 -27.09 48.45 -0.24
CA ALA D 351 -26.96 48.33 -1.67
C ALA D 351 -26.92 46.88 -2.07
N ARG D 352 -26.24 46.05 -1.26
CA ARG D 352 -26.13 44.66 -1.60
C ARG D 352 -27.42 43.94 -1.40
N TRP D 353 -28.12 44.26 -0.31
CA TRP D 353 -29.35 43.57 -0.05
C TRP D 353 -30.35 43.93 -1.13
N ASN D 354 -30.46 45.20 -1.46
CA ASN D 354 -31.46 45.62 -2.42
C ASN D 354 -31.21 45.05 -3.79
N GLU D 355 -29.94 44.96 -4.20
CA GLU D 355 -29.65 44.42 -5.50
C GLU D 355 -29.96 42.93 -5.54
N THR D 356 -29.61 42.22 -4.46
CA THR D 356 -29.83 40.81 -4.42
C THR D 356 -31.31 40.48 -4.49
N LEU D 357 -32.11 41.21 -3.74
CA LEU D 357 -33.52 40.90 -3.68
C LEU D 357 -34.19 41.27 -4.98
N GLY D 358 -33.75 42.34 -5.64
CA GLY D 358 -34.32 42.67 -6.95
C GLY D 358 -34.04 41.54 -7.94
N GLN D 359 -32.83 40.97 -7.88
CA GLN D 359 -32.46 39.87 -8.76
C GLN D 359 -33.28 38.62 -8.46
N ILE D 360 -33.57 38.38 -7.18
CA ILE D 360 -34.37 37.23 -6.82
C ILE D 360 -35.74 37.40 -7.44
N VAL D 361 -36.32 38.59 -7.34
CA VAL D 361 -37.63 38.83 -7.92
C VAL D 361 -37.62 38.61 -9.41
N ALA D 362 -36.59 39.06 -10.09
CA ALA D 362 -36.54 38.88 -11.53
C ALA D 362 -36.66 37.40 -11.87
N LYS D 363 -36.09 36.53 -11.04
CA LYS D 363 -36.19 35.11 -11.31
C LYS D 363 -37.54 34.56 -10.80
N LEU D 364 -38.11 35.12 -9.73
CA LEU D 364 -39.38 34.60 -9.23
C LEU D 364 -40.46 34.80 -10.29
N GLU D 365 -40.34 35.90 -11.03
CA GLU D 365 -41.25 36.30 -12.10
C GLU D 365 -41.29 35.30 -13.25
N GLU D 366 -40.30 34.42 -13.34
CA GLU D 366 -40.30 33.42 -14.39
C GLU D 366 -41.39 32.39 -14.14
N GLN D 367 -41.70 32.13 -12.86
CA GLN D 367 -42.72 31.15 -12.52
C GLN D 367 -44.01 31.86 -12.15
N PHE D 368 -43.88 33.10 -11.67
CA PHE D 368 -45.01 33.88 -11.23
C PHE D 368 -45.00 35.26 -11.89
N PRO D 369 -45.19 35.34 -13.22
CA PRO D 369 -45.08 36.53 -14.07
C PRO D 369 -46.14 37.60 -13.81
N ASN D 370 -47.21 37.21 -13.14
CA ASN D 370 -48.31 38.09 -12.86
C ASN D 370 -48.52 38.37 -11.39
N LYS D 371 -47.50 38.11 -10.57
CA LYS D 371 -47.60 38.37 -9.14
C LYS D 371 -46.69 39.54 -8.73
N THR D 372 -47.02 40.20 -7.59
CA THR D 372 -46.39 41.33 -6.88
C THR D 372 -47.54 42.29 -6.57
N PHE D 375 -39.75 38.43 1.94
CA PHE D 375 -40.42 39.62 1.42
C PHE D 375 -41.57 40.14 2.35
N ASN D 376 -41.83 39.40 3.45
CA ASN D 376 -42.79 39.66 4.53
C ASN D 376 -42.22 39.00 5.78
N HIS D 377 -42.84 39.28 6.95
CA HIS D 377 -42.52 38.77 8.27
C HIS D 377 -42.92 37.31 8.37
N SER D 378 -42.15 36.51 9.08
CA SER D 378 -42.49 35.12 9.23
C SER D 378 -43.77 34.97 10.05
N SER D 379 -44.44 33.83 9.89
CA SER D 379 -45.67 33.54 10.60
C SER D 379 -45.54 33.17 12.08
N GLY D 380 -44.42 32.59 12.47
CA GLY D 380 -44.29 32.15 13.85
C GLY D 380 -43.94 30.67 13.95
N GLY D 381 -43.60 30.25 15.16
CA GLY D 381 -43.17 28.89 15.41
C GLY D 381 -42.01 28.91 16.40
N ASP D 382 -41.28 27.82 16.47
CA ASP D 382 -40.16 27.71 17.37
C ASP D 382 -39.21 28.87 17.04
N PRO D 383 -38.56 29.49 18.03
CA PRO D 383 -37.71 30.66 17.85
C PRO D 383 -36.54 30.43 16.90
N GLU D 384 -36.10 29.19 16.74
CA GLU D 384 -34.99 28.88 15.82
C GLU D 384 -35.38 29.08 14.37
N ILE D 385 -36.68 29.10 14.11
CA ILE D 385 -37.21 29.26 12.78
C ILE D 385 -37.63 30.68 12.58
N VAL D 386 -38.25 31.24 13.61
CA VAL D 386 -38.80 32.57 13.55
C VAL D 386 -37.72 33.61 13.32
N THR D 387 -36.60 33.47 14.03
CA THR D 387 -35.47 34.34 13.83
C THR D 387 -34.41 33.63 13.04
N HIS D 388 -33.47 34.38 12.54
CA HIS D 388 -32.40 33.75 11.83
C HIS D 388 -31.34 33.34 12.76
N SER D 389 -31.39 32.08 13.11
CA SER D 389 -30.45 31.54 14.03
C SER D 389 -29.23 30.96 13.36
N PHE D 390 -28.15 30.91 14.13
CA PHE D 390 -26.90 30.25 13.73
C PHE D 390 -25.96 30.00 14.92
N ASN D 391 -25.02 29.08 14.75
CA ASN D 391 -24.01 28.83 15.79
C ASN D 391 -22.63 29.34 15.32
N CYS D 392 -22.09 30.36 16.01
CA CYS D 392 -20.85 31.06 15.68
C CYS D 392 -19.99 31.27 16.93
N GLY D 393 -18.82 30.61 16.97
CA GLY D 393 -17.91 30.78 18.10
C GLY D 393 -18.34 29.96 19.28
N GLY D 394 -19.38 29.16 19.06
CA GLY D 394 -19.99 28.33 20.07
C GLY D 394 -21.23 29.01 20.63
N GLU D 395 -21.46 30.28 20.26
CA GLU D 395 -22.65 30.95 20.77
C GLU D 395 -23.82 30.69 19.85
N PHE D 396 -25.00 30.61 20.43
CA PHE D 396 -26.20 30.45 19.64
C PHE D 396 -26.94 31.76 19.49
N PHE D 397 -26.93 32.27 18.26
CA PHE D 397 -27.51 33.53 17.88
C PHE D 397 -28.91 33.36 17.36
N TYR D 398 -29.77 34.30 17.71
CA TYR D 398 -31.15 34.44 17.22
C TYR D 398 -31.40 35.85 16.69
N CYS D 399 -31.30 36.08 15.35
CA CYS D 399 -31.37 37.42 14.74
C CYS D 399 -32.73 37.77 14.11
N ASN D 400 -33.20 38.96 14.46
CA ASN D 400 -34.44 39.51 13.92
C ASN D 400 -34.16 40.15 12.55
N THR D 401 -34.71 39.51 11.49
CA THR D 401 -34.57 39.79 10.06
C THR D 401 -35.72 40.59 9.49
N THR D 402 -36.58 41.12 10.35
CA THR D 402 -37.68 41.94 9.84
C THR D 402 -37.19 43.01 8.86
N PRO D 403 -36.09 43.77 9.13
CA PRO D 403 -35.56 44.80 8.24
C PRO D 403 -35.13 44.29 6.87
N LEU D 404 -34.92 42.99 6.73
CA LEU D 404 -34.51 42.41 5.47
C LEU D 404 -35.68 41.91 4.63
N PHE D 405 -36.72 41.45 5.31
CA PHE D 405 -37.87 40.88 4.64
C PHE D 405 -39.14 41.66 4.96
N ASN D 406 -39.44 42.68 4.11
CA ASN D 406 -40.50 43.66 4.28
C ASN D 406 -41.04 43.99 2.89
N GLN D 423 -26.63 53.08 4.55
CA GLN D 423 -26.09 51.73 4.58
C GLN D 423 -26.20 51.13 6.01
N ASN D 424 -25.72 49.87 6.18
CA ASN D 424 -25.66 49.12 7.45
C ASN D 424 -27.04 48.91 8.09
N ILE D 425 -27.81 47.94 7.55
CA ILE D 425 -29.12 47.50 8.04
C ILE D 425 -28.79 46.76 9.32
N THR D 426 -29.41 47.09 10.44
CA THR D 426 -28.98 46.41 11.64
C THR D 426 -30.01 45.42 12.16
N LEU D 427 -29.60 44.16 12.25
CA LEU D 427 -30.47 43.10 12.73
C LEU D 427 -30.35 43.11 14.21
N GLN D 428 -31.43 42.79 14.87
CA GLN D 428 -31.41 42.78 16.33
C GLN D 428 -31.25 41.34 16.81
N CYS D 429 -30.10 40.98 17.42
CA CYS D 429 -29.76 39.59 17.77
C CYS D 429 -29.63 39.37 19.26
N ARG D 430 -29.99 38.16 19.66
CA ARG D 430 -29.81 37.75 21.04
C ARG D 430 -29.06 36.43 21.12
N ILE D 431 -28.41 36.22 22.25
CA ILE D 431 -27.73 34.97 22.53
C ILE D 431 -28.56 34.22 23.56
N LYS D 432 -28.90 32.96 23.29
CA LYS D 432 -29.75 32.22 24.21
C LYS D 432 -29.14 30.93 24.77
N GLN D 433 -29.62 30.52 25.96
CA GLN D 433 -29.17 29.29 26.60
C GLN D 433 -30.15 28.14 26.47
N ILE D 434 -31.44 28.43 26.33
CA ILE D 434 -32.41 27.34 26.24
C ILE D 434 -32.77 27.20 24.79
N ILE D 435 -32.39 26.07 24.22
CA ILE D 435 -32.47 25.82 22.80
C ILE D 435 -33.26 24.58 22.40
N ASN D 436 -34.12 24.71 21.39
CA ASN D 436 -34.85 23.57 20.87
C ASN D 436 -33.86 22.87 19.95
N MET D 437 -33.65 21.58 20.13
CA MET D 437 -32.62 20.91 19.33
C MET D 437 -33.05 20.73 17.89
N TRP D 438 -32.08 20.82 16.95
CA TRP D 438 -32.37 20.62 15.54
C TRP D 438 -32.13 19.18 15.17
N GLN D 439 -31.48 18.48 16.07
CA GLN D 439 -31.02 17.12 15.91
C GLN D 439 -32.12 16.08 15.96
N GLY D 440 -33.24 16.45 16.54
CA GLY D 440 -34.37 15.58 16.74
C GLY D 440 -35.30 16.26 17.71
N VAL D 441 -36.40 15.64 18.07
CA VAL D 441 -37.25 16.33 19.01
C VAL D 441 -36.68 16.22 20.39
N GLY D 442 -36.55 17.37 21.03
CA GLY D 442 -36.01 17.47 22.36
C GLY D 442 -35.52 18.89 22.61
N LYS D 443 -35.09 19.15 23.83
CA LYS D 443 -34.63 20.47 24.26
C LYS D 443 -33.36 20.36 25.07
N ALA D 444 -32.55 21.41 25.05
CA ALA D 444 -31.36 21.35 25.88
C ALA D 444 -30.89 22.72 26.37
N MET D 445 -30.20 22.70 27.52
CA MET D 445 -29.62 23.91 28.10
C MET D 445 -28.12 23.98 27.96
N TYR D 446 -27.67 25.15 27.55
CA TYR D 446 -26.28 25.53 27.38
C TYR D 446 -25.82 26.55 28.42
N ALA D 447 -24.53 26.63 28.60
CA ALA D 447 -23.94 27.57 29.55
C ALA D 447 -24.21 29.03 29.15
N PRO D 448 -24.24 29.99 30.11
CA PRO D 448 -24.39 31.44 29.92
C PRO D 448 -23.29 31.98 29.00
N PRO D 449 -23.47 33.18 28.40
CA PRO D 449 -22.63 33.84 27.41
C PRO D 449 -21.18 34.08 27.81
N ILE D 450 -20.32 34.08 26.80
CA ILE D 450 -18.89 34.34 26.95
C ILE D 450 -18.59 35.82 27.17
N ARG D 451 -17.80 36.14 28.20
CA ARG D 451 -17.44 37.53 28.42
C ARG D 451 -16.21 37.88 27.60
N GLY D 452 -16.43 38.65 26.55
CA GLY D 452 -15.41 39.02 25.58
C GLY D 452 -16.10 39.44 24.30
N GLN D 453 -15.34 39.56 23.21
CA GLN D 453 -15.95 40.02 21.96
C GLN D 453 -15.88 39.02 20.84
N ILE D 454 -17.06 38.71 20.32
CA ILE D 454 -17.22 37.73 19.27
C ILE D 454 -17.77 38.32 17.98
N ARG D 455 -17.08 38.06 16.88
CA ARG D 455 -17.53 38.56 15.59
C ARG D 455 -17.53 37.40 14.59
N CYS D 456 -18.50 37.38 13.64
CA CYS D 456 -18.67 36.30 12.64
C CYS D 456 -18.35 36.74 11.22
N SER D 457 -18.86 37.90 10.76
CA SER D 457 -18.60 38.33 9.37
C SER D 457 -18.88 37.19 8.38
N SER D 458 -20.09 36.65 8.44
CA SER D 458 -20.45 35.49 7.64
C SER D 458 -20.88 35.89 6.22
N ASN D 459 -20.90 34.92 5.27
CA ASN D 459 -21.37 35.10 3.89
C ASN D 459 -22.78 34.52 3.70
N ILE D 460 -23.73 35.35 3.20
CA ILE D 460 -25.08 34.92 2.84
C ILE D 460 -24.94 34.46 1.40
N THR D 461 -25.10 33.17 1.19
CA THR D 461 -24.87 32.58 -0.12
C THR D 461 -26.16 32.01 -0.69
N GLY D 462 -27.21 32.21 0.07
CA GLY D 462 -28.53 31.68 -0.23
C GLY D 462 -29.48 31.98 0.89
N LEU D 463 -30.72 31.57 0.69
CA LEU D 463 -31.79 31.75 1.65
C LEU D 463 -32.91 30.76 1.43
N LEU D 464 -33.78 30.63 2.42
CA LEU D 464 -34.92 29.74 2.26
C LEU D 464 -36.22 30.50 2.29
N LEU D 465 -37.01 30.31 1.25
CA LEU D 465 -38.30 30.96 1.14
C LEU D 465 -39.46 30.00 1.17
N THR D 466 -40.57 30.45 1.70
CA THR D 466 -41.79 29.66 1.63
C THR D 466 -42.88 30.54 1.04
N ARG D 467 -43.85 29.94 0.39
CA ARG D 467 -44.93 30.72 -0.18
C ARG D 467 -46.26 30.11 0.22
N ASP D 468 -47.33 30.94 0.31
CA ASP D 468 -48.69 30.51 0.62
C ASP D 468 -49.64 31.53 -0.04
N PHE D 479 -43.74 34.94 -0.46
CA PHE D 479 -42.35 34.51 -0.34
C PHE D 479 -41.70 35.05 0.96
N ARG D 480 -41.91 34.35 2.08
CA ARG D 480 -41.41 34.65 3.44
C ARG D 480 -40.15 33.88 3.74
N PRO D 481 -39.27 34.36 4.60
CA PRO D 481 -38.12 33.63 5.06
C PRO D 481 -38.61 32.48 5.93
N GLY D 482 -37.89 31.38 5.92
CA GLY D 482 -38.24 30.24 6.77
C GLY D 482 -37.07 29.26 6.84
N GLY D 483 -37.30 28.06 7.33
CA GLY D 483 -36.17 27.15 7.44
C GLY D 483 -36.42 26.05 8.43
N GLY D 484 -35.36 25.36 8.83
CA GLY D 484 -35.44 24.22 9.73
C GLY D 484 -35.19 23.00 8.88
N ASN D 485 -35.40 21.80 9.40
CA ASN D 485 -35.11 20.60 8.63
C ASN D 485 -33.73 20.72 8.00
N MET D 486 -32.66 20.68 8.81
CA MET D 486 -31.32 20.97 8.30
C MET D 486 -30.89 20.11 7.13
N ARG D 487 -31.47 18.93 6.98
CA ARG D 487 -31.12 18.10 5.84
C ARG D 487 -31.38 18.82 4.51
N ASP D 488 -32.36 19.71 4.46
CA ASP D 488 -32.68 20.43 3.23
C ASP D 488 -31.68 21.53 2.93
N ASN D 489 -30.89 21.95 3.91
CA ASN D 489 -29.92 22.98 3.63
C ASN D 489 -28.74 22.27 3.01
N TRP D 490 -28.53 21.06 3.48
CA TRP D 490 -27.42 20.24 3.01
C TRP D 490 -27.70 19.80 1.60
N ARG D 491 -28.98 19.61 1.25
CA ARG D 491 -29.30 19.22 -0.11
C ARG D 491 -28.80 20.24 -1.10
N SER D 492 -28.85 21.52 -0.71
CA SER D 492 -28.39 22.60 -1.57
C SER D 492 -26.89 22.53 -1.71
N GLU D 493 -26.22 22.38 -0.61
CA GLU D 493 -24.76 22.40 -0.64
C GLU D 493 -24.17 21.18 -1.33
N LEU D 494 -24.90 20.08 -1.26
CA LEU D 494 -24.51 18.79 -1.79
C LEU D 494 -25.35 18.50 -3.02
N TYR D 495 -25.88 19.56 -3.60
CA TYR D 495 -26.66 19.54 -4.81
C TYR D 495 -25.79 19.14 -5.98
N LYS D 496 -26.38 18.35 -6.88
CA LYS D 496 -25.75 17.90 -8.13
C LYS D 496 -24.74 16.79 -7.99
N TYR D 497 -24.89 15.91 -7.00
CA TYR D 497 -24.02 14.74 -6.93
C TYR D 497 -24.83 13.48 -6.73
N LYS D 498 -24.37 12.37 -7.29
CA LYS D 498 -25.00 11.08 -7.04
C LYS D 498 -23.98 9.93 -7.04
N VAL D 499 -24.23 8.90 -6.25
CA VAL D 499 -23.34 7.74 -6.24
C VAL D 499 -23.85 6.66 -7.14
N VAL D 500 -22.98 6.20 -8.03
CA VAL D 500 -23.34 5.14 -8.94
C VAL D 500 -22.27 4.06 -8.97
N LYS D 501 -22.63 2.91 -9.50
CA LYS D 501 -21.66 1.85 -9.73
C LYS D 501 -21.81 1.36 -11.17
N ILE D 502 -20.78 0.72 -11.69
CA ILE D 502 -20.81 0.20 -13.07
C ILE D 502 -21.12 -1.26 -13.15
N GLU D 503 -22.05 -1.56 -14.06
CA GLU D 503 -22.50 -2.91 -14.35
C GLU D 503 -21.96 -3.27 -15.74
N PRO D 504 -20.84 -4.00 -15.84
CA PRO D 504 -20.08 -4.26 -17.05
C PRO D 504 -20.74 -5.16 -18.10
N LEU D 505 -21.81 -5.90 -17.79
CA LEU D 505 -22.42 -6.72 -18.84
C LEU D 505 -23.62 -6.09 -19.49
N GLY D 506 -23.70 -6.25 -20.80
CA GLY D 506 -24.86 -5.83 -21.57
C GLY D 506 -25.07 -6.80 -22.74
N ILE D 507 -26.25 -6.78 -23.29
CA ILE D 507 -26.63 -7.65 -24.42
C ILE D 507 -27.28 -6.92 -25.57
N ALA D 508 -26.86 -7.20 -26.79
CA ALA D 508 -27.47 -6.58 -27.96
C ALA D 508 -27.52 -7.59 -29.10
N PRO D 509 -28.45 -7.47 -30.06
CA PRO D 509 -28.49 -8.32 -31.23
C PRO D 509 -27.37 -7.97 -32.17
N THR D 510 -26.78 -8.98 -32.81
CA THR D 510 -25.75 -8.80 -33.82
C THR D 510 -25.88 -9.72 -35.02
N ALA D 511 -25.22 -9.34 -36.10
CA ALA D 511 -25.20 -10.18 -37.29
C ALA D 511 -24.06 -11.22 -37.29
N CYS D 512 -24.11 -12.19 -36.35
CA CYS D 512 -23.16 -13.30 -36.21
C CYS D 512 -23.83 -14.48 -35.54
N LYS D 513 -23.21 -15.65 -35.60
CA LYS D 513 -23.70 -16.80 -34.86
C LYS D 513 -22.54 -17.61 -34.26
N ARG D 514 -22.77 -18.19 -33.08
CA ARG D 514 -21.77 -19.11 -32.54
C ARG D 514 -21.73 -20.37 -33.40
N ARG D 515 -20.52 -20.85 -33.79
CA ARG D 515 -20.26 -22.06 -34.59
C ARG D 515 -21.34 -22.31 -35.68
N ALA E 6 -7.88 -0.81 -14.14
CA ALA E 6 -8.10 0.28 -15.11
C ALA E 6 -9.02 -0.14 -16.30
N PHE E 7 -9.66 -1.33 -16.23
CA PHE E 7 -10.55 -1.88 -17.25
C PHE E 7 -11.72 -0.97 -17.49
N ILE E 8 -12.39 -0.56 -16.44
CA ILE E 8 -13.51 0.33 -16.64
C ILE E 8 -13.04 1.71 -17.08
N LEU E 9 -11.94 2.20 -16.54
CA LEU E 9 -11.56 3.57 -16.87
C LEU E 9 -11.34 3.77 -18.36
N GLY E 10 -10.77 2.79 -19.06
CA GLY E 10 -10.52 2.93 -20.47
C GLY E 10 -11.77 2.77 -21.36
N PHE E 11 -12.87 2.35 -20.76
CA PHE E 11 -14.11 2.08 -21.47
C PHE E 11 -15.19 3.12 -21.17
N LEU E 12 -15.24 3.60 -19.93
CA LEU E 12 -16.25 4.54 -19.44
C LEU E 12 -16.15 5.89 -20.10
N GLY E 13 -14.96 6.23 -20.58
CA GLY E 13 -14.78 7.51 -21.25
C GLY E 13 -15.58 7.56 -22.56
N ALA E 14 -16.07 6.40 -23.04
CA ALA E 14 -16.87 6.33 -24.24
C ALA E 14 -18.33 6.65 -23.96
N ALA E 15 -18.69 6.85 -22.70
CA ALA E 15 -20.07 7.14 -22.39
C ALA E 15 -20.46 8.40 -23.15
N GLY E 16 -21.64 8.40 -23.71
CA GLY E 16 -22.16 9.53 -24.48
C GLY E 16 -22.03 9.30 -25.99
N SER E 17 -21.22 8.33 -26.40
CA SER E 17 -21.07 8.00 -27.81
C SER E 17 -21.99 6.81 -28.09
N THR E 18 -22.19 6.47 -29.35
CA THR E 18 -23.05 5.34 -29.67
C THR E 18 -22.37 4.01 -29.41
N MET E 19 -23.18 2.95 -29.41
CA MET E 19 -22.67 1.60 -29.16
C MET E 19 -21.66 1.21 -30.22
N GLY E 20 -21.97 1.51 -31.48
CA GLY E 20 -21.05 1.20 -32.56
C GLY E 20 -19.76 1.99 -32.41
N ALA E 21 -19.87 3.25 -32.04
CA ALA E 21 -18.67 4.06 -31.87
C ALA E 21 -17.76 3.51 -30.81
N ALA E 22 -18.35 3.03 -29.71
CA ALA E 22 -17.54 2.47 -28.65
C ALA E 22 -16.77 1.25 -29.10
N SER E 23 -17.40 0.38 -29.91
CA SER E 23 -16.69 -0.81 -30.35
C SER E 23 -15.54 -0.44 -31.26
N MET E 24 -15.76 0.54 -32.14
CA MET E 24 -14.72 0.94 -33.05
C MET E 24 -13.56 1.58 -32.29
N ALA E 25 -13.88 2.38 -31.28
CA ALA E 25 -12.85 3.05 -30.51
C ALA E 25 -11.97 2.05 -29.81
N LEU E 26 -12.55 0.98 -29.27
CA LEU E 26 -11.75 -0.01 -28.58
C LEU E 26 -10.84 -0.74 -29.54
N THR E 27 -11.34 -1.03 -30.74
CA THR E 27 -10.52 -1.72 -31.72
C THR E 27 -9.31 -0.89 -32.09
N VAL E 28 -9.54 0.39 -32.32
CA VAL E 28 -8.44 1.25 -32.73
C VAL E 28 -7.41 1.45 -31.66
N GLN E 29 -7.84 1.69 -30.43
CA GLN E 29 -6.84 1.94 -29.44
C GLN E 29 -6.02 0.70 -29.17
N ALA E 30 -6.67 -0.47 -29.19
CA ALA E 30 -5.93 -1.68 -28.97
C ALA E 30 -4.91 -1.90 -30.05
N ARG E 31 -5.28 -1.58 -31.29
CA ARG E 31 -4.35 -1.74 -32.39
C ARG E 31 -3.13 -0.85 -32.22
N LEU E 32 -3.32 0.40 -31.80
CA LEU E 32 -2.22 1.33 -31.62
C LEU E 32 -1.29 0.85 -30.52
N LEU E 33 -1.87 0.27 -29.47
CA LEU E 33 -1.06 -0.24 -28.39
C LEU E 33 -0.25 -1.46 -28.81
N LEU E 34 -0.84 -2.36 -29.58
CA LEU E 34 -0.14 -3.58 -30.00
C LEU E 34 1.05 -3.26 -30.85
N SER E 35 0.91 -2.24 -31.68
CA SER E 35 1.93 -1.81 -32.60
C SER E 35 3.00 -0.92 -32.01
N GLY E 36 2.85 -0.49 -30.75
CA GLY E 36 3.85 0.39 -30.17
C GLY E 36 3.78 1.81 -30.72
N ILE E 37 2.59 2.25 -31.11
CA ILE E 37 2.41 3.58 -31.68
C ILE E 37 2.21 4.65 -30.64
N VAL E 38 1.50 4.33 -29.57
CA VAL E 38 1.19 5.30 -28.55
C VAL E 38 1.75 4.91 -27.20
N GLN E 39 1.95 5.92 -26.35
CA GLN E 39 2.52 5.73 -25.02
C GLN E 39 1.52 6.18 -23.96
N GLN E 40 1.63 5.60 -22.77
CA GLN E 40 0.70 5.89 -21.69
C GLN E 40 1.38 6.35 -20.43
N GLN E 41 0.64 7.10 -19.63
CA GLN E 41 1.08 7.52 -18.31
C GLN E 41 -0.04 7.11 -17.38
N ASN E 42 0.27 6.82 -16.13
CA ASN E 42 -0.79 6.46 -15.21
C ASN E 42 -1.17 7.61 -14.31
N ASN E 43 -2.16 7.37 -13.47
CA ASN E 43 -2.69 8.32 -12.51
C ASN E 43 -2.42 7.89 -11.07
N LEU E 44 -1.32 7.19 -10.83
CA LEU E 44 -0.96 6.76 -9.49
C LEU E 44 -0.47 7.88 -8.61
N LEU E 45 -0.83 7.79 -7.34
CA LEU E 45 -0.37 8.72 -6.34
C LEU E 45 1.00 8.32 -5.81
N ARG E 46 1.90 9.28 -5.74
CA ARG E 46 3.23 9.01 -5.22
C ARG E 46 3.25 8.74 -3.71
N ALA E 47 4.12 7.84 -3.31
CA ALA E 47 4.39 7.59 -1.90
C ALA E 47 5.11 8.84 -1.37
N PRO E 48 5.01 9.21 -0.07
CA PRO E 48 5.61 10.41 0.50
C PRO E 48 7.12 10.45 0.54
N GLU E 49 7.68 11.63 0.29
CA GLU E 49 9.11 11.84 0.39
C GLU E 49 9.49 12.12 1.82
N ALA E 50 8.62 12.87 2.48
CA ALA E 50 8.83 13.35 3.82
C ALA E 50 7.93 12.66 4.81
N GLN E 51 8.39 12.58 6.04
CA GLN E 51 7.59 12.03 7.12
C GLN E 51 6.33 12.88 7.35
N GLN E 52 6.42 14.19 7.12
CA GLN E 52 5.32 15.12 7.33
C GLN E 52 4.16 14.88 6.38
N HIS E 53 4.39 14.15 5.28
CA HIS E 53 3.34 13.90 4.32
C HIS E 53 2.92 12.46 4.42
N MET E 54 3.29 11.80 5.51
CA MET E 54 3.00 10.40 5.67
C MET E 54 1.55 10.03 5.78
N LEU E 55 0.71 10.79 6.46
CA LEU E 55 -0.67 10.32 6.49
C LEU E 55 -1.27 10.60 5.11
N GLN E 56 -0.97 11.77 4.58
CA GLN E 56 -1.56 12.21 3.32
C GLN E 56 -1.26 11.33 2.12
N LEU E 57 -0.06 10.82 2.01
CA LEU E 57 0.29 10.03 0.85
C LEU E 57 0.34 8.53 1.15
N THR E 58 -0.18 8.13 2.32
CA THR E 58 -0.26 6.72 2.66
C THR E 58 -1.71 6.33 2.68
N VAL E 59 -2.58 7.19 3.20
CA VAL E 59 -3.98 6.84 3.22
C VAL E 59 -4.52 6.73 1.82
N TRP E 60 -4.19 7.71 0.99
CA TRP E 60 -4.67 7.67 -0.36
C TRP E 60 -3.85 6.69 -1.19
N GLY E 61 -2.60 6.45 -0.79
CA GLY E 61 -1.74 5.49 -1.47
C GLY E 61 -2.39 4.12 -1.39
N ILE E 62 -2.76 3.72 -0.17
CA ILE E 62 -3.38 2.45 0.07
C ILE E 62 -4.76 2.38 -0.54
N LYS E 63 -5.59 3.42 -0.41
CA LYS E 63 -6.91 3.34 -1.00
C LYS E 63 -6.85 3.16 -2.51
N GLN E 64 -5.93 3.84 -3.20
CA GLN E 64 -5.85 3.68 -4.62
C GLN E 64 -5.46 2.27 -5.00
N LEU E 65 -4.51 1.67 -4.26
CA LEU E 65 -4.15 0.31 -4.55
C LEU E 65 -5.29 -0.64 -4.28
N GLN E 66 -6.08 -0.39 -3.23
CA GLN E 66 -7.19 -1.28 -2.96
C GLN E 66 -8.19 -1.24 -4.09
N ALA E 67 -8.43 -0.05 -4.64
CA ALA E 67 -9.36 0.07 -5.74
C ALA E 67 -8.87 -0.67 -6.99
N ARG E 68 -7.58 -0.62 -7.27
CA ARG E 68 -7.08 -1.32 -8.44
C ARG E 68 -7.14 -2.82 -8.25
N VAL E 69 -6.87 -3.28 -7.04
CA VAL E 69 -6.95 -4.69 -6.77
C VAL E 69 -8.38 -5.15 -6.91
N LEU E 70 -9.34 -4.37 -6.40
CA LEU E 70 -10.73 -4.74 -6.56
C LEU E 70 -11.08 -4.83 -8.04
N ALA E 71 -10.61 -3.88 -8.85
CA ALA E 71 -10.90 -3.89 -10.26
C ALA E 71 -10.39 -5.16 -10.94
N VAL E 72 -9.19 -5.62 -10.58
CA VAL E 72 -8.74 -6.84 -11.22
C VAL E 72 -9.50 -8.04 -10.71
N GLU E 73 -9.87 -8.06 -9.44
CA GLU E 73 -10.63 -9.19 -8.94
C GLU E 73 -11.95 -9.31 -9.64
N ARG E 74 -12.62 -8.20 -9.89
CA ARG E 74 -13.89 -8.29 -10.58
C ARG E 74 -13.66 -8.71 -12.02
N TYR E 75 -12.61 -8.19 -12.65
CA TYR E 75 -12.34 -8.53 -14.03
C TYR E 75 -12.14 -10.02 -14.18
N LEU E 76 -11.28 -10.59 -13.35
CA LEU E 76 -11.00 -11.99 -13.47
C LEU E 76 -12.15 -12.85 -13.05
N ARG E 77 -12.87 -12.43 -12.03
CA ARG E 77 -13.99 -13.20 -11.56
C ARG E 77 -14.98 -13.36 -12.70
N ASP E 78 -15.32 -12.26 -13.35
CA ASP E 78 -16.32 -12.30 -14.39
C ASP E 78 -15.82 -13.06 -15.61
N GLN E 79 -14.54 -12.94 -15.92
CA GLN E 79 -14.04 -13.65 -17.09
C GLN E 79 -14.22 -15.13 -16.92
N GLN E 80 -14.17 -15.64 -15.71
CA GLN E 80 -14.46 -17.06 -15.54
C GLN E 80 -15.92 -17.39 -15.16
N LEU E 81 -16.68 -16.48 -14.53
CA LEU E 81 -18.07 -16.82 -14.14
C LEU E 81 -18.87 -17.05 -15.40
N LEU E 82 -18.48 -16.33 -16.45
CA LEU E 82 -19.08 -16.35 -17.78
C LEU E 82 -18.98 -17.70 -18.47
N GLY E 83 -18.22 -18.64 -17.89
CA GLY E 83 -18.12 -19.98 -18.42
C GLY E 83 -19.51 -20.62 -18.51
N ILE E 84 -20.43 -20.22 -17.65
CA ILE E 84 -21.79 -20.74 -17.63
C ILE E 84 -22.51 -20.55 -18.95
N TRP E 85 -22.29 -19.42 -19.61
CA TRP E 85 -22.97 -19.15 -20.87
C TRP E 85 -22.07 -19.52 -22.05
N GLY E 86 -20.89 -20.05 -21.75
CA GLY E 86 -19.84 -20.34 -22.73
C GLY E 86 -19.03 -19.08 -23.17
N CYS E 87 -19.06 -18.00 -22.35
CA CYS E 87 -18.46 -16.71 -22.63
C CYS E 87 -17.22 -16.45 -21.80
N SER E 88 -16.68 -17.48 -21.18
CA SER E 88 -15.50 -17.22 -20.42
C SER E 88 -14.36 -16.88 -21.33
N GLY E 89 -13.47 -16.07 -20.77
CA GLY E 89 -12.22 -15.71 -21.42
C GLY E 89 -12.39 -14.68 -22.51
N LYS E 90 -13.61 -14.17 -22.67
CA LYS E 90 -13.84 -13.23 -23.74
C LYS E 90 -14.46 -11.94 -23.29
N ILE E 91 -14.18 -10.90 -24.06
CA ILE E 91 -14.83 -9.61 -23.87
C ILE E 91 -16.12 -9.63 -24.69
N ILE E 92 -16.04 -10.16 -25.92
CA ILE E 92 -17.21 -10.24 -26.78
C ILE E 92 -17.52 -11.72 -27.02
N CYS E 93 -18.77 -12.14 -26.73
CA CYS E 93 -19.25 -13.53 -26.85
C CYS E 93 -20.55 -13.65 -27.67
N CYS E 94 -20.41 -14.25 -28.83
CA CYS E 94 -21.52 -14.44 -29.75
C CYS E 94 -22.07 -15.84 -29.48
N THR E 95 -23.39 -15.96 -29.24
CA THR E 95 -24.02 -17.25 -28.95
C THR E 95 -24.95 -17.71 -30.08
N ASN E 96 -25.66 -18.82 -29.86
CA ASN E 96 -26.57 -19.42 -30.83
C ASN E 96 -28.03 -19.37 -30.37
N VAL E 97 -28.34 -18.38 -29.57
CA VAL E 97 -29.67 -18.09 -29.10
C VAL E 97 -30.13 -16.92 -29.95
N PRO E 98 -31.20 -17.03 -30.71
CA PRO E 98 -31.70 -16.02 -31.60
C PRO E 98 -32.29 -14.91 -30.80
N TRP E 99 -32.29 -13.72 -31.35
CA TRP E 99 -32.94 -12.62 -30.70
C TRP E 99 -34.42 -12.78 -30.90
N ASN E 100 -35.19 -12.61 -29.86
CA ASN E 100 -36.62 -12.65 -30.00
C ASN E 100 -37.03 -11.23 -30.28
N ASP E 101 -37.61 -10.99 -31.43
CA ASP E 101 -37.96 -9.63 -31.81
C ASP E 101 -38.82 -8.93 -30.77
N SER E 102 -39.65 -9.65 -30.02
CA SER E 102 -40.53 -9.01 -29.07
C SER E 102 -39.79 -8.24 -27.98
N TRP E 103 -38.51 -8.51 -27.80
CA TRP E 103 -37.71 -7.83 -26.79
C TRP E 103 -37.40 -6.39 -27.21
N SER E 104 -37.43 -6.10 -28.51
CA SER E 104 -37.08 -4.76 -29.01
C SER E 104 -37.85 -4.33 -30.27
N ASN E 105 -38.01 -5.28 -31.20
CA ASN E 105 -38.56 -5.08 -32.55
C ASN E 105 -37.77 -4.04 -33.35
N LYS E 106 -36.45 -4.02 -33.14
CA LYS E 106 -35.58 -3.09 -33.86
C LYS E 106 -34.51 -3.75 -34.69
N THR E 107 -34.02 -3.00 -35.66
CA THR E 107 -32.95 -3.39 -36.57
C THR E 107 -31.59 -3.24 -35.93
N ILE E 108 -30.64 -4.09 -36.33
CA ILE E 108 -29.29 -4.07 -35.77
C ILE E 108 -28.63 -2.73 -36.01
N ASN E 109 -28.75 -2.19 -37.20
CA ASN E 109 -28.11 -0.92 -37.46
C ASN E 109 -28.75 0.20 -36.65
N GLU E 110 -30.05 0.13 -36.38
CA GLU E 110 -30.66 1.19 -35.62
C GLU E 110 -30.12 1.22 -34.22
N ILE E 111 -29.96 0.03 -33.65
CA ILE E 111 -29.47 -0.11 -32.29
C ILE E 111 -28.03 0.31 -32.17
N TRP E 112 -27.19 -0.16 -33.05
CA TRP E 112 -25.78 0.15 -32.92
C TRP E 112 -25.39 1.58 -33.34
N ASP E 113 -26.10 2.16 -34.32
CA ASP E 113 -25.73 3.50 -34.76
C ASP E 113 -26.50 4.67 -34.13
N ASN E 114 -27.77 4.50 -33.73
CA ASN E 114 -28.51 5.64 -33.20
C ASN E 114 -28.72 5.59 -31.70
N MET E 115 -28.03 4.70 -31.02
CA MET E 115 -28.19 4.55 -29.57
C MET E 115 -26.88 4.32 -28.86
N THR E 116 -26.87 4.69 -27.58
CA THR E 116 -25.75 4.38 -26.71
C THR E 116 -26.12 3.24 -25.78
N TRP E 117 -25.14 2.73 -25.02
CA TRP E 117 -25.41 1.60 -24.13
C TRP E 117 -26.31 1.99 -22.97
N MET E 118 -26.27 3.27 -22.59
CA MET E 118 -27.11 3.77 -21.52
C MET E 118 -28.57 3.71 -21.88
N GLN E 119 -28.87 3.75 -23.17
CA GLN E 119 -30.24 3.74 -23.61
C GLN E 119 -30.67 2.33 -23.90
N TRP E 120 -29.79 1.58 -24.54
CA TRP E 120 -30.10 0.25 -24.94
C TRP E 120 -30.41 -0.65 -23.77
N GLU E 121 -29.65 -0.51 -22.69
CA GLU E 121 -29.86 -1.36 -21.54
C GLU E 121 -31.04 -0.93 -20.70
N LYS E 122 -31.71 0.14 -21.08
CA LYS E 122 -32.91 0.50 -20.35
C LYS E 122 -34.04 -0.10 -21.15
N GLU E 123 -33.93 -0.02 -22.48
CA GLU E 123 -34.93 -0.51 -23.40
C GLU E 123 -35.24 -1.97 -23.22
N ILE E 124 -34.23 -2.77 -22.93
CA ILE E 124 -34.44 -4.21 -22.77
C ILE E 124 -34.24 -4.68 -21.34
N ASP E 125 -34.33 -3.77 -20.36
CA ASP E 125 -34.04 -4.16 -18.98
C ASP E 125 -34.95 -5.27 -18.44
N ASN E 126 -36.20 -5.31 -18.86
CA ASN E 126 -37.09 -6.30 -18.30
C ASN E 126 -36.97 -7.68 -18.91
N TYR E 127 -36.03 -7.86 -19.84
CA TYR E 127 -35.84 -9.16 -20.43
C TYR E 127 -34.50 -9.70 -19.98
N THR E 128 -33.83 -8.99 -19.08
CA THR E 128 -32.49 -9.38 -18.70
C THR E 128 -32.41 -10.76 -18.12
N GLN E 129 -33.30 -11.07 -17.20
CA GLN E 129 -33.18 -12.36 -16.53
C GLN E 129 -33.58 -13.46 -17.48
N HIS E 130 -34.52 -13.14 -18.36
CA HIS E 130 -34.99 -14.11 -19.30
C HIS E 130 -33.89 -14.51 -20.25
N ILE E 131 -33.18 -13.51 -20.78
CA ILE E 131 -32.14 -13.79 -21.73
C ILE E 131 -31.03 -14.56 -21.06
N TYR E 132 -30.65 -14.16 -19.85
CA TYR E 132 -29.58 -14.86 -19.18
C TYR E 132 -29.94 -16.31 -18.97
N THR E 133 -31.19 -16.59 -18.64
CA THR E 133 -31.62 -17.96 -18.47
C THR E 133 -31.45 -18.72 -19.78
N LEU E 134 -31.85 -18.11 -20.88
CA LEU E 134 -31.73 -18.80 -22.16
C LEU E 134 -30.29 -19.07 -22.50
N LEU E 135 -29.38 -18.15 -22.14
CA LEU E 135 -27.99 -18.36 -22.46
C LEU E 135 -27.45 -19.57 -21.74
N GLU E 136 -27.83 -19.74 -20.47
CA GLU E 136 -27.36 -20.90 -19.73
C GLU E 136 -27.91 -22.16 -20.34
N VAL E 137 -29.17 -22.13 -20.74
CA VAL E 137 -29.77 -23.33 -21.29
C VAL E 137 -29.07 -23.76 -22.54
N SER E 138 -28.77 -22.80 -23.42
CA SER E 138 -28.09 -23.18 -24.63
C SER E 138 -26.74 -23.79 -24.35
N GLN E 139 -25.99 -23.23 -23.40
CA GLN E 139 -24.68 -23.79 -23.14
C GLN E 139 -24.79 -25.19 -22.62
N ILE E 140 -25.79 -25.46 -21.81
CA ILE E 140 -25.94 -26.80 -21.29
C ILE E 140 -26.21 -27.76 -22.44
N GLN E 141 -27.12 -27.37 -23.33
CA GLN E 141 -27.45 -28.26 -24.42
C GLN E 141 -26.27 -28.48 -25.34
N GLN E 142 -25.47 -27.44 -25.59
CA GLN E 142 -24.34 -27.61 -26.48
C GLN E 142 -23.32 -28.55 -25.90
N GLU E 143 -23.11 -28.48 -24.58
CA GLU E 143 -22.15 -29.37 -23.97
C GLU E 143 -22.61 -30.80 -24.10
N LYS E 144 -23.91 -31.03 -23.93
CA LYS E 144 -24.42 -32.37 -24.06
C LYS E 144 -24.26 -32.85 -25.50
N ASN E 145 -24.53 -31.97 -26.46
CA ASN E 145 -24.49 -32.41 -27.83
C ASN E 145 -23.11 -32.90 -28.22
N GLU E 146 -22.07 -32.25 -27.71
CA GLU E 146 -20.72 -32.68 -28.03
C GLU E 146 -20.34 -33.94 -27.27
N GLN E 147 -20.75 -34.04 -26.01
CA GLN E 147 -20.37 -35.21 -25.22
C GLN E 147 -21.08 -36.47 -25.67
N GLU E 148 -22.25 -36.32 -26.26
CA GLU E 148 -23.02 -37.43 -26.80
C GLU E 148 -22.38 -38.15 -28.03
N LEU E 149 -21.41 -37.50 -28.73
CA LEU E 149 -20.75 -38.02 -29.95
C LEU E 149 -19.51 -38.88 -29.58
N LYS F 21 -64.45 10.31 4.88
CA LYS F 21 -63.48 11.07 5.64
C LYS F 21 -63.88 11.03 7.13
N LYS F 22 -62.98 11.52 8.02
CA LYS F 22 -63.23 11.58 9.49
C LYS F 22 -63.75 12.94 9.89
N VAL F 23 -64.96 12.97 10.46
CA VAL F 23 -65.55 14.25 10.80
C VAL F 23 -65.80 14.36 12.30
N VAL F 24 -65.30 15.43 12.91
CA VAL F 24 -65.41 15.66 14.33
C VAL F 24 -66.19 16.92 14.71
N LEU F 25 -67.23 16.71 15.50
CA LEU F 25 -68.07 17.78 16.01
C LEU F 25 -67.65 18.18 17.41
N GLY F 26 -67.29 19.44 17.57
CA GLY F 26 -66.87 19.94 18.86
C GLY F 26 -67.81 21.00 19.37
N LYS F 27 -67.43 21.63 20.47
CA LYS F 27 -68.23 22.68 21.07
C LYS F 27 -67.43 23.95 21.11
N LYS F 28 -68.10 25.08 21.01
CA LYS F 28 -67.36 26.32 21.03
C LYS F 28 -66.49 26.43 22.28
N GLY F 29 -65.23 26.75 22.04
CA GLY F 29 -64.20 26.95 23.04
C GLY F 29 -63.32 25.74 23.36
N ASP F 30 -63.64 24.55 22.85
CA ASP F 30 -62.80 23.40 23.21
C ASP F 30 -61.56 23.18 22.35
N THR F 31 -60.83 22.09 22.67
CA THR F 31 -59.59 21.75 21.97
C THR F 31 -59.82 20.57 21.04
N VAL F 32 -59.44 20.74 19.79
CA VAL F 32 -59.72 19.78 18.72
C VAL F 32 -58.91 18.48 18.58
N GLU F 33 -57.58 18.53 18.60
CA GLU F 33 -56.72 17.35 18.41
C GLU F 33 -56.98 16.44 17.16
N LEU F 34 -57.01 17.01 15.95
CA LEU F 34 -57.17 16.20 14.73
C LEU F 34 -55.86 15.51 14.45
N THR F 35 -55.84 14.29 13.93
CA THR F 35 -54.52 13.73 13.66
C THR F 35 -54.32 13.17 12.25
N CYS F 36 -53.05 13.23 11.80
CA CYS F 36 -52.53 12.58 10.61
C CYS F 36 -51.54 11.53 11.10
N THR F 37 -51.41 10.39 10.44
CA THR F 37 -50.43 9.42 10.92
C THR F 37 -49.57 8.80 9.83
N ALA F 38 -48.50 8.13 10.28
CA ALA F 38 -47.63 7.35 9.40
C ALA F 38 -47.23 6.06 10.08
N SER F 39 -47.45 4.95 9.38
CA SER F 39 -47.17 3.60 9.87
C SER F 39 -45.69 3.29 9.99
N GLN F 40 -44.88 4.15 9.40
CA GLN F 40 -43.44 4.00 9.38
C GLN F 40 -42.76 4.28 10.72
N LYS F 41 -43.36 5.12 11.58
CA LYS F 41 -42.72 5.47 12.86
C LYS F 41 -41.33 6.08 12.64
N LYS F 42 -41.22 6.96 11.64
CA LYS F 42 -39.99 7.64 11.25
C LYS F 42 -40.11 9.13 11.42
N SER F 43 -38.98 9.82 11.35
CA SER F 43 -39.06 11.28 11.38
C SER F 43 -39.46 11.71 9.97
N ILE F 44 -40.68 12.21 9.90
CA ILE F 44 -41.39 12.55 8.70
C ILE F 44 -41.80 14.00 8.59
N GLN F 45 -41.61 14.55 7.41
CA GLN F 45 -42.09 15.89 7.16
C GLN F 45 -43.57 15.81 6.91
N PHE F 46 -44.31 16.68 7.56
CA PHE F 46 -45.72 16.72 7.35
C PHE F 46 -46.26 18.12 7.44
N HIS F 47 -47.42 18.31 6.83
CA HIS F 47 -48.13 19.57 6.92
C HIS F 47 -49.64 19.42 7.06
N TRP F 48 -50.25 20.41 7.68
CA TRP F 48 -51.69 20.55 7.72
C TRP F 48 -52.09 21.81 6.96
N LYS F 49 -53.10 21.66 6.10
CA LYS F 49 -53.64 22.80 5.33
C LYS F 49 -55.16 22.78 5.33
N ASN F 50 -55.78 23.95 5.16
CA ASN F 50 -57.25 24.00 5.07
C ASN F 50 -57.73 23.76 3.64
N SER F 51 -59.02 23.94 3.41
CA SER F 51 -59.66 23.68 2.12
C SER F 51 -59.19 24.59 0.98
N ASN F 52 -58.56 25.70 1.30
CA ASN F 52 -58.08 26.65 0.31
C ASN F 52 -56.61 26.44 0.10
N GLN F 53 -56.11 25.35 0.68
CA GLN F 53 -54.74 24.94 0.68
C GLN F 53 -53.85 25.96 1.37
N ILE F 54 -54.37 26.56 2.44
CA ILE F 54 -53.63 27.53 3.20
C ILE F 54 -53.05 26.82 4.39
N LYS F 55 -51.74 26.96 4.57
CA LYS F 55 -51.01 26.29 5.62
C LYS F 55 -51.44 26.74 6.98
N ILE F 56 -51.56 25.75 7.85
CA ILE F 56 -51.94 25.94 9.22
C ILE F 56 -50.81 25.64 10.16
N LEU F 57 -50.27 24.45 10.01
CA LEU F 57 -49.25 23.94 10.93
C LEU F 57 -48.40 22.87 10.26
N GLY F 58 -47.12 22.82 10.57
CA GLY F 58 -46.30 21.74 10.01
C GLY F 58 -44.93 21.72 10.62
N ASN F 59 -44.10 20.75 10.22
CA ASN F 59 -42.78 20.69 10.79
C ASN F 59 -41.65 20.94 9.82
N GLN F 60 -40.53 21.26 10.39
CA GLN F 60 -39.27 21.43 9.71
C GLN F 60 -38.24 20.63 10.47
N GLY F 61 -38.21 19.34 10.19
CA GLY F 61 -37.43 18.41 10.95
C GLY F 61 -38.02 18.38 12.35
N SER F 62 -37.18 18.66 13.33
CA SER F 62 -37.60 18.67 14.72
C SER F 62 -38.41 19.89 15.08
N PHE F 63 -38.36 20.93 14.26
CA PHE F 63 -39.00 22.18 14.64
C PHE F 63 -40.44 22.31 14.23
N LEU F 64 -41.23 22.96 15.07
CA LEU F 64 -42.62 23.24 14.76
C LEU F 64 -42.79 24.63 14.18
N THR F 65 -43.51 24.74 13.08
CA THR F 65 -43.78 26.03 12.48
C THR F 65 -45.27 26.27 12.40
N LYS F 66 -45.67 27.52 12.21
CA LYS F 66 -47.09 27.85 12.07
C LYS F 66 -47.40 28.41 10.68
N GLY F 67 -48.64 28.29 10.23
CA GLY F 67 -48.99 28.84 8.93
C GLY F 67 -49.49 30.27 9.03
N PRO F 68 -49.35 31.10 7.98
CA PRO F 68 -49.77 32.50 7.91
C PRO F 68 -51.27 32.67 7.67
N SER F 69 -52.07 32.24 8.63
CA SER F 69 -53.52 32.26 8.49
C SER F 69 -54.20 32.55 9.82
N LYS F 70 -55.53 32.51 9.82
CA LYS F 70 -56.32 32.76 11.04
C LYS F 70 -56.03 31.70 12.11
N LEU F 71 -55.45 30.58 11.69
CA LEU F 71 -55.11 29.48 12.57
C LEU F 71 -53.62 29.50 12.90
N ASN F 72 -52.96 30.62 12.63
CA ASN F 72 -51.56 30.80 12.99
C ASN F 72 -51.47 30.77 14.50
N ASP F 73 -52.47 31.36 15.14
CA ASP F 73 -52.57 31.36 16.59
C ASP F 73 -53.53 30.24 16.96
N ARG F 74 -53.76 30.05 18.24
CA ARG F 74 -54.69 29.03 18.70
C ARG F 74 -54.35 27.68 18.08
N ALA F 75 -53.07 27.35 18.00
CA ALA F 75 -52.67 26.10 17.39
C ALA F 75 -51.46 25.51 18.07
N ASP F 76 -51.45 24.19 18.16
CA ASP F 76 -50.36 23.45 18.76
C ASP F 76 -50.22 22.04 18.14
N SER F 77 -49.24 21.29 18.64
CA SER F 77 -49.01 19.92 18.17
C SER F 77 -48.35 19.11 19.27
N ARG F 78 -47.96 17.89 18.95
CA ARG F 78 -47.32 17.00 19.90
C ARG F 78 -46.01 16.57 19.35
N ARG F 79 -44.98 17.37 19.60
CA ARG F 79 -43.70 17.09 18.98
C ARG F 79 -43.17 15.76 19.44
N SER F 80 -43.47 15.42 20.68
CA SER F 80 -43.00 14.20 21.29
C SER F 80 -43.59 12.95 20.66
N LEU F 81 -44.65 13.08 19.88
CA LEU F 81 -45.23 11.91 19.24
C LEU F 81 -44.87 11.84 17.76
N TRP F 82 -44.09 12.79 17.26
CA TRP F 82 -43.84 12.79 15.83
C TRP F 82 -43.06 11.57 15.36
N ASP F 83 -42.16 11.05 16.18
CA ASP F 83 -41.37 9.92 15.75
C ASP F 83 -42.09 8.61 16.04
N GLN F 84 -43.33 8.72 16.50
CA GLN F 84 -44.19 7.60 16.76
C GLN F 84 -45.19 7.52 15.61
N GLY F 85 -45.04 8.41 14.63
CA GLY F 85 -45.94 8.46 13.49
C GLY F 85 -47.24 9.19 13.77
N ASN F 86 -47.29 10.05 14.78
CA ASN F 86 -48.52 10.75 15.12
C ASN F 86 -48.29 12.24 15.00
N PHE F 87 -49.01 12.90 14.11
CA PHE F 87 -48.80 14.31 13.84
C PHE F 87 -50.08 15.16 14.03
N PRO F 88 -50.53 15.46 15.26
CA PRO F 88 -51.74 16.20 15.58
C PRO F 88 -51.75 17.68 15.20
N LEU F 89 -52.95 18.17 14.91
CA LEU F 89 -53.29 19.58 14.76
C LEU F 89 -54.21 19.93 15.88
N ILE F 90 -53.73 20.74 16.78
CA ILE F 90 -54.53 21.03 17.92
C ILE F 90 -55.04 22.45 17.85
N ILE F 91 -56.32 22.61 17.60
CA ILE F 91 -56.92 23.95 17.51
C ILE F 91 -57.58 24.26 18.81
N LYS F 92 -57.20 25.38 19.37
CA LYS F 92 -57.68 25.77 20.68
C LYS F 92 -58.76 26.82 20.58
N ASN F 93 -59.59 26.88 21.61
CA ASN F 93 -60.66 27.85 21.64
C ASN F 93 -61.48 27.74 20.35
N LEU F 94 -61.87 26.53 20.00
CA LEU F 94 -62.58 26.26 18.76
C LEU F 94 -63.81 27.10 18.50
N LYS F 95 -63.88 27.66 17.31
CA LYS F 95 -65.03 28.45 16.93
C LYS F 95 -65.82 27.70 15.86
N ILE F 96 -67.09 28.01 15.69
CA ILE F 96 -67.86 27.34 14.63
C ILE F 96 -67.31 27.72 13.25
N GLU F 97 -66.70 28.89 13.15
CA GLU F 97 -66.09 29.38 11.92
C GLU F 97 -64.88 28.54 11.48
N ASP F 98 -64.36 27.69 12.38
CA ASP F 98 -63.23 26.83 12.09
C ASP F 98 -63.69 25.48 11.55
N SER F 99 -65.01 25.32 11.33
CA SER F 99 -65.58 24.05 10.86
C SER F 99 -65.39 23.81 9.36
N ASP F 100 -64.14 23.72 8.97
CA ASP F 100 -63.71 23.48 7.59
C ASP F 100 -63.10 22.10 7.48
N THR F 101 -62.67 21.75 6.29
CA THR F 101 -61.98 20.49 6.17
C THR F 101 -60.50 20.81 6.23
N TYR F 102 -59.72 19.78 6.50
CA TYR F 102 -58.29 19.90 6.54
C TYR F 102 -57.66 18.75 5.80
N ILE F 103 -56.63 19.05 5.05
CA ILE F 103 -55.92 18.02 4.32
C ILE F 103 -54.58 17.74 4.99
N CYS F 104 -54.28 16.44 5.18
CA CYS F 104 -53.03 15.94 5.71
C CYS F 104 -52.01 15.80 4.60
N GLU F 105 -50.80 16.17 4.88
CA GLU F 105 -49.74 15.87 3.96
C GLU F 105 -48.68 15.14 4.71
N VAL F 106 -48.80 13.83 4.77
CA VAL F 106 -47.84 12.98 5.46
C VAL F 106 -47.38 11.99 4.44
N GLU F 107 -46.12 12.04 4.04
CA GLU F 107 -45.68 11.15 2.99
C GLU F 107 -46.65 11.36 1.82
N ASP F 108 -47.21 10.29 1.24
CA ASP F 108 -48.20 10.43 0.18
C ASP F 108 -49.62 10.13 0.68
N GLN F 109 -49.76 10.01 1.99
CA GLN F 109 -51.04 9.65 2.59
C GLN F 109 -51.88 10.88 2.81
N LYS F 110 -52.42 11.39 1.73
CA LYS F 110 -53.14 12.65 1.79
C LYS F 110 -54.60 12.50 2.22
N GLU F 111 -54.76 12.17 3.49
CA GLU F 111 -56.05 11.95 4.14
C GLU F 111 -56.76 13.25 4.47
N GLU F 112 -58.08 13.23 4.51
CA GLU F 112 -58.84 14.43 4.84
C GLU F 112 -59.74 14.21 6.05
N VAL F 113 -59.82 15.26 6.85
CA VAL F 113 -60.65 15.30 8.04
C VAL F 113 -61.50 16.57 8.03
N GLN F 114 -62.57 16.62 8.82
CA GLN F 114 -63.38 17.83 8.92
C GLN F 114 -63.87 18.16 10.31
N LEU F 115 -63.93 19.45 10.62
CA LEU F 115 -64.51 19.87 11.87
C LEU F 115 -65.91 20.43 11.69
N LEU F 116 -66.75 20.27 12.72
CA LEU F 116 -68.11 20.81 12.82
C LEU F 116 -68.19 21.58 14.15
N LYS G 38 -15.64 -43.49 -21.41
CA LYS G 38 -16.14 -43.02 -20.13
C LYS G 38 -14.95 -42.97 -19.17
N LYS G 39 -15.09 -42.25 -18.02
CA LYS G 39 -14.08 -42.07 -16.96
C LYS G 39 -12.80 -41.45 -17.48
N TRP G 40 -12.85 -40.18 -17.83
CA TRP G 40 -11.68 -39.52 -18.42
C TRP G 40 -11.10 -38.52 -17.48
N VAL G 41 -9.80 -38.33 -17.56
CA VAL G 41 -9.15 -37.39 -16.68
C VAL G 41 -9.59 -35.98 -16.96
N THR G 42 -10.04 -35.30 -15.91
CA THR G 42 -10.42 -33.91 -16.02
C THR G 42 -9.65 -33.11 -14.98
N VAL G 43 -9.07 -32.04 -15.45
CA VAL G 43 -8.25 -31.16 -14.65
C VAL G 43 -9.12 -30.04 -14.10
N TYR G 44 -9.02 -29.82 -12.79
CA TYR G 44 -9.80 -28.80 -12.13
C TYR G 44 -8.93 -27.80 -11.39
N TYR G 45 -9.28 -26.53 -11.49
CA TYR G 45 -8.51 -25.53 -10.78
C TYR G 45 -9.39 -24.79 -9.80
N GLY G 46 -8.92 -24.69 -8.56
CA GLY G 46 -9.68 -24.08 -7.50
C GLY G 46 -10.05 -25.20 -6.55
N VAL G 47 -9.33 -26.30 -6.66
CA VAL G 47 -9.56 -27.44 -5.82
C VAL G 47 -9.18 -27.10 -4.38
N PRO G 48 -10.13 -27.14 -3.42
CA PRO G 48 -9.97 -26.70 -2.05
C PRO G 48 -9.25 -27.71 -1.19
N VAL G 49 -8.03 -28.00 -1.54
CA VAL G 49 -7.26 -28.97 -0.80
C VAL G 49 -6.04 -28.34 -0.17
N TRP G 50 -5.99 -28.46 1.14
CA TRP G 50 -4.95 -27.86 1.95
C TRP G 50 -4.01 -28.91 2.49
N LYS G 51 -2.75 -28.56 2.55
CA LYS G 51 -1.70 -29.41 3.09
C LYS G 51 -0.79 -28.65 4.05
N GLU G 52 -0.27 -29.34 5.05
CA GLU G 52 0.61 -28.71 6.01
C GLU G 52 1.87 -28.23 5.33
N ALA G 53 2.32 -27.05 5.71
CA ALA G 53 3.48 -26.45 5.10
C ALA G 53 4.28 -25.63 6.09
N THR G 54 5.55 -25.39 5.77
CA THR G 54 6.37 -24.59 6.66
C THR G 54 6.75 -23.25 6.09
N THR G 55 6.45 -22.22 6.85
CA THR G 55 6.83 -20.88 6.47
C THR G 55 7.33 -20.18 7.69
N THR G 56 7.87 -18.99 7.51
CA THR G 56 8.32 -18.17 8.62
C THR G 56 7.18 -17.26 9.03
N LEU G 57 6.88 -17.20 10.31
CA LEU G 57 5.76 -16.37 10.72
C LEU G 57 6.19 -15.03 11.29
N PHE G 58 5.33 -14.05 11.13
CA PHE G 58 5.50 -12.73 11.71
C PHE G 58 4.92 -12.75 13.10
N CYS G 59 5.49 -11.98 14.04
CA CYS G 59 4.90 -11.84 15.38
C CYS G 59 4.16 -10.51 15.47
N ALA G 60 3.13 -10.48 16.29
CA ALA G 60 2.41 -9.26 16.52
C ALA G 60 2.05 -9.09 17.99
N SER G 61 2.08 -7.87 18.48
CA SER G 61 1.75 -7.64 19.88
C SER G 61 1.36 -6.21 20.17
N ASP G 62 0.74 -6.01 21.33
CA ASP G 62 0.39 -4.68 21.78
C ASP G 62 1.57 -4.00 22.48
N ALA G 63 2.58 -3.65 21.70
CA ALA G 63 3.79 -2.99 22.21
C ALA G 63 3.48 -1.54 22.50
N LYS G 64 4.12 -0.97 23.52
CA LYS G 64 3.90 0.45 23.82
C LYS G 64 5.04 1.36 23.37
N ALA G 65 6.26 0.83 23.36
CA ALA G 65 7.48 1.52 22.95
C ALA G 65 7.89 2.76 23.76
N TYR G 66 7.40 2.94 24.98
CA TYR G 66 7.85 4.10 25.75
C TYR G 66 8.07 3.85 27.24
N ASP G 67 7.69 2.68 27.73
CA ASP G 67 7.68 2.43 29.16
C ASP G 67 8.88 1.67 29.73
N THR G 68 9.90 1.45 28.89
CA THR G 68 11.22 0.80 29.17
C THR G 68 11.17 -0.70 29.45
N GLU G 69 9.99 -1.24 29.67
CA GLU G 69 9.76 -2.63 30.00
C GLU G 69 10.28 -3.51 28.89
N VAL G 70 10.89 -4.62 29.24
CA VAL G 70 11.48 -5.46 28.22
C VAL G 70 10.60 -5.93 27.10
N HIS G 71 9.41 -6.40 27.37
CA HIS G 71 8.66 -6.93 26.25
C HIS G 71 8.14 -5.88 25.35
N ASN G 72 7.71 -4.75 25.90
CA ASN G 72 7.18 -3.73 25.03
C ASN G 72 8.29 -3.12 24.20
N VAL G 73 9.48 -2.98 24.77
CA VAL G 73 10.58 -2.41 24.04
C VAL G 73 11.08 -3.36 23.00
N TRP G 74 11.24 -4.61 23.36
CA TRP G 74 11.70 -5.59 22.41
C TRP G 74 10.74 -5.70 21.25
N ALA G 75 9.45 -5.83 21.57
CA ALA G 75 8.41 -5.97 20.58
C ALA G 75 8.38 -4.79 19.64
N THR G 76 8.71 -3.61 20.13
CA THR G 76 8.70 -2.42 19.28
C THR G 76 9.52 -2.63 18.03
N HIS G 77 10.65 -3.33 18.12
CA HIS G 77 11.51 -3.49 16.97
C HIS G 77 11.53 -4.93 16.46
N ALA G 78 10.50 -5.69 16.82
CA ALA G 78 10.41 -7.08 16.41
C ALA G 78 9.03 -7.51 15.84
N CYS G 79 7.92 -6.99 16.43
CA CYS G 79 6.54 -7.36 16.17
C CYS G 79 5.72 -6.15 15.71
N VAL G 80 4.68 -6.42 14.95
CA VAL G 80 3.76 -5.39 14.48
C VAL G 80 2.50 -5.46 15.35
N PRO G 81 1.56 -4.51 15.29
CA PRO G 81 0.27 -4.59 15.97
C PRO G 81 -0.46 -5.77 15.38
N THR G 82 -1.40 -6.33 16.10
CA THR G 82 -2.12 -7.50 15.64
C THR G 82 -3.15 -7.18 14.59
N ASP G 83 -3.64 -8.21 13.92
CA ASP G 83 -4.67 -8.04 12.92
C ASP G 83 -5.88 -7.39 13.56
N PRO G 84 -6.28 -6.17 13.15
CA PRO G 84 -7.40 -5.45 13.71
C PRO G 84 -8.74 -6.11 13.37
N ASN G 85 -8.76 -6.98 12.35
CA ASN G 85 -10.01 -7.61 11.94
C ASN G 85 -9.88 -9.10 11.57
N PRO G 86 -9.69 -10.01 12.54
CA PRO G 86 -9.53 -11.43 12.35
C PRO G 86 -10.76 -11.97 11.66
N GLN G 87 -10.62 -12.99 10.81
CA GLN G 87 -11.80 -13.51 10.10
C GLN G 87 -12.51 -14.66 10.79
N GLU G 88 -11.79 -15.46 11.58
CA GLU G 88 -12.38 -16.60 12.30
C GLU G 88 -13.36 -17.40 11.46
N ILE G 89 -12.92 -17.96 10.34
CA ILE G 89 -13.90 -18.61 9.47
C ILE G 89 -14.04 -20.07 9.82
N VAL G 90 -15.23 -20.48 10.24
CA VAL G 90 -15.40 -21.88 10.59
C VAL G 90 -15.67 -22.63 9.32
N LEU G 91 -14.87 -23.63 9.05
CA LEU G 91 -14.98 -24.36 7.81
C LEU G 91 -15.98 -25.47 7.89
N GLY G 92 -17.24 -25.12 8.11
CA GLY G 92 -18.29 -26.13 8.13
C GLY G 92 -17.98 -27.19 9.16
N ASN G 93 -17.99 -28.42 8.69
CA ASN G 93 -17.73 -29.63 9.46
C ASN G 93 -16.46 -30.32 8.96
N VAL G 94 -15.54 -29.54 8.41
CA VAL G 94 -14.29 -30.08 7.93
C VAL G 94 -13.50 -30.69 9.06
N THR G 95 -13.03 -31.91 8.85
CA THR G 95 -12.25 -32.61 9.85
C THR G 95 -10.79 -32.54 9.46
N GLU G 96 -9.95 -32.15 10.40
CA GLU G 96 -8.51 -31.98 10.16
C GLU G 96 -7.66 -32.67 11.20
N ASN G 97 -6.66 -33.41 10.77
CA ASN G 97 -5.81 -34.12 11.72
C ASN G 97 -4.68 -33.24 12.27
N PHE G 98 -4.79 -32.92 13.55
CA PHE G 98 -3.85 -32.06 14.25
C PHE G 98 -2.99 -32.89 15.19
N ASN G 99 -1.75 -32.47 15.42
CA ASN G 99 -0.91 -33.17 16.39
C ASN G 99 0.06 -32.18 17.02
N MET G 100 -0.19 -31.84 18.27
CA MET G 100 0.57 -30.82 18.96
C MET G 100 2.02 -31.20 19.22
N TRP G 101 2.33 -32.49 19.15
CA TRP G 101 3.68 -32.92 19.45
C TRP G 101 4.52 -33.07 18.20
N LYS G 102 3.92 -32.81 17.03
CA LYS G 102 4.64 -32.95 15.78
C LYS G 102 4.66 -31.61 15.06
N ASN G 103 4.18 -30.60 15.77
CA ASN G 103 4.00 -29.24 15.30
C ASN G 103 5.31 -28.50 15.20
N ASN G 104 5.36 -27.46 14.36
CA ASN G 104 6.57 -26.66 14.27
C ASN G 104 6.36 -25.21 14.65
N MET G 105 5.13 -24.81 14.98
CA MET G 105 4.86 -23.43 15.36
C MET G 105 5.53 -23.15 16.69
N VAL G 106 5.78 -24.23 17.39
CA VAL G 106 6.41 -24.32 18.67
C VAL G 106 7.86 -23.84 18.55
N GLU G 107 8.53 -24.22 17.45
CA GLU G 107 9.91 -23.81 17.26
C GLU G 107 9.91 -22.35 16.91
N GLN G 108 8.93 -21.91 16.12
CA GLN G 108 8.92 -20.49 15.79
C GLN G 108 8.85 -19.66 17.06
N MET G 109 8.00 -20.08 18.00
CA MET G 109 7.94 -19.31 19.23
C MET G 109 9.25 -19.40 19.98
N HIS G 110 9.84 -20.59 20.05
CA HIS G 110 11.07 -20.76 20.81
C HIS G 110 12.21 -19.89 20.31
N GLU G 111 12.42 -19.83 19.00
CA GLU G 111 13.52 -19.03 18.48
C GLU G 111 13.35 -17.57 18.86
N ASP G 112 12.11 -17.05 18.78
CA ASP G 112 11.91 -15.65 19.14
C ASP G 112 12.19 -15.40 20.61
N ILE G 113 11.86 -16.36 21.47
CA ILE G 113 12.12 -16.24 22.91
C ILE G 113 13.61 -16.20 23.18
N ILE G 114 14.39 -17.02 22.51
CA ILE G 114 15.82 -16.97 22.78
C ILE G 114 16.32 -15.57 22.49
N SER G 115 15.90 -14.98 21.36
CA SER G 115 16.35 -13.63 21.07
C SER G 115 15.86 -12.65 22.13
N LEU G 116 14.62 -12.77 22.56
CA LEU G 116 14.07 -11.87 23.56
C LEU G 116 14.86 -11.86 24.83
N TRP G 117 15.19 -13.02 25.35
CA TRP G 117 15.93 -13.10 26.59
C TRP G 117 17.40 -12.70 26.50
N ASP G 118 18.11 -13.10 25.46
CA ASP G 118 19.52 -12.72 25.39
C ASP G 118 19.69 -11.23 25.12
N GLN G 119 18.66 -10.61 24.54
CA GLN G 119 18.63 -9.20 24.24
C GLN G 119 18.08 -8.34 25.38
N SER G 120 17.68 -8.94 26.52
CA SER G 120 17.08 -8.15 27.59
C SER G 120 17.61 -8.45 28.99
N LEU G 121 17.14 -9.53 29.63
CA LEU G 121 17.59 -9.84 30.98
C LEU G 121 18.91 -10.53 30.88
N LYS G 122 19.91 -9.72 30.61
CA LYS G 122 21.25 -10.17 30.40
C LYS G 122 21.90 -10.58 31.69
N PRO G 123 22.57 -11.72 31.75
CA PRO G 123 23.34 -12.18 32.87
C PRO G 123 24.60 -11.36 32.92
N CYS G 124 25.16 -11.21 34.12
CA CYS G 124 26.43 -10.54 34.36
C CYS G 124 27.53 -11.48 33.93
N VAL G 125 27.32 -12.77 34.20
CA VAL G 125 28.26 -13.81 33.78
C VAL G 125 27.53 -14.90 33.03
N LYS G 126 27.98 -15.22 31.81
CA LYS G 126 27.36 -16.29 31.03
C LYS G 126 28.37 -17.36 30.62
N LEU G 127 28.26 -18.54 31.21
CA LEU G 127 29.20 -19.63 30.99
C LEU G 127 28.61 -20.78 30.20
N THR G 128 29.27 -21.15 29.10
CA THR G 128 28.77 -22.25 28.28
C THR G 128 29.85 -22.82 27.31
N PRO G 129 29.84 -24.15 26.90
CA PRO G 129 30.68 -24.76 25.85
C PRO G 129 30.68 -23.95 24.55
N ASN G 213 36.21 -28.03 26.45
CA ASN G 213 36.50 -26.74 27.03
C ASN G 213 35.26 -25.84 26.90
N THR G 214 35.15 -24.84 27.81
CA THR G 214 34.07 -23.85 27.91
C THR G 214 34.65 -22.47 27.95
N SER G 215 33.80 -21.48 27.75
CA SER G 215 34.22 -20.11 27.86
C SER G 215 33.15 -19.28 28.51
N VAL G 216 33.55 -18.15 29.02
CA VAL G 216 32.64 -17.27 29.68
C VAL G 216 32.77 -15.85 29.19
N ILE G 217 31.65 -15.17 29.12
CA ILE G 217 31.66 -13.76 28.78
C ILE G 217 30.97 -13.00 29.89
N THR G 218 31.22 -11.71 29.96
CA THR G 218 30.55 -10.93 30.98
C THR G 218 29.88 -9.73 30.36
N GLN G 219 28.89 -9.21 31.06
CA GLN G 219 28.11 -8.08 30.60
C GLN G 219 27.78 -7.09 31.70
N ALA G 220 27.55 -5.84 31.33
CA ALA G 220 27.03 -4.87 32.29
C ALA G 220 25.58 -5.29 32.58
N CYS G 221 25.09 -5.09 33.83
CA CYS G 221 23.71 -5.46 34.25
C CYS G 221 22.82 -4.32 34.74
N PRO G 222 22.35 -3.41 33.87
CA PRO G 222 21.36 -2.44 34.21
C PRO G 222 20.17 -3.29 34.55
N LYS G 223 19.32 -2.89 35.46
CA LYS G 223 18.15 -3.72 35.71
C LYS G 223 16.97 -3.16 34.96
N VAL G 224 16.13 -4.05 34.48
CA VAL G 224 14.93 -3.67 33.76
C VAL G 224 13.75 -4.42 34.32
N SER G 225 12.54 -3.90 34.11
CA SER G 225 11.36 -4.62 34.54
C SER G 225 11.03 -5.71 33.55
N PHE G 226 10.27 -6.70 33.99
CA PHE G 226 9.93 -7.80 33.13
C PHE G 226 8.51 -8.33 33.35
N GLU G 227 7.65 -8.00 32.40
CA GLU G 227 6.23 -8.35 32.41
C GLU G 227 5.73 -8.86 31.06
N PRO G 228 5.70 -10.19 30.82
CA PRO G 228 5.31 -10.82 29.57
C PRO G 228 3.95 -10.33 29.09
N ILE G 229 3.86 -10.04 27.78
CA ILE G 229 2.67 -9.53 27.13
C ILE G 229 2.33 -10.56 26.09
N PRO G 230 1.09 -10.73 25.66
CA PRO G 230 0.73 -11.69 24.65
C PRO G 230 1.32 -11.35 23.31
N ILE G 231 1.88 -12.36 22.65
CA ILE G 231 2.42 -12.24 21.31
C ILE G 231 1.69 -13.25 20.41
N HIS G 232 1.21 -12.76 19.28
CA HIS G 232 0.41 -13.52 18.33
C HIS G 232 1.28 -13.93 17.14
N TYR G 233 1.06 -15.10 16.56
CA TYR G 233 1.81 -15.44 15.34
C TYR G 233 0.92 -15.35 14.10
N CYS G 234 1.42 -14.68 13.03
CA CYS G 234 0.68 -14.38 11.79
C CYS G 234 1.37 -14.96 10.55
N ALA G 235 0.57 -15.55 9.66
CA ALA G 235 1.07 -16.15 8.42
C ALA G 235 0.85 -15.28 7.17
N PRO G 236 1.92 -14.77 6.51
CA PRO G 236 1.90 -13.92 5.32
C PRO G 236 1.71 -14.68 4.02
N ALA G 237 1.25 -13.97 2.98
CA ALA G 237 1.28 -14.49 1.60
C ALA G 237 0.66 -15.87 1.46
N GLY G 238 -0.53 -16.04 2.00
CA GLY G 238 -1.17 -17.34 1.96
C GLY G 238 -0.81 -18.01 3.26
N PHE G 239 -0.65 -19.32 3.25
CA PHE G 239 -0.34 -20.03 4.49
C PHE G 239 -1.33 -19.83 5.63
N ALA G 240 -2.60 -20.05 5.39
CA ALA G 240 -3.59 -19.87 6.43
C ALA G 240 -3.32 -20.77 7.62
N ILE G 241 -3.66 -20.28 8.80
CA ILE G 241 -3.49 -21.06 10.00
C ILE G 241 -4.80 -21.71 10.38
N LEU G 242 -4.78 -23.01 10.57
CA LEU G 242 -5.98 -23.67 10.97
C LEU G 242 -5.97 -23.77 12.46
N LYS G 243 -7.13 -23.66 13.05
CA LYS G 243 -7.32 -23.77 14.48
C LYS G 243 -8.35 -24.82 14.82
N CYS G 244 -8.04 -25.67 15.84
CA CYS G 244 -8.94 -26.69 16.36
C CYS G 244 -9.79 -26.09 17.47
N ASN G 245 -11.11 -26.09 17.26
CA ASN G 245 -12.07 -25.51 18.18
C ASN G 245 -12.78 -26.58 18.98
N SER G 246 -12.30 -27.81 18.88
CA SER G 246 -12.92 -28.89 19.62
C SER G 246 -12.46 -28.88 21.05
N LYS G 247 -13.39 -29.14 21.94
CA LYS G 247 -13.11 -29.16 23.36
C LYS G 247 -12.68 -30.54 23.83
N THR G 248 -12.78 -31.51 22.93
CA THR G 248 -12.49 -32.90 23.22
C THR G 248 -11.34 -33.38 22.36
N PHE G 249 -10.57 -32.44 21.85
CA PHE G 249 -9.46 -32.73 20.97
C PHE G 249 -8.40 -33.65 21.59
N ASN G 250 -8.02 -33.35 22.82
CA ASN G 250 -7.05 -34.18 23.53
C ASN G 250 -5.68 -34.35 22.88
N GLY G 251 -5.11 -33.27 22.36
CA GLY G 251 -3.75 -33.29 21.81
C GLY G 251 -3.56 -33.75 20.37
N SER G 252 -4.13 -34.88 20.02
CA SER G 252 -3.95 -35.33 18.66
C SER G 252 -5.09 -36.14 18.08
N GLY G 253 -5.12 -36.12 16.76
CA GLY G 253 -6.07 -36.88 15.97
C GLY G 253 -7.02 -35.93 15.25
N PRO G 254 -7.97 -36.45 14.50
CA PRO G 254 -8.92 -35.68 13.75
C PRO G 254 -9.69 -34.76 14.68
N CYS G 255 -9.79 -33.48 14.32
CA CYS G 255 -10.52 -32.43 15.01
C CYS G 255 -11.73 -32.17 14.17
N THR G 256 -12.89 -32.23 14.80
CA THR G 256 -14.15 -32.09 14.08
C THR G 256 -14.76 -30.67 13.95
N ASN G 257 -14.09 -29.64 14.48
CA ASN G 257 -14.48 -28.23 14.41
C ASN G 257 -13.22 -27.40 14.10
N VAL G 258 -13.02 -27.02 12.81
CA VAL G 258 -11.82 -26.34 12.34
C VAL G 258 -12.12 -24.99 11.73
N SER G 259 -11.43 -23.96 12.20
CA SER G 259 -11.59 -22.62 11.66
C SER G 259 -10.28 -22.11 11.11
N THR G 260 -10.36 -21.11 10.26
CA THR G 260 -9.15 -20.55 9.70
C THR G 260 -8.95 -19.08 10.01
N VAL G 261 -7.72 -18.78 10.44
CA VAL G 261 -7.31 -17.44 10.83
C VAL G 261 -5.98 -17.03 10.18
N GLN G 262 -5.72 -15.72 10.16
CA GLN G 262 -4.37 -15.28 9.77
C GLN G 262 -3.38 -15.24 10.94
N CYS G 263 -3.87 -14.91 12.16
CA CYS G 263 -3.10 -14.75 13.37
C CYS G 263 -3.71 -15.65 14.46
N THR G 264 -2.84 -16.22 15.28
CA THR G 264 -3.22 -17.04 16.43
C THR G 264 -3.58 -16.11 17.55
N HIS G 265 -4.11 -16.64 18.65
CA HIS G 265 -4.39 -15.82 19.81
C HIS G 265 -3.04 -15.48 20.39
N GLY G 266 -2.98 -14.48 21.26
CA GLY G 266 -1.69 -14.16 21.83
C GLY G 266 -1.33 -15.05 22.97
N ILE G 267 -0.05 -15.37 23.04
CA ILE G 267 0.52 -16.17 24.11
C ILE G 267 1.54 -15.35 24.86
N ARG G 268 1.40 -15.21 26.17
CA ARG G 268 2.41 -14.48 26.90
C ARG G 268 3.63 -15.38 26.98
N PRO G 269 4.85 -14.88 26.75
CA PRO G 269 6.10 -15.61 26.80
C PRO G 269 6.56 -15.86 28.22
N VAL G 270 5.77 -16.62 28.95
CA VAL G 270 6.05 -16.97 30.33
C VAL G 270 6.99 -18.16 30.32
N VAL G 271 8.03 -18.13 31.16
CA VAL G 271 9.02 -19.19 31.17
C VAL G 271 9.03 -20.05 32.43
N SER G 272 7.90 -20.12 33.08
CA SER G 272 7.72 -20.90 34.27
C SER G 272 7.77 -22.41 34.00
N THR G 273 8.19 -23.17 34.99
CA THR G 273 8.20 -24.63 34.95
C THR G 273 7.22 -25.15 36.00
N GLN G 274 6.94 -26.45 36.03
CA GLN G 274 5.95 -27.00 36.94
C GLN G 274 4.62 -26.30 36.68
N LEU G 275 4.11 -25.51 37.62
CA LEU G 275 2.85 -24.87 37.35
C LEU G 275 3.03 -23.75 36.34
N LEU G 276 2.17 -23.77 35.35
CA LEU G 276 2.23 -22.76 34.32
C LEU G 276 1.25 -21.69 34.65
N LEU G 277 1.72 -20.47 34.47
CA LEU G 277 0.98 -19.29 34.77
C LEU G 277 0.57 -18.48 33.53
N ASN G 278 -0.59 -17.78 33.65
CA ASN G 278 -1.19 -16.81 32.74
C ASN G 278 -1.45 -17.34 31.30
N GLY G 279 -1.86 -18.61 31.15
CA GLY G 279 -2.20 -19.23 29.87
C GLY G 279 -3.71 -19.24 29.71
N SER G 280 -4.20 -20.01 28.76
CA SER G 280 -5.62 -20.09 28.52
C SER G 280 -6.20 -21.28 29.27
N LEU G 281 -7.51 -21.27 29.42
CA LEU G 281 -8.20 -22.36 30.07
C LEU G 281 -8.90 -23.28 29.11
N ALA G 282 -9.15 -24.49 29.59
CA ALA G 282 -9.85 -25.56 28.88
C ALA G 282 -11.36 -25.31 28.87
N GLU G 283 -11.78 -24.30 29.63
CA GLU G 283 -13.14 -23.81 29.78
C GLU G 283 -14.15 -24.71 30.47
N GLU G 284 -14.36 -25.92 29.97
CA GLU G 284 -15.38 -26.77 30.58
C GLU G 284 -14.85 -27.92 31.42
N GLU G 285 -13.77 -28.55 30.97
CA GLU G 285 -13.25 -29.70 31.68
C GLU G 285 -11.75 -29.67 31.68
N ILE G 286 -11.16 -30.34 32.62
CA ILE G 286 -9.72 -30.43 32.64
C ILE G 286 -9.31 -31.42 31.58
N VAL G 287 -8.35 -31.03 30.78
CA VAL G 287 -7.89 -31.92 29.73
C VAL G 287 -6.55 -32.50 30.01
N ILE G 288 -6.48 -33.82 29.96
CA ILE G 288 -5.25 -34.51 30.19
C ILE G 288 -4.75 -34.95 28.84
N ARG G 289 -3.62 -34.42 28.40
CA ARG G 289 -3.14 -34.81 27.08
C ARG G 289 -1.64 -35.06 27.08
N SER G 290 -1.23 -36.13 26.41
CA SER G 290 0.19 -36.46 26.32
C SER G 290 0.46 -37.25 25.06
N GLU G 291 1.71 -37.21 24.60
CA GLU G 291 2.08 -38.00 23.42
C GLU G 291 1.90 -39.52 23.64
N ASN G 292 2.31 -40.04 24.83
CA ASN G 292 2.22 -41.44 25.23
C ASN G 292 1.83 -41.52 26.73
N ILE G 293 0.51 -41.47 26.99
CA ILE G 293 -0.13 -41.44 28.31
C ILE G 293 0.10 -42.71 29.11
N THR G 294 0.46 -43.79 28.43
CA THR G 294 0.73 -45.05 29.10
C THR G 294 2.21 -45.27 29.36
N ASP G 295 3.07 -44.38 28.89
CA ASP G 295 4.52 -44.52 29.13
C ASP G 295 4.89 -43.79 30.40
N ASN G 296 4.40 -42.55 30.49
CA ASN G 296 4.61 -41.61 31.60
C ASN G 296 6.04 -41.04 31.76
N ALA G 297 6.98 -41.35 30.85
CA ALA G 297 8.29 -40.72 30.97
C ALA G 297 8.17 -39.29 30.51
N LYS G 298 7.27 -39.08 29.55
CA LYS G 298 7.02 -37.79 28.97
C LYS G 298 6.03 -37.04 29.80
N THR G 299 6.18 -35.73 29.81
CA THR G 299 5.31 -34.86 30.57
C THR G 299 3.91 -34.82 30.00
N ILE G 300 2.98 -34.96 30.91
CA ILE G 300 1.57 -34.93 30.70
C ILE G 300 1.10 -33.54 31.01
N ILE G 301 0.42 -32.91 30.07
CA ILE G 301 -0.02 -31.57 30.30
C ILE G 301 -1.43 -31.58 30.77
N VAL G 302 -1.65 -30.99 31.92
CA VAL G 302 -2.96 -30.87 32.48
C VAL G 302 -3.42 -29.44 32.28
N GLN G 303 -4.43 -29.25 31.43
CA GLN G 303 -4.92 -27.90 31.18
C GLN G 303 -6.13 -27.68 32.05
N LEU G 304 -6.10 -26.65 32.86
CA LEU G 304 -7.20 -26.45 33.77
C LEU G 304 -8.34 -25.74 33.09
N ASN G 305 -9.55 -26.01 33.53
CA ASN G 305 -10.74 -25.31 33.06
C ASN G 305 -11.09 -24.12 33.94
N GLU G 306 -10.28 -23.94 34.96
CA GLU G 306 -10.45 -22.87 35.93
C GLU G 306 -9.09 -22.34 36.29
N ALA G 307 -8.96 -21.06 36.57
CA ALA G 307 -7.67 -20.58 37.03
C ALA G 307 -7.67 -20.45 38.55
N VAL G 308 -6.49 -20.63 39.14
CA VAL G 308 -6.32 -20.44 40.58
C VAL G 308 -5.33 -19.32 40.85
N GLU G 309 -5.74 -18.33 41.62
CA GLU G 309 -4.87 -17.20 41.91
C GLU G 309 -3.76 -17.54 42.88
N ILE G 310 -2.58 -17.03 42.58
CA ILE G 310 -1.42 -17.12 43.45
C ILE G 310 -0.84 -15.71 43.69
N ASN G 311 -0.66 -15.29 44.99
CA ASN G 311 -0.17 -13.95 45.37
C ASN G 311 1.18 -14.04 46.09
N CYS G 312 2.30 -13.70 45.40
CA CYS G 312 3.68 -13.87 45.86
C CYS G 312 4.28 -12.53 46.30
N THR G 313 4.65 -12.45 47.57
CA THR G 313 5.17 -11.18 48.09
C THR G 313 6.46 -11.32 48.88
N ARG G 314 7.36 -10.37 48.62
CA ARG G 314 8.58 -10.18 49.37
C ARG G 314 8.59 -8.78 49.96
N PRO G 315 8.16 -8.62 51.21
CA PRO G 315 8.01 -7.36 51.93
C PRO G 315 9.32 -6.57 51.98
N ASN G 316 9.20 -5.25 52.03
CA ASN G 316 10.39 -4.40 52.06
C ASN G 316 11.06 -4.38 53.42
N ASN G 317 10.50 -5.07 54.38
CA ASN G 317 11.06 -5.11 55.71
C ASN G 317 12.00 -6.30 55.87
N ASN G 318 12.11 -7.14 54.86
CA ASN G 318 13.02 -8.27 54.98
C ASN G 318 14.38 -7.83 54.48
N THR G 319 15.06 -7.09 55.34
CA THR G 319 16.32 -6.43 54.99
C THR G 319 17.58 -7.08 55.52
N ARG G 320 17.44 -8.13 56.29
CA ARG G 320 18.62 -8.77 56.87
C ARG G 320 19.31 -9.68 55.87
N LYS G 321 20.60 -9.89 56.08
CA LYS G 321 21.37 -10.82 55.28
C LYS G 321 22.46 -11.44 56.16
N SER G 322 22.99 -12.62 55.77
CA SER G 322 24.07 -13.33 56.45
C SER G 322 24.72 -14.30 55.46
N ASN G 340 14.81 -12.71 55.36
CA ASN G 340 15.99 -12.05 54.81
C ASN G 340 15.64 -11.49 53.40
N ILE G 341 16.62 -10.81 52.77
CA ILE G 341 16.50 -10.16 51.45
C ILE G 341 16.19 -11.09 50.25
N ARG G 342 16.37 -12.39 50.42
CA ARG G 342 16.07 -13.35 49.37
C ARG G 342 14.84 -14.20 49.66
N GLN G 343 14.11 -13.93 50.73
CA GLN G 343 12.95 -14.75 51.07
C GLN G 343 11.63 -14.09 50.71
N ALA G 344 10.70 -14.93 50.25
CA ALA G 344 9.35 -14.52 49.86
C ALA G 344 8.34 -15.66 50.08
N HIS G 345 7.06 -15.30 50.17
CA HIS G 345 6.03 -16.34 50.30
C HIS G 345 4.84 -16.11 49.35
N CYS G 346 4.24 -17.22 48.84
CA CYS G 346 3.08 -17.18 47.91
C CYS G 346 1.82 -17.70 48.55
N ASN G 347 0.79 -16.89 48.53
CA ASN G 347 -0.54 -17.16 49.08
C ASN G 347 -1.44 -17.89 48.07
N ILE G 348 -1.90 -19.10 48.44
CA ILE G 348 -2.79 -19.97 47.66
C ILE G 348 -4.03 -20.31 48.47
N SER G 349 -5.19 -20.22 47.84
CA SER G 349 -6.42 -20.57 48.51
C SER G 349 -6.53 -22.07 48.58
N LYS G 350 -6.60 -22.59 49.80
CA LYS G 350 -6.65 -24.03 50.01
C LYS G 350 -7.90 -24.59 49.38
N ALA G 351 -9.03 -23.89 49.52
CA ALA G 351 -10.25 -24.40 48.96
C ALA G 351 -10.17 -24.45 47.46
N ARG G 352 -9.61 -23.42 46.83
CA ARG G 352 -9.55 -23.45 45.38
C ARG G 352 -8.63 -24.53 44.90
N TRP G 353 -7.53 -24.68 45.60
CA TRP G 353 -6.56 -25.64 45.22
C TRP G 353 -7.12 -27.04 45.33
N ASN G 354 -7.81 -27.35 46.43
CA ASN G 354 -8.34 -28.69 46.58
C ASN G 354 -9.46 -28.97 45.61
N GLU G 355 -10.27 -27.96 45.27
CA GLU G 355 -11.35 -28.17 44.31
C GLU G 355 -10.75 -28.53 42.97
N THR G 356 -9.65 -27.85 42.63
CA THR G 356 -8.95 -28.08 41.39
C THR G 356 -8.33 -29.46 41.37
N LEU G 357 -7.69 -29.89 42.47
CA LEU G 357 -7.05 -31.19 42.51
C LEU G 357 -8.09 -32.26 42.37
N GLY G 358 -9.26 -32.05 42.99
CA GLY G 358 -10.34 -33.00 42.93
C GLY G 358 -10.77 -33.24 41.50
N GLN G 359 -10.99 -32.16 40.74
CA GLN G 359 -11.40 -32.33 39.36
C GLN G 359 -10.31 -32.99 38.52
N ILE G 360 -9.05 -32.67 38.80
CA ILE G 360 -7.96 -33.25 38.03
C ILE G 360 -7.95 -34.75 38.26
N VAL G 361 -8.07 -35.17 39.51
CA VAL G 361 -8.04 -36.58 39.81
C VAL G 361 -9.20 -37.29 39.19
N ALA G 362 -10.39 -36.71 39.27
CA ALA G 362 -11.52 -37.40 38.68
C ALA G 362 -11.26 -37.71 37.22
N LYS G 363 -10.59 -36.79 36.53
CA LYS G 363 -10.25 -37.00 35.14
C LYS G 363 -9.09 -38.02 34.99
N LEU G 364 -8.09 -37.96 35.86
CA LEU G 364 -6.94 -38.88 35.78
C LEU G 364 -7.37 -40.33 35.99
N GLU G 365 -8.37 -40.52 36.83
CA GLU G 365 -8.90 -41.84 37.17
C GLU G 365 -9.49 -42.55 35.97
N GLU G 366 -9.83 -41.82 34.92
CA GLU G 366 -10.36 -42.44 33.70
C GLU G 366 -9.29 -43.33 32.97
N GLN G 367 -7.98 -43.11 33.24
CA GLN G 367 -6.85 -43.80 32.64
C GLN G 367 -6.57 -45.05 33.47
N PHE G 375 1.11 -34.37 42.80
CA PHE G 375 0.36 -35.10 43.84
C PHE G 375 1.24 -35.73 44.94
N ASN G 376 2.57 -35.54 44.83
CA ASN G 376 3.63 -35.96 45.72
C ASN G 376 4.73 -34.94 45.53
N HIS G 377 5.81 -35.12 46.25
CA HIS G 377 6.95 -34.24 46.17
C HIS G 377 7.61 -34.43 44.81
N SER G 378 8.17 -33.36 44.23
CA SER G 378 8.85 -33.52 42.95
C SER G 378 10.03 -34.49 43.15
N SER G 379 10.47 -35.13 42.05
CA SER G 379 11.51 -36.16 42.15
C SER G 379 12.95 -35.74 42.35
N GLY G 380 13.32 -34.51 42.03
CA GLY G 380 14.72 -34.15 42.18
C GLY G 380 15.34 -33.73 40.87
N GLY G 381 16.48 -33.07 40.97
CA GLY G 381 17.17 -32.54 39.81
C GLY G 381 17.58 -31.12 40.10
N ASP G 382 17.88 -30.41 39.04
CA ASP G 382 18.29 -29.02 39.11
C ASP G 382 17.15 -28.26 39.79
N PRO G 383 17.38 -27.13 40.46
CA PRO G 383 16.35 -26.36 41.13
C PRO G 383 15.22 -25.90 40.20
N GLU G 384 15.48 -25.76 38.89
CA GLU G 384 14.43 -25.37 37.96
C GLU G 384 13.40 -26.48 37.73
N ILE G 385 13.76 -27.68 38.13
CA ILE G 385 12.95 -28.88 38.03
C ILE G 385 12.27 -29.14 39.34
N VAL G 386 13.04 -29.01 40.40
CA VAL G 386 12.59 -29.33 41.73
C VAL G 386 11.57 -28.36 42.28
N THR G 387 11.82 -27.06 42.14
CA THR G 387 10.92 -26.06 42.66
C THR G 387 10.12 -25.40 41.57
N HIS G 388 9.15 -24.62 41.98
CA HIS G 388 8.36 -23.89 41.05
C HIS G 388 9.15 -22.69 40.62
N SER G 389 9.87 -22.86 39.53
CA SER G 389 10.72 -21.81 39.03
C SER G 389 10.02 -20.88 38.08
N PHE G 390 10.21 -19.59 38.32
CA PHE G 390 9.65 -18.56 37.46
C PHE G 390 10.40 -17.25 37.55
N ASN G 391 10.20 -16.38 36.58
CA ASN G 391 10.81 -15.05 36.62
C ASN G 391 9.69 -14.00 36.57
N CYS G 392 9.71 -13.06 37.54
CA CYS G 392 8.69 -12.02 37.68
C CYS G 392 9.34 -10.72 38.18
N GLY G 393 9.21 -9.65 37.41
CA GLY G 393 9.76 -8.38 37.85
C GLY G 393 11.25 -8.33 37.58
N GLY G 394 11.71 -9.39 36.92
CA GLY G 394 13.10 -9.61 36.58
C GLY G 394 13.76 -10.53 37.61
N GLU G 395 13.08 -10.77 38.74
CA GLU G 395 13.64 -11.61 39.78
C GLU G 395 13.41 -13.07 39.46
N PHE G 396 14.36 -13.92 39.85
CA PHE G 396 14.22 -15.36 39.65
C PHE G 396 13.82 -16.07 40.93
N PHE G 397 12.60 -16.60 40.94
CA PHE G 397 12.02 -17.23 42.11
C PHE G 397 12.02 -18.74 42.01
N TYR G 398 12.28 -19.38 43.13
CA TYR G 398 12.25 -20.83 43.29
C TYR G 398 11.34 -21.22 44.49
N CYS G 399 10.06 -21.58 44.24
CA CYS G 399 9.07 -21.81 45.30
C CYS G 399 8.82 -23.29 45.61
N ASN G 400 8.77 -23.59 46.90
CA ASN G 400 8.51 -24.91 47.46
C ASN G 400 7.01 -25.20 47.46
N THR G 401 6.59 -26.18 46.62
CA THR G 401 5.21 -26.63 46.35
C THR G 401 4.81 -27.85 47.13
N THR G 402 5.61 -28.26 48.11
CA THR G 402 5.19 -29.39 48.92
C THR G 402 3.76 -29.18 49.42
N PRO G 403 3.35 -27.98 49.96
CA PRO G 403 2.02 -27.69 50.47
C PRO G 403 0.90 -27.91 49.45
N LEU G 404 1.25 -27.95 48.16
CA LEU G 404 0.25 -28.14 47.13
C LEU G 404 0.17 -29.59 46.67
N PHE G 405 1.31 -30.27 46.73
CA PHE G 405 1.41 -31.63 46.25
C PHE G 405 2.04 -32.57 47.29
N ASN G 406 1.19 -33.17 48.15
CA ASN G 406 1.59 -34.01 49.26
C ASN G 406 0.47 -35.00 49.58
N GLN G 423 -6.76 -22.31 55.23
CA GLN G 423 -6.71 -21.47 54.04
C GLN G 423 -5.40 -20.69 54.12
N ASN G 424 -5.11 -19.81 53.09
CA ASN G 424 -3.91 -18.95 53.01
C ASN G 424 -2.61 -19.75 53.21
N ILE G 425 -2.51 -20.84 52.47
CA ILE G 425 -1.37 -21.72 52.59
C ILE G 425 -0.27 -21.09 51.81
N THR G 426 0.96 -21.19 52.29
CA THR G 426 1.99 -20.55 51.50
C THR G 426 3.12 -21.41 51.04
N LEU G 427 3.64 -21.01 49.89
CA LEU G 427 4.82 -21.64 49.32
C LEU G 427 6.01 -20.97 49.91
N GLN G 428 7.08 -21.73 50.09
CA GLN G 428 8.32 -21.14 50.64
C GLN G 428 9.23 -20.78 49.48
N CYS G 429 9.45 -19.46 49.20
CA CYS G 429 10.18 -19.01 48.00
C CYS G 429 11.51 -18.35 48.28
N ARG G 430 12.47 -18.70 47.44
CA ARG G 430 13.76 -18.06 47.50
C ARG G 430 14.06 -17.33 46.19
N ILE G 431 14.79 -16.25 46.29
CA ILE G 431 15.24 -15.52 45.12
C ILE G 431 16.72 -15.78 44.95
N LYS G 432 17.11 -16.25 43.78
CA LYS G 432 18.49 -16.63 43.56
C LYS G 432 19.20 -15.86 42.46
N GLN G 433 20.52 -15.80 42.58
CA GLN G 433 21.38 -15.16 41.59
C GLN G 433 22.01 -16.16 40.65
N ILE G 434 22.13 -17.41 41.04
CA ILE G 434 22.74 -18.38 40.17
C ILE G 434 21.64 -19.19 39.53
N ILE G 435 21.51 -19.02 38.22
CA ILE G 435 20.43 -19.57 37.43
C ILE G 435 20.94 -20.57 36.41
N ASN G 436 20.35 -21.75 36.31
CA ASN G 436 20.81 -22.64 35.24
C ASN G 436 20.10 -22.14 33.98
N MET G 437 20.81 -22.04 32.86
CA MET G 437 20.20 -21.53 31.64
C MET G 437 19.35 -22.57 30.92
N TRP G 438 18.32 -22.11 30.21
CA TRP G 438 17.45 -22.95 29.39
C TRP G 438 17.66 -22.75 27.90
N GLN G 439 18.58 -21.87 27.57
CA GLN G 439 18.89 -21.53 26.20
C GLN G 439 19.81 -22.56 25.52
N GLY G 440 20.36 -23.45 26.32
CA GLY G 440 21.31 -24.47 25.92
C GLY G 440 21.97 -24.93 27.20
N VAL G 441 22.99 -25.77 27.14
CA VAL G 441 23.57 -26.15 28.41
C VAL G 441 24.57 -25.09 28.86
N GLY G 442 24.37 -24.60 30.07
CA GLY G 442 25.23 -23.58 30.64
C GLY G 442 24.61 -22.97 31.89
N LYS G 443 25.36 -22.08 32.53
CA LYS G 443 24.95 -21.42 33.77
C LYS G 443 25.13 -19.91 33.69
N ALA G 444 24.35 -19.18 34.47
CA ALA G 444 24.55 -17.74 34.46
C ALA G 444 24.30 -17.07 35.80
N MET G 445 25.00 -15.97 36.02
CA MET G 445 24.83 -15.19 37.23
C MET G 445 24.13 -13.89 36.91
N TYR G 446 23.15 -13.59 37.75
CA TYR G 446 22.40 -12.35 37.71
C TYR G 446 22.66 -11.54 38.95
N ALA G 447 22.54 -10.24 38.81
CA ALA G 447 22.79 -9.34 39.91
C ALA G 447 21.82 -9.62 41.09
N PRO G 448 22.23 -9.33 42.36
CA PRO G 448 21.47 -9.47 43.61
C PRO G 448 20.13 -8.75 43.57
N PRO G 449 19.19 -9.09 44.47
CA PRO G 449 17.81 -8.63 44.53
C PRO G 449 17.66 -7.12 44.63
N ILE G 450 16.56 -6.64 44.09
CA ILE G 450 16.21 -5.23 44.15
C ILE G 450 15.76 -4.80 45.51
N ARG G 451 16.29 -3.68 45.99
CA ARG G 451 15.84 -3.21 47.28
C ARG G 451 14.46 -2.60 47.14
N GLY G 452 13.54 -3.04 47.99
CA GLY G 452 12.17 -2.57 47.99
C GLY G 452 11.26 -3.77 48.14
N GLN G 453 9.98 -3.59 47.82
CA GLN G 453 9.00 -4.66 47.94
C GLN G 453 8.48 -5.11 46.60
N ILE G 454 8.52 -6.41 46.40
CA ILE G 454 8.01 -6.98 45.15
C ILE G 454 6.80 -7.84 45.38
N ARG G 455 5.77 -7.59 44.59
CA ARG G 455 4.54 -8.37 44.66
C ARG G 455 4.11 -8.80 43.26
N CYS G 456 3.93 -10.12 43.06
CA CYS G 456 3.53 -10.77 41.81
C CYS G 456 2.18 -11.46 42.03
N SER G 457 1.32 -11.40 41.04
CA SER G 457 0.02 -12.05 41.12
C SER G 457 -0.24 -12.73 39.81
N SER G 458 -0.43 -14.03 39.86
CA SER G 458 -0.60 -14.79 38.64
C SER G 458 -1.79 -15.74 38.69
N ASN G 459 -2.20 -16.22 37.49
CA ASN G 459 -3.27 -17.20 37.27
C ASN G 459 -2.64 -18.56 36.95
N ILE G 460 -2.87 -19.59 37.81
CA ILE G 460 -2.37 -20.94 37.57
C ILE G 460 -3.34 -21.52 36.56
N THR G 461 -2.82 -21.83 35.37
CA THR G 461 -3.65 -22.32 34.27
C THR G 461 -3.29 -23.75 33.87
N GLY G 462 -2.16 -24.25 34.35
CA GLY G 462 -1.83 -25.62 34.00
C GLY G 462 -0.77 -26.27 34.89
N LEU G 463 -0.72 -27.59 34.80
CA LEU G 463 0.17 -28.44 35.57
C LEU G 463 0.93 -29.47 34.74
N LEU G 464 2.23 -29.55 34.95
CA LEU G 464 3.05 -30.50 34.24
C LEU G 464 3.47 -31.70 35.09
N LEU G 465 2.94 -32.86 34.73
CA LEU G 465 3.17 -34.09 35.50
C LEU G 465 3.95 -35.17 34.79
N THR G 466 4.70 -35.94 35.55
CA THR G 466 5.29 -37.17 35.04
C THR G 466 4.95 -38.28 36.02
N ARG G 467 5.12 -39.53 35.62
CA ARG G 467 4.85 -40.63 36.55
C ARG G 467 5.83 -41.76 36.27
N ASP G 468 6.01 -42.67 37.20
CA ASP G 468 6.94 -43.74 36.91
C ASP G 468 6.25 -44.90 36.15
N GLY G 469 7.04 -45.94 35.81
CA GLY G 469 6.63 -47.16 35.12
C GLY G 469 7.10 -48.39 35.89
N THR G 478 0.01 -40.02 43.35
CA THR G 478 0.81 -41.01 42.60
C THR G 478 1.70 -40.39 41.46
N PHE G 479 1.59 -39.07 41.23
CA PHE G 479 2.31 -38.27 40.22
C PHE G 479 3.32 -37.33 40.84
N ARG G 480 4.35 -37.00 40.07
CA ARG G 480 5.36 -36.05 40.51
C ARG G 480 5.25 -34.76 39.69
N PRO G 481 4.92 -33.60 40.29
CA PRO G 481 4.73 -32.31 39.64
C PRO G 481 6.07 -31.66 39.37
N GLY G 482 6.90 -32.35 38.59
CA GLY G 482 8.25 -31.91 38.29
C GLY G 482 8.49 -31.64 36.81
N GLY G 483 7.45 -31.56 35.98
CA GLY G 483 7.68 -31.37 34.57
C GLY G 483 7.84 -29.90 34.19
N GLY G 484 8.29 -29.68 32.97
CA GLY G 484 8.41 -28.37 32.35
C GLY G 484 9.80 -27.89 32.02
N ASN G 485 9.91 -27.48 30.77
CA ASN G 485 11.09 -26.91 30.16
C ASN G 485 10.62 -25.98 29.07
N MET G 486 11.53 -25.21 28.55
CA MET G 486 11.12 -24.24 27.57
C MET G 486 10.99 -24.89 26.25
N ARG G 487 9.91 -24.53 25.57
CA ARG G 487 9.51 -25.03 24.28
C ARG G 487 8.57 -26.20 24.46
N ASP G 488 8.50 -26.76 25.66
CA ASP G 488 7.53 -27.82 25.86
C ASP G 488 6.31 -27.17 26.51
N ASN G 489 6.57 -26.18 27.37
CA ASN G 489 5.49 -25.52 28.09
C ASN G 489 4.56 -24.75 27.16
N TRP G 490 5.07 -24.26 26.05
CA TRP G 490 4.30 -23.47 25.09
C TRP G 490 3.42 -24.33 24.23
N ARG G 491 3.58 -25.65 24.31
CA ARG G 491 2.76 -26.53 23.53
C ARG G 491 1.36 -26.47 24.13
N SER G 492 1.23 -25.99 25.37
CA SER G 492 -0.05 -25.90 26.03
C SER G 492 -0.93 -24.82 25.40
N GLU G 493 -0.35 -23.93 24.59
CA GLU G 493 -1.13 -22.90 23.94
C GLU G 493 -1.21 -23.13 22.42
N LEU G 494 -0.15 -23.70 21.86
CA LEU G 494 -0.03 -23.90 20.42
C LEU G 494 -0.58 -25.22 19.92
N TYR G 495 -1.16 -26.01 20.81
CA TYR G 495 -1.65 -27.35 20.48
C TYR G 495 -2.74 -27.37 19.45
N LYS G 496 -3.44 -26.28 19.35
CA LYS G 496 -4.56 -26.20 18.44
C LYS G 496 -4.22 -25.55 17.11
N TYR G 497 -2.94 -25.22 16.83
CA TYR G 497 -2.70 -24.56 15.54
C TYR G 497 -1.75 -25.24 14.57
N LYS G 498 -2.07 -25.13 13.26
CA LYS G 498 -1.17 -25.62 12.21
C LYS G 498 -1.17 -24.70 10.98
N VAL G 499 -0.06 -24.64 10.26
CA VAL G 499 -0.01 -23.82 9.04
C VAL G 499 -0.16 -24.68 7.81
N VAL G 500 -1.09 -24.28 6.93
CA VAL G 500 -1.30 -25.01 5.69
C VAL G 500 -1.27 -24.12 4.49
N LYS G 501 -1.04 -24.71 3.33
CA LYS G 501 -1.07 -24.01 2.07
C LYS G 501 -2.05 -24.71 1.17
N ILE G 502 -2.53 -24.01 0.17
CA ILE G 502 -3.48 -24.62 -0.73
C ILE G 502 -2.82 -24.98 -2.02
N GLU G 503 -3.21 -26.13 -2.54
CA GLU G 503 -2.75 -26.60 -3.83
C GLU G 503 -3.99 -26.71 -4.72
N PRO G 504 -4.46 -25.61 -5.36
CA PRO G 504 -5.69 -25.50 -6.11
C PRO G 504 -5.74 -26.36 -7.37
N LEU G 505 -4.64 -26.91 -7.81
CA LEU G 505 -4.71 -27.71 -9.01
C LEU G 505 -4.84 -29.19 -8.70
N GLY G 506 -5.92 -29.80 -9.18
CA GLY G 506 -6.16 -31.23 -8.92
C GLY G 506 -6.84 -31.92 -10.10
N ILE G 507 -7.09 -33.21 -9.94
CA ILE G 507 -7.65 -34.09 -10.96
C ILE G 507 -8.68 -35.06 -10.45
N ALA G 508 -9.70 -35.32 -11.25
CA ALA G 508 -10.68 -36.35 -10.94
C ALA G 508 -11.16 -36.87 -12.28
N PRO G 509 -11.59 -38.12 -12.41
CA PRO G 509 -12.20 -38.61 -13.61
C PRO G 509 -13.59 -38.08 -13.66
N THR G 510 -14.13 -37.87 -14.84
CA THR G 510 -15.55 -37.57 -14.89
C THR G 510 -16.21 -38.09 -16.17
N ALA G 511 -17.49 -37.82 -16.29
CA ALA G 511 -18.30 -38.29 -17.39
C ALA G 511 -18.26 -37.36 -18.63
N CYS G 512 -17.06 -37.23 -19.24
CA CYS G 512 -16.82 -36.44 -20.44
C CYS G 512 -15.54 -36.91 -21.12
N LYS G 513 -15.33 -36.49 -22.35
CA LYS G 513 -14.03 -36.67 -22.98
C LYS G 513 -13.70 -35.39 -23.74
N ARG G 514 -12.42 -35.11 -23.95
CA ARG G 514 -12.10 -33.95 -24.76
C ARG G 514 -12.68 -34.11 -26.17
N ARG G 515 -13.33 -33.03 -26.70
CA ARG G 515 -13.96 -32.95 -28.04
C ARG G 515 -14.99 -34.08 -28.24
N ALA H 1 -8.66 -16.80 4.96
CA ALA H 1 -8.48 -16.06 6.22
C ALA H 1 -7.22 -15.16 6.25
N VAL H 2 -6.39 -15.25 5.21
CA VAL H 2 -5.13 -14.54 5.01
C VAL H 2 -5.19 -13.62 3.83
N GLY H 3 -6.39 -13.39 3.31
CA GLY H 3 -6.51 -12.51 2.18
C GLY H 3 -5.95 -13.12 0.92
N LEU H 4 -6.12 -14.44 0.69
CA LEU H 4 -5.53 -15.10 -0.48
C LEU H 4 -6.41 -14.92 -1.74
N GLY H 5 -6.53 -13.65 -2.08
CA GLY H 5 -7.23 -13.09 -3.20
C GLY H 5 -8.70 -13.23 -2.94
N ALA H 6 -9.51 -12.86 -3.93
CA ALA H 6 -10.92 -13.10 -3.81
C ALA H 6 -11.18 -14.51 -4.30
N PHE H 7 -10.14 -15.12 -4.88
CA PHE H 7 -10.27 -16.43 -5.44
C PHE H 7 -10.46 -17.46 -4.35
N ILE H 8 -9.59 -17.54 -3.33
CA ILE H 8 -9.85 -18.61 -2.37
C ILE H 8 -10.67 -18.17 -1.20
N LEU H 9 -11.95 -18.08 -1.47
CA LEU H 9 -12.98 -17.76 -0.49
C LEU H 9 -14.11 -18.74 -0.65
N GLY H 10 -14.60 -18.87 -1.88
CA GLY H 10 -15.72 -19.77 -2.18
C GLY H 10 -15.26 -21.21 -2.09
N PHE H 11 -13.95 -21.37 -2.03
CA PHE H 11 -13.35 -22.65 -1.97
C PHE H 11 -13.10 -23.05 -0.52
N LEU H 12 -13.28 -22.12 0.43
CA LEU H 12 -13.18 -22.51 1.82
C LEU H 12 -14.50 -23.16 2.10
N GLY H 13 -15.52 -22.62 1.45
CA GLY H 13 -16.87 -23.16 1.53
C GLY H 13 -16.87 -24.56 0.93
N ALA H 14 -16.33 -24.68 -0.29
CA ALA H 14 -16.25 -25.94 -1.03
C ALA H 14 -15.51 -27.02 -0.27
N ALA H 15 -14.52 -26.63 0.54
CA ALA H 15 -13.76 -27.60 1.32
C ALA H 15 -14.64 -28.43 2.24
N GLY H 16 -15.82 -27.91 2.59
CA GLY H 16 -16.75 -28.57 3.50
C GLY H 16 -17.79 -29.45 2.84
N SER H 17 -17.74 -29.66 1.52
CA SER H 17 -18.76 -30.49 0.89
C SER H 17 -18.17 -31.42 -0.15
N THR H 18 -19.04 -32.11 -0.88
CA THR H 18 -18.60 -33.11 -1.84
C THR H 18 -18.11 -32.44 -3.11
N MET H 19 -17.39 -33.19 -3.94
CA MET H 19 -16.85 -32.57 -5.14
C MET H 19 -17.97 -32.10 -6.06
N GLY H 20 -19.03 -32.91 -6.14
CA GLY H 20 -20.18 -32.59 -6.95
C GLY H 20 -20.83 -31.33 -6.44
N ALA H 21 -21.06 -31.28 -5.12
CA ALA H 21 -21.68 -30.13 -4.52
C ALA H 21 -20.87 -28.88 -4.72
N ALA H 22 -19.54 -29.01 -4.68
CA ALA H 22 -18.72 -27.82 -4.87
C ALA H 22 -18.91 -27.25 -6.26
N SER H 23 -18.96 -28.11 -7.29
CA SER H 23 -19.12 -27.58 -8.63
C SER H 23 -20.47 -26.92 -8.76
N MET H 24 -21.47 -27.52 -8.15
CA MET H 24 -22.82 -27.01 -8.19
C MET H 24 -22.91 -25.66 -7.53
N ALA H 25 -22.41 -25.56 -6.31
CA ALA H 25 -22.52 -24.34 -5.55
C ALA H 25 -21.81 -23.20 -6.22
N LEU H 26 -20.67 -23.48 -6.85
CA LEU H 26 -19.93 -22.45 -7.54
C LEU H 26 -20.73 -21.98 -8.74
N THR H 27 -21.40 -22.92 -9.42
CA THR H 27 -22.23 -22.59 -10.57
C THR H 27 -23.38 -21.68 -10.14
N VAL H 28 -23.99 -21.99 -8.99
CA VAL H 28 -25.12 -21.22 -8.51
C VAL H 28 -24.71 -19.83 -8.15
N GLN H 29 -23.63 -19.69 -7.41
CA GLN H 29 -23.25 -18.36 -7.01
C GLN H 29 -22.86 -17.57 -8.23
N ALA H 30 -22.21 -18.22 -9.18
CA ALA H 30 -21.79 -17.55 -10.37
C ALA H 30 -22.96 -17.05 -11.18
N ARG H 31 -24.05 -17.82 -11.28
CA ARG H 31 -25.12 -17.25 -12.08
C ARG H 31 -25.79 -16.11 -11.33
N LEU H 32 -25.86 -16.20 -10.00
CA LEU H 32 -26.52 -15.15 -9.26
C LEU H 32 -25.73 -13.86 -9.39
N LEU H 33 -24.41 -13.98 -9.40
CA LEU H 33 -23.58 -12.80 -9.58
C LEU H 33 -23.68 -12.24 -11.00
N LEU H 34 -23.70 -13.11 -12.02
CA LEU H 34 -23.77 -12.63 -13.41
C LEU H 34 -25.06 -11.90 -13.67
N SER H 35 -26.12 -12.37 -13.03
CA SER H 35 -27.45 -11.83 -13.18
C SER H 35 -27.70 -10.56 -12.40
N GLY H 36 -26.79 -10.17 -11.50
CA GLY H 36 -27.01 -8.99 -10.68
C GLY H 36 -28.01 -9.25 -9.57
N ILE H 37 -28.13 -10.49 -9.13
CA ILE H 37 -29.08 -10.85 -8.10
C ILE H 37 -28.42 -10.71 -6.75
N VAL H 38 -27.18 -11.14 -6.67
CA VAL H 38 -26.46 -11.05 -5.42
C VAL H 38 -25.18 -10.28 -5.66
N GLN H 39 -24.59 -9.76 -4.61
CA GLN H 39 -23.34 -9.04 -4.75
C GLN H 39 -22.35 -9.53 -3.73
N GLN H 40 -21.07 -9.40 -4.04
CA GLN H 40 -20.05 -9.76 -3.06
C GLN H 40 -19.72 -8.54 -2.22
N GLN H 41 -19.34 -8.78 -0.98
CA GLN H 41 -18.92 -7.73 -0.08
C GLN H 41 -17.44 -7.45 -0.23
N ASN H 42 -17.10 -6.19 -0.42
CA ASN H 42 -15.70 -5.82 -0.51
C ASN H 42 -15.13 -5.82 0.90
N ASN H 43 -13.95 -6.40 1.07
CA ASN H 43 -13.32 -6.45 2.39
C ASN H 43 -11.93 -5.88 2.32
N LEU H 44 -11.89 -4.56 2.33
CA LEU H 44 -10.69 -3.80 2.17
C LEU H 44 -10.45 -3.06 3.48
N LEU H 45 -9.31 -3.26 4.10
CA LEU H 45 -9.04 -2.64 5.40
C LEU H 45 -9.08 -1.13 5.32
N ARG H 46 -9.75 -0.49 6.25
CA ARG H 46 -9.78 0.95 6.21
C ARG H 46 -8.39 1.52 6.45
N ALA H 47 -7.98 2.43 5.58
CA ALA H 47 -6.73 3.15 5.77
C ALA H 47 -7.02 4.03 6.98
N PRO H 48 -6.04 4.35 7.84
CA PRO H 48 -6.26 5.11 9.05
C PRO H 48 -6.66 6.53 8.82
N GLU H 49 -7.50 7.03 9.72
CA GLU H 49 -7.92 8.41 9.73
C GLU H 49 -7.03 9.20 10.67
N ALA H 50 -6.59 8.55 11.73
CA ALA H 50 -5.87 9.20 12.80
C ALA H 50 -4.47 8.66 13.01
N GLN H 51 -3.64 9.50 13.62
CA GLN H 51 -2.25 9.18 13.92
C GLN H 51 -2.06 7.96 14.81
N GLN H 52 -2.98 7.68 15.71
CA GLN H 52 -2.85 6.53 16.60
C GLN H 52 -2.95 5.20 15.87
N HIS H 53 -3.36 5.20 14.61
CA HIS H 53 -3.50 3.96 13.88
C HIS H 53 -2.35 3.76 12.89
N MET H 54 -1.35 4.63 12.97
CA MET H 54 -0.22 4.50 12.09
C MET H 54 0.57 3.33 12.63
N LEU H 55 1.18 2.56 11.75
CA LEU H 55 1.90 1.32 12.05
C LEU H 55 0.92 0.22 12.44
N GLN H 56 -0.38 0.45 12.31
CA GLN H 56 -1.39 -0.56 12.55
C GLN H 56 -2.20 -0.77 11.30
N LEU H 57 -2.94 0.26 10.88
CA LEU H 57 -3.76 0.12 9.70
C LEU H 57 -2.93 0.33 8.47
N THR H 58 -1.73 0.87 8.64
CA THR H 58 -0.88 1.05 7.49
C THR H 58 -0.08 -0.21 7.26
N VAL H 59 0.15 -1.00 8.30
CA VAL H 59 0.91 -2.22 8.08
C VAL H 59 -0.06 -3.27 7.65
N TRP H 60 -1.23 -3.32 8.26
CA TRP H 60 -2.18 -4.31 7.85
C TRP H 60 -2.74 -3.97 6.48
N GLY H 61 -2.78 -2.67 6.12
CA GLY H 61 -3.23 -2.25 4.82
C GLY H 61 -2.29 -2.82 3.77
N ILE H 62 -0.99 -2.59 3.94
CA ILE H 62 -0.02 -3.11 2.99
C ILE H 62 -0.01 -4.62 2.98
N LYS H 63 -0.10 -5.27 4.14
CA LYS H 63 -0.10 -6.72 4.19
C LYS H 63 -1.27 -7.32 3.43
N GLN H 64 -2.48 -6.73 3.55
CA GLN H 64 -3.57 -7.27 2.78
C GLN H 64 -3.35 -7.07 1.30
N LEU H 65 -2.81 -5.91 0.91
CA LEU H 65 -2.58 -5.72 -0.49
C LEU H 65 -1.55 -6.69 -1.01
N GLN H 66 -0.51 -6.97 -0.25
CA GLN H 66 0.46 -7.90 -0.77
C GLN H 66 -0.14 -9.27 -0.92
N ALA H 67 -0.95 -9.70 0.04
CA ALA H 67 -1.53 -11.01 -0.07
C ALA H 67 -2.46 -11.10 -1.28
N ARG H 68 -3.26 -10.05 -1.51
CA ARG H 68 -4.18 -10.09 -2.62
C ARG H 68 -3.51 -9.96 -3.98
N VAL H 69 -2.51 -9.09 -4.10
CA VAL H 69 -1.83 -8.90 -5.36
C VAL H 69 -1.10 -10.16 -5.72
N LEU H 70 -0.46 -10.75 -4.72
CA LEU H 70 0.25 -11.97 -4.91
C LEU H 70 -0.70 -13.09 -5.28
N ALA H 71 -1.87 -13.15 -4.64
CA ALA H 71 -2.82 -14.18 -5.00
C ALA H 71 -3.25 -14.03 -6.45
N VAL H 72 -3.40 -12.79 -6.93
CA VAL H 72 -3.79 -12.58 -8.31
C VAL H 72 -2.70 -13.08 -9.22
N GLU H 73 -1.46 -12.75 -8.90
CA GLU H 73 -0.37 -13.22 -9.72
C GLU H 73 -0.29 -14.73 -9.74
N ARG H 74 -0.45 -15.39 -8.60
CA ARG H 74 -0.37 -16.82 -8.57
C ARG H 74 -1.47 -17.44 -9.42
N TYR H 75 -2.67 -16.85 -9.35
CA TYR H 75 -3.79 -17.30 -10.13
C TYR H 75 -3.48 -17.25 -11.60
N LEU H 76 -2.98 -16.10 -12.04
CA LEU H 76 -2.71 -15.93 -13.45
C LEU H 76 -1.62 -16.85 -13.91
N ARG H 77 -0.63 -17.10 -13.06
CA ARG H 77 0.40 -18.00 -13.49
C ARG H 77 -0.20 -19.36 -13.70
N ASP H 78 -1.04 -19.85 -12.80
CA ASP H 78 -1.56 -21.20 -13.04
C ASP H 78 -2.43 -21.25 -14.28
N GLN H 79 -3.20 -20.20 -14.52
CA GLN H 79 -4.06 -20.19 -15.65
C GLN H 79 -3.29 -20.29 -16.94
N GLN H 80 -2.08 -19.76 -17.00
CA GLN H 80 -1.33 -19.87 -18.23
C GLN H 80 -0.35 -21.06 -18.25
N LEU H 81 0.15 -21.48 -17.09
CA LEU H 81 1.12 -22.58 -16.99
C LEU H 81 0.47 -23.86 -17.49
N LEU H 82 -0.85 -23.95 -17.29
CA LEU H 82 -1.69 -25.07 -17.71
C LEU H 82 -1.76 -25.26 -19.22
N GLY H 83 -1.13 -24.37 -19.97
CA GLY H 83 -1.04 -24.50 -21.42
C GLY H 83 -0.38 -25.82 -21.79
N ILE H 84 0.49 -26.38 -20.94
CA ILE H 84 1.14 -27.66 -21.28
C ILE H 84 0.16 -28.78 -21.54
N TRP H 85 -0.94 -28.85 -20.80
CA TRP H 85 -1.88 -29.94 -20.96
C TRP H 85 -3.04 -29.50 -21.84
N GLY H 86 -2.92 -28.29 -22.41
CA GLY H 86 -3.98 -27.68 -23.19
C GLY H 86 -5.16 -27.17 -22.34
N CYS H 87 -4.90 -26.84 -21.05
CA CYS H 87 -5.91 -26.45 -20.07
C CYS H 87 -5.75 -24.99 -19.64
N SER H 88 -5.09 -24.18 -20.47
CA SER H 88 -4.95 -22.80 -20.07
C SER H 88 -6.25 -22.03 -20.20
N GLY H 89 -6.41 -21.05 -19.32
CA GLY H 89 -7.55 -20.15 -19.33
C GLY H 89 -8.83 -20.82 -18.85
N LYS H 90 -8.69 -21.91 -18.09
CA LYS H 90 -9.84 -22.68 -17.65
C LYS H 90 -9.85 -23.08 -16.20
N ILE H 91 -11.06 -23.27 -15.70
CA ILE H 91 -11.31 -23.85 -14.41
C ILE H 91 -11.51 -25.34 -14.56
N ILE H 92 -12.25 -25.74 -15.59
CA ILE H 92 -12.50 -27.15 -15.85
C ILE H 92 -11.96 -27.48 -17.25
N CYS H 93 -11.07 -28.50 -17.36
CA CYS H 93 -10.46 -28.95 -18.61
C CYS H 93 -10.58 -30.46 -18.77
N CYS H 94 -11.39 -30.86 -19.73
CA CYS H 94 -11.64 -32.26 -19.97
C CYS H 94 -10.63 -32.70 -21.03
N THR H 95 -9.85 -33.74 -20.73
CA THR H 95 -8.78 -34.18 -21.60
C THR H 95 -9.09 -35.52 -22.26
N ASN H 96 -8.18 -36.01 -23.09
CA ASN H 96 -8.38 -37.28 -23.77
C ASN H 96 -7.54 -38.39 -23.16
N VAL H 97 -7.12 -38.22 -21.92
CA VAL H 97 -6.38 -39.26 -21.26
C VAL H 97 -7.38 -39.99 -20.39
N PRO H 98 -7.61 -41.30 -20.57
CA PRO H 98 -8.56 -42.09 -19.85
C PRO H 98 -8.09 -42.31 -18.44
N TRP H 99 -9.02 -42.54 -17.55
CA TRP H 99 -8.76 -42.89 -16.19
C TRP H 99 -8.50 -44.37 -16.04
N ASN H 100 -7.49 -44.75 -15.28
CA ASN H 100 -7.28 -46.15 -15.04
C ASN H 100 -7.88 -46.56 -13.72
N ASP H 101 -8.39 -47.80 -13.66
CA ASP H 101 -8.93 -48.35 -12.42
C ASP H 101 -7.81 -48.61 -11.43
N SER H 102 -6.61 -48.71 -11.95
CA SER H 102 -5.41 -48.92 -11.16
C SER H 102 -5.08 -47.67 -10.36
N TRP H 103 -5.65 -46.52 -10.75
CA TRP H 103 -5.43 -45.29 -10.03
C TRP H 103 -6.52 -45.26 -8.98
N SER H 104 -7.74 -45.56 -9.41
CA SER H 104 -8.89 -45.64 -8.51
C SER H 104 -10.04 -46.43 -9.11
N ASN H 105 -10.33 -47.61 -8.56
CA ASN H 105 -11.39 -48.46 -9.10
C ASN H 105 -12.73 -48.12 -8.48
N LYS H 106 -13.22 -46.94 -8.82
CA LYS H 106 -14.46 -46.41 -8.27
C LYS H 106 -15.38 -45.89 -9.36
N THR H 107 -16.67 -45.81 -9.04
CA THR H 107 -17.69 -45.29 -9.93
C THR H 107 -17.70 -43.77 -9.91
N ILE H 108 -18.01 -43.15 -11.05
CA ILE H 108 -18.01 -41.69 -11.13
C ILE H 108 -18.97 -41.09 -10.14
N ASN H 109 -20.14 -41.66 -9.98
CA ASN H 109 -21.07 -41.10 -9.02
C ASN H 109 -20.54 -41.26 -7.60
N GLU H 110 -19.80 -42.33 -7.32
CA GLU H 110 -19.29 -42.48 -5.98
C GLU H 110 -18.24 -41.42 -5.71
N ILE H 111 -17.43 -41.16 -6.71
CA ILE H 111 -16.36 -40.20 -6.61
C ILE H 111 -16.87 -38.78 -6.41
N TRP H 112 -17.83 -38.37 -7.22
CA TRP H 112 -18.33 -37.02 -7.11
C TRP H 112 -19.36 -36.78 -6.01
N ASP H 113 -20.18 -37.77 -5.68
CA ASP H 113 -21.20 -37.54 -4.67
C ASP H 113 -20.85 -37.97 -3.24
N ASN H 114 -19.99 -38.98 -3.05
CA ASN H 114 -19.73 -39.45 -1.69
C ASN H 114 -18.36 -39.04 -1.15
N MET H 115 -17.66 -38.17 -1.87
CA MET H 115 -16.33 -37.72 -1.48
C MET H 115 -16.15 -36.24 -1.69
N THR H 116 -15.31 -35.65 -0.86
CA THR H 116 -14.93 -34.25 -0.95
C THR H 116 -13.60 -34.16 -1.66
N TRP H 117 -13.20 -32.97 -2.14
CA TRP H 117 -11.91 -32.84 -2.81
C TRP H 117 -10.78 -33.13 -1.86
N MET H 118 -11.02 -32.85 -0.59
CA MET H 118 -10.03 -33.07 0.43
C MET H 118 -9.68 -34.53 0.57
N GLN H 119 -10.63 -35.43 0.34
CA GLN H 119 -10.32 -36.83 0.47
C GLN H 119 -9.80 -37.35 -0.85
N TRP H 120 -10.43 -36.91 -1.92
CA TRP H 120 -10.11 -37.39 -3.23
C TRP H 120 -8.66 -37.20 -3.58
N GLU H 121 -8.14 -36.00 -3.30
CA GLU H 121 -6.77 -35.70 -3.65
C GLU H 121 -5.76 -36.32 -2.71
N LYS H 122 -6.22 -37.05 -1.71
CA LYS H 122 -5.29 -37.72 -0.85
C LYS H 122 -5.25 -39.18 -1.28
N GLU H 123 -6.41 -39.75 -1.60
CA GLU H 123 -6.46 -41.15 -1.97
C GLU H 123 -5.67 -41.46 -3.23
N ILE H 124 -5.61 -40.52 -4.17
CA ILE H 124 -4.86 -40.73 -5.40
C ILE H 124 -3.64 -39.82 -5.49
N ASP H 125 -3.12 -39.33 -4.36
CA ASP H 125 -1.99 -38.41 -4.42
C ASP H 125 -0.77 -39.07 -5.05
N ASN H 126 -0.63 -40.38 -4.89
CA ASN H 126 0.53 -41.07 -5.42
C ASN H 126 0.50 -41.31 -6.92
N TYR H 127 -0.54 -40.84 -7.59
CA TYR H 127 -0.60 -40.95 -9.04
C TYR H 127 -0.56 -39.57 -9.67
N THR H 128 -0.44 -38.52 -8.85
CA THR H 128 -0.51 -37.18 -9.41
C THR H 128 0.60 -36.87 -10.39
N GLN H 129 1.82 -37.24 -10.06
CA GLN H 129 2.92 -36.92 -10.95
C GLN H 129 2.82 -37.73 -12.23
N HIS H 130 2.31 -38.95 -12.11
CA HIS H 130 2.15 -39.84 -13.23
C HIS H 130 1.14 -39.29 -14.22
N ILE H 131 -0.01 -38.88 -13.69
CA ILE H 131 -1.07 -38.40 -14.54
C ILE H 131 -0.63 -37.12 -15.21
N TYR H 132 0.01 -36.22 -14.46
CA TYR H 132 0.45 -34.98 -15.05
C TYR H 132 1.37 -35.24 -16.23
N THR H 133 2.26 -36.22 -16.08
CA THR H 133 3.16 -36.56 -17.17
C THR H 133 2.36 -37.05 -18.37
N LEU H 134 1.36 -37.89 -18.15
CA LEU H 134 0.59 -38.40 -19.27
C LEU H 134 -0.14 -37.27 -19.98
N LEU H 135 -0.61 -36.29 -19.23
CA LEU H 135 -1.32 -35.20 -19.86
C LEU H 135 -0.42 -34.40 -20.76
N GLU H 136 0.82 -34.16 -20.36
CA GLU H 136 1.74 -33.45 -21.24
C GLU H 136 1.99 -34.22 -22.51
N VAL H 137 2.18 -35.52 -22.37
CA VAL H 137 2.49 -36.31 -23.54
C VAL H 137 1.34 -36.29 -24.50
N SER H 138 0.14 -36.43 -23.98
CA SER H 138 -1.01 -36.41 -24.84
C SER H 138 -1.13 -35.09 -25.55
N GLN H 139 -0.92 -33.97 -24.86
CA GLN H 139 -1.06 -32.69 -25.51
C GLN H 139 -0.05 -32.54 -26.62
N ILE H 140 1.15 -33.05 -26.41
CA ILE H 140 2.16 -32.95 -27.45
C ILE H 140 1.72 -33.75 -28.66
N GLN H 141 1.23 -34.96 -28.45
CA GLN H 141 0.79 -35.77 -29.57
C GLN H 141 -0.36 -35.13 -30.32
N GLN H 142 -1.27 -34.50 -29.61
CA GLN H 142 -2.40 -33.88 -30.27
C GLN H 142 -1.92 -32.74 -31.16
N GLU H 143 -0.98 -31.95 -30.67
CA GLU H 143 -0.47 -30.84 -31.45
C GLU H 143 0.25 -31.37 -32.66
N LYS H 144 0.97 -32.46 -32.48
CA LYS H 144 1.70 -33.05 -33.58
C LYS H 144 0.79 -33.41 -34.73
N ASN H 145 -0.39 -33.97 -34.44
CA ASN H 145 -1.29 -34.36 -35.54
C ASN H 145 -2.13 -33.19 -36.03
N GLU H 146 -2.43 -32.23 -35.17
CA GLU H 146 -3.24 -31.08 -35.56
C GLU H 146 -2.47 -30.27 -36.58
N GLN H 147 -1.15 -30.28 -36.44
CA GLN H 147 -0.26 -29.56 -37.33
C GLN H 147 0.12 -30.26 -38.66
N GLU H 148 -0.46 -31.45 -38.97
CA GLU H 148 -0.25 -32.22 -40.22
C GLU H 148 -1.30 -31.83 -41.28
N LYS I 21 24.93 -54.80 21.68
CA LYS I 21 24.62 -54.04 22.87
C LYS I 21 25.93 -53.46 23.41
N LYS I 22 25.82 -52.38 24.24
CA LYS I 22 26.98 -51.75 24.91
C LYS I 22 27.01 -52.26 26.33
N VAL I 23 27.89 -53.22 26.61
CA VAL I 23 27.88 -53.88 27.90
C VAL I 23 29.20 -53.71 28.64
N VAL I 24 29.12 -53.25 29.89
CA VAL I 24 30.31 -53.05 30.70
C VAL I 24 30.18 -53.74 32.05
N LEU I 25 31.32 -54.03 32.68
CA LEU I 25 31.39 -54.64 34.00
C LEU I 25 31.92 -53.70 35.06
N GLY I 26 31.25 -53.63 36.21
CA GLY I 26 31.76 -52.80 37.30
C GLY I 26 31.95 -53.63 38.56
N LYS I 27 32.41 -52.96 39.62
CA LYS I 27 32.64 -53.58 40.92
C LYS I 27 31.91 -52.83 42.01
N LYS I 28 31.52 -53.53 43.07
CA LYS I 28 30.83 -52.82 44.13
C LYS I 28 31.66 -51.64 44.64
N GLY I 29 31.01 -50.48 44.72
CA GLY I 29 31.56 -49.23 45.20
C GLY I 29 32.10 -48.28 44.12
N ASP I 30 32.27 -48.73 42.88
CA ASP I 30 32.82 -47.82 41.87
C ASP I 30 31.77 -47.00 41.12
N THR I 31 32.26 -46.20 40.17
CA THR I 31 31.40 -45.35 39.37
C THR I 31 31.52 -45.74 37.93
N VAL I 32 30.37 -45.92 37.30
CA VAL I 32 30.33 -46.32 35.90
C VAL I 32 29.49 -45.41 35.06
N GLU I 33 29.72 -45.45 33.75
CA GLU I 33 28.92 -44.70 32.83
C GLU I 33 28.46 -45.52 31.63
N LEU I 34 27.17 -45.44 31.37
CA LEU I 34 26.52 -46.07 30.22
C LEU I 34 26.12 -44.93 29.30
N THR I 35 26.15 -45.11 27.98
CA THR I 35 25.75 -43.96 27.18
C THR I 35 24.71 -44.23 26.10
N CYS I 36 23.88 -43.20 25.82
CA CYS I 36 22.90 -43.11 24.74
C CYS I 36 23.34 -41.96 23.84
N THR I 37 23.08 -42.05 22.54
CA THR I 37 23.44 -40.94 21.66
C THR I 37 22.38 -40.58 20.65
N ALA I 38 22.54 -39.41 20.04
CA ALA I 38 21.70 -38.93 18.92
C ALA I 38 22.61 -38.44 17.83
N SER I 39 22.42 -38.93 16.62
CA SER I 39 23.28 -38.57 15.49
C SER I 39 23.09 -37.15 15.01
N GLN I 40 22.00 -36.50 15.43
CA GLN I 40 21.74 -35.15 14.98
C GLN I 40 22.46 -34.10 15.83
N LYS I 41 22.97 -34.49 17.01
CA LYS I 41 23.63 -33.55 17.92
C LYS I 41 22.76 -32.32 18.25
N LYS I 42 21.48 -32.56 18.50
CA LYS I 42 20.50 -31.51 18.82
C LYS I 42 19.94 -31.54 20.24
N SER I 43 20.63 -32.22 21.15
CA SER I 43 20.17 -32.33 22.54
C SER I 43 18.76 -32.82 22.60
N ILE I 44 18.49 -33.86 21.85
CA ILE I 44 17.18 -34.42 21.77
C ILE I 44 16.81 -35.02 23.09
N GLN I 45 15.61 -34.68 23.53
CA GLN I 45 15.13 -35.13 24.81
C GLN I 45 15.28 -36.59 24.96
N PHE I 46 15.81 -36.97 26.10
CA PHE I 46 16.05 -38.34 26.39
C PHE I 46 15.68 -38.75 27.78
N HIS I 47 15.49 -40.05 27.92
CA HIS I 47 15.23 -40.64 29.20
C HIS I 47 16.02 -41.95 29.35
N TRP I 48 16.33 -42.27 30.60
CA TRP I 48 16.93 -43.56 30.94
C TRP I 48 15.98 -44.34 31.82
N LYS I 49 15.72 -45.60 31.46
CA LYS I 49 14.86 -46.45 32.27
C LYS I 49 15.47 -47.85 32.47
N ASN I 50 15.20 -48.47 33.62
CA ASN I 50 15.72 -49.83 33.85
C ASN I 50 14.78 -50.92 33.29
N SER I 51 15.07 -52.19 33.62
CA SER I 51 14.31 -53.32 33.08
C SER I 51 12.85 -53.40 33.52
N ASN I 52 12.47 -52.66 34.56
CA ASN I 52 11.10 -52.65 35.05
C ASN I 52 10.48 -51.31 34.77
N GLN I 53 11.04 -50.62 33.78
CA GLN I 53 10.59 -49.34 33.31
C GLN I 53 10.55 -48.31 34.40
N ILE I 54 11.57 -48.31 35.24
CA ILE I 54 11.67 -47.34 36.30
C ILE I 54 12.56 -46.22 35.84
N LYS I 55 12.05 -45.01 35.92
CA LYS I 55 12.77 -43.84 35.46
C LYS I 55 13.98 -43.58 36.34
N ILE I 56 15.12 -43.39 35.70
CA ILE I 56 16.38 -43.17 36.39
C ILE I 56 16.82 -41.73 36.29
N LEU I 57 16.87 -41.27 35.05
CA LEU I 57 17.29 -39.93 34.64
C LEU I 57 16.60 -39.57 33.36
N GLY I 58 16.77 -38.32 32.98
CA GLY I 58 16.30 -37.78 31.73
C GLY I 58 16.51 -36.30 31.78
N ASN I 59 16.29 -35.65 30.68
CA ASN I 59 16.45 -34.22 30.65
C ASN I 59 15.15 -33.56 30.35
N GLN I 60 15.11 -32.30 30.67
CA GLN I 60 14.03 -31.43 30.29
C GLN I 60 14.70 -30.23 29.68
N GLY I 61 14.96 -30.34 28.39
CA GLY I 61 15.77 -29.35 27.72
C GLY I 61 17.19 -29.42 28.28
N SER I 62 17.70 -28.30 28.72
CA SER I 62 19.03 -28.19 29.28
C SER I 62 19.14 -28.67 30.72
N PHE I 63 18.00 -28.91 31.38
CA PHE I 63 18.04 -29.24 32.81
C PHE I 63 18.07 -30.76 33.06
N LEU I 64 18.74 -31.18 34.13
CA LEU I 64 18.80 -32.61 34.49
C LEU I 64 17.82 -33.03 35.58
N THR I 65 16.96 -34.00 35.27
CA THR I 65 15.99 -34.49 36.24
C THR I 65 16.53 -35.74 36.88
N LYS I 66 15.92 -36.13 37.99
CA LYS I 66 16.25 -37.41 38.59
C LYS I 66 14.97 -38.22 38.58
N GLY I 67 15.06 -39.53 38.46
CA GLY I 67 13.83 -40.29 38.51
C GLY I 67 13.52 -40.59 39.96
N PRO I 68 12.24 -40.73 40.35
CA PRO I 68 11.79 -41.01 41.72
C PRO I 68 11.96 -42.48 42.04
N SER I 69 13.21 -42.92 42.08
CA SER I 69 13.56 -44.30 42.22
C SER I 69 14.79 -44.50 43.08
N LYS I 70 15.19 -45.75 43.22
CA LYS I 70 16.35 -46.13 44.01
C LYS I 70 17.65 -45.55 43.43
N LEU I 71 17.61 -45.14 42.15
CA LEU I 71 18.78 -44.57 41.49
C LEU I 71 18.69 -43.05 41.39
N ASN I 72 17.79 -42.44 42.16
CA ASN I 72 17.63 -40.99 42.20
C ASN I 72 18.93 -40.35 42.67
N ASP I 73 19.44 -40.89 43.78
CA ASP I 73 20.66 -40.43 44.38
C ASP I 73 21.85 -41.05 43.66
N ARG I 74 23.00 -40.41 43.84
CA ARG I 74 24.26 -40.89 43.31
C ARG I 74 24.17 -41.04 41.80
N ALA I 75 23.48 -40.12 41.15
CA ALA I 75 23.36 -40.21 39.71
C ALA I 75 23.66 -38.88 39.08
N ASP I 76 24.27 -38.93 37.91
CA ASP I 76 24.67 -37.74 37.21
C ASP I 76 24.71 -37.92 35.70
N SER I 77 25.04 -36.85 35.00
CA SER I 77 25.18 -36.90 33.55
C SER I 77 26.12 -35.78 33.12
N ARG I 78 27.03 -36.05 32.18
CA ARG I 78 27.91 -34.99 31.71
C ARG I 78 27.16 -34.13 30.72
N ARG I 79 26.36 -33.23 31.28
CA ARG I 79 25.41 -32.41 30.54
C ARG I 79 26.02 -31.53 29.48
N SER I 80 27.29 -31.19 29.62
CA SER I 80 27.94 -30.35 28.63
C SER I 80 28.03 -31.06 27.29
N LEU I 81 27.87 -32.38 27.29
CA LEU I 81 27.95 -33.16 26.08
C LEU I 81 26.58 -33.39 25.46
N TRP I 82 25.51 -32.92 26.09
CA TRP I 82 24.18 -33.18 25.52
C TRP I 82 24.06 -32.45 24.20
N ASP I 83 24.75 -31.31 24.11
CA ASP I 83 24.71 -30.44 22.93
C ASP I 83 25.62 -31.01 21.84
N GLN I 84 26.31 -32.12 22.16
CA GLN I 84 27.19 -32.82 21.25
C GLN I 84 26.57 -34.16 20.85
N GLY I 85 25.33 -34.43 21.31
CA GLY I 85 24.62 -35.68 21.02
C GLY I 85 24.94 -36.86 21.95
N ASN I 86 25.54 -36.60 23.12
CA ASN I 86 25.91 -37.67 24.05
C ASN I 86 25.15 -37.51 25.35
N PHE I 87 24.36 -38.52 25.71
CA PHE I 87 23.49 -38.47 26.86
C PHE I 87 23.79 -39.62 27.85
N PRO I 88 24.87 -39.52 28.64
CA PRO I 88 25.34 -40.52 29.59
C PRO I 88 24.52 -40.66 30.86
N LEU I 89 24.57 -41.86 31.41
CA LEU I 89 24.06 -42.22 32.74
C LEU I 89 25.18 -42.60 33.65
N ILE I 90 25.40 -41.79 34.67
CA ILE I 90 26.49 -42.05 35.58
C ILE I 90 25.94 -42.48 36.91
N ILE I 91 26.34 -43.67 37.36
CA ILE I 91 25.87 -44.17 38.65
C ILE I 91 27.07 -44.36 39.55
N LYS I 92 27.02 -43.70 40.70
CA LYS I 92 28.11 -43.69 41.65
C LYS I 92 27.86 -44.70 42.78
N ASN I 93 28.94 -45.16 43.41
CA ASN I 93 28.89 -46.09 44.55
C ASN I 93 28.01 -47.30 44.25
N LEU I 94 28.29 -48.01 43.17
CA LEU I 94 27.42 -49.12 42.79
C LEU I 94 27.28 -50.26 43.77
N LYS I 95 26.05 -50.75 43.87
CA LYS I 95 25.75 -51.94 44.64
C LYS I 95 25.50 -53.07 43.65
N ILE I 96 25.55 -54.32 44.08
CA ILE I 96 25.29 -55.40 43.14
C ILE I 96 23.86 -55.34 42.60
N GLU I 97 22.95 -54.82 43.38
CA GLU I 97 21.55 -54.65 43.02
C GLU I 97 21.35 -53.63 41.88
N ASP I 98 22.36 -52.81 41.60
CA ASP I 98 22.29 -51.79 40.57
C ASP I 98 22.72 -52.33 39.20
N SER I 99 23.23 -53.58 39.14
CA SER I 99 23.76 -54.13 37.87
C SER I 99 22.66 -54.71 36.97
N ASP I 100 21.80 -53.81 36.50
CA ASP I 100 20.68 -54.12 35.60
C ASP I 100 20.99 -53.74 34.16
N THR I 101 20.01 -54.01 33.28
CA THR I 101 20.13 -53.55 31.91
C THR I 101 19.44 -52.21 31.89
N TYR I 102 19.75 -51.41 30.88
CA TYR I 102 19.09 -50.13 30.76
C TYR I 102 18.66 -49.84 29.34
N ILE I 103 17.55 -49.15 29.22
CA ILE I 103 17.06 -48.76 27.92
C ILE I 103 17.17 -47.25 27.70
N CYS I 104 17.74 -46.89 26.54
CA CYS I 104 17.90 -45.54 26.04
C CYS I 104 16.62 -45.09 25.40
N GLU I 105 16.17 -43.91 25.74
CA GLU I 105 15.02 -43.38 25.07
C GLU I 105 15.43 -42.10 24.42
N VAL I 106 15.96 -42.18 23.21
CA VAL I 106 16.42 -41.02 22.48
C VAL I 106 15.77 -41.15 21.12
N GLU I 107 15.03 -40.15 20.65
CA GLU I 107 14.36 -40.32 19.37
C GLU I 107 13.57 -41.64 19.44
N ASP I 108 13.70 -42.49 18.41
CA ASP I 108 13.06 -43.80 18.39
C ASP I 108 14.11 -44.89 18.59
N GLN I 109 15.28 -44.48 19.00
CA GLN I 109 16.40 -45.39 19.16
C GLN I 109 16.40 -46.04 20.51
N LYS I 110 15.53 -47.02 20.67
CA LYS I 110 15.38 -47.70 21.95
C LYS I 110 16.46 -48.76 22.14
N GLU I 111 17.67 -48.27 22.28
CA GLU I 111 18.91 -49.04 22.40
C GLU I 111 19.12 -49.60 23.79
N GLU I 112 19.65 -50.83 23.84
CA GLU I 112 19.96 -51.44 25.12
C GLU I 112 21.45 -51.42 25.44
N VAL I 113 21.72 -51.05 26.67
CA VAL I 113 23.06 -51.03 27.19
C VAL I 113 22.98 -51.83 28.49
N GLN I 114 24.09 -52.35 29.00
CA GLN I 114 24.03 -53.12 30.24
C GLN I 114 25.18 -52.97 31.20
N LEU I 115 24.83 -52.98 32.48
CA LEU I 115 25.84 -53.00 33.52
C LEU I 115 25.86 -54.40 34.16
N LEU I 116 27.05 -55.01 34.26
CA LEU I 116 27.26 -56.33 34.88
C LEU I 116 27.75 -56.11 36.31
#